data_1W6S
#
_entry.id   1W6S
#
_cell.length_a   62.900
_cell.length_b   73.620
_cell.length_c   88.080
_cell.angle_alpha   86.09
_cell.angle_beta   104.11
_cell.angle_gamma   109.68
#
_symmetry.space_group_name_H-M   'P 1'
#
loop_
_entity.id
_entity.type
_entity.pdbx_description
1 polymer 'METHANOL DEHYDROGENASE SUBUNIT 1'
2 polymer 'METHANOL DEHYDROGENASE SUBUNIT 2'
3 non-polymer 'PYRROLOQUINOLINE QUINONE'
4 non-polymer GLYCEROL
5 non-polymer 'CALCIUM ION'
6 water water
#
loop_
_entity_poly.entity_id
_entity_poly.type
_entity_poly.pdbx_seq_one_letter_code
_entity_poly.pdbx_strand_id
1 'polypeptide(L)'
;NDKLVELSKSDDNWVMPGKNYDSNNFSDLKQINKGNVKQLRPAWTFSTGLLNGHEGAPLVVDGKMYIHTSFPNNTFALGL
DDPGTILWQDKPKQNPAARAVACCDLVNRGLAYWPGDGKTPALILKTQLDGNVAALNAETGETVWKVENSDIKVGSTLTI
APYVVKDKVIIGSSGAELGVRGYLTAYDVKTGEQVWRAYATGPDKDLLLASDFNIKNPHYGQKGLGTGTWEGDAWKIGGG
TNWGWYAYDPGTNLIYFGTGNPAPWNETMRPGDNKWTMTIFGRDADTGEAKFGYQKTPHDEWDYAGVNVMMLSEQKDKDG
KARKLLTHPDRNGIVYTLDRTDGALVSANKLDDTVNVFKSVDLKTGQPVRDPEYGTRMDHLAKDICPSAMGYHNQGHDSY
DPKRELFFMGINHICMDWEPFMLPYKAGQFFVGATLNMYPGPKGDRQNYEGLGQIKAYNAITGDYKWEKMERFAVWGGTM
ATAGDLVFYGTLDGYLKARDSDTGDLLWKFKIPSGAIGYPMTYTHKGTQYVAIYYGVGGWPGVGLVFDLADPTAGLGAVG
AFKKLANYTQMGGGVVVFSLDGKGPYDDPNVGEWKSAAK
;
A,C
2 'polypeptide(L)' YDGTKCKAAGNCWEPKPGFPEKIAGSKYDPKHDPKELNKQADSIKQMEERNKKRVENFKKTGKFEYDVAKISAN B,D
#
loop_
_chem_comp.id
_chem_comp.type
_chem_comp.name
_chem_comp.formula
CA non-polymer 'CALCIUM ION' 'Ca 2'
GOL non-polymer GLYCEROL 'C3 H8 O3'
PQQ non-polymer 'PYRROLOQUINOLINE QUINONE' 'C14 H6 N2 O8'
#
# COMPACT_ATOMS: atom_id res chain seq x y z
N ASN A 1 -0.95 -5.95 36.76
CA ASN A 1 -0.49 -7.34 36.64
C ASN A 1 1.01 -7.47 37.00
N ASP A 2 1.36 -8.23 38.07
CA ASP A 2 2.73 -8.43 38.56
C ASP A 2 3.62 -9.13 37.52
N LYS A 3 3.12 -10.10 36.76
CA LYS A 3 3.95 -10.76 35.71
C LYS A 3 4.24 -9.80 34.55
N LEU A 4 3.30 -8.89 34.15
CA LEU A 4 3.65 -7.85 33.18
C LEU A 4 4.72 -6.89 33.71
N VAL A 5 4.71 -6.49 34.97
CA VAL A 5 5.79 -5.65 35.56
C VAL A 5 7.15 -6.32 35.35
N GLU A 6 7.27 -7.61 35.69
CA GLU A 6 8.53 -8.38 35.54
C GLU A 6 8.97 -8.54 34.09
N LEU A 7 8.09 -8.89 33.17
CA LEU A 7 8.45 -8.97 31.74
C LEU A 7 8.92 -7.63 31.20
N SER A 8 8.38 -6.51 31.68
CA SER A 8 8.81 -5.21 31.12
C SER A 8 10.23 -4.85 31.53
N LYS A 9 10.80 -5.46 32.57
CA LYS A 9 12.18 -5.20 33.00
C LYS A 9 13.21 -5.81 32.06
N SER A 10 12.84 -6.69 31.14
CA SER A 10 13.82 -7.23 30.17
C SER A 10 13.91 -6.40 28.90
N ASP A 11 15.13 -6.09 28.43
CA ASP A 11 15.30 -5.34 27.19
C ASP A 11 14.97 -6.15 25.93
N ASP A 12 14.76 -7.47 26.04
CA ASP A 12 14.32 -8.30 24.92
C ASP A 12 12.81 -8.15 24.62
N ASN A 13 12.00 -7.49 25.50
CA ASN A 13 10.55 -7.33 25.34
C ASN A 13 10.02 -5.89 25.20
N TRP A 14 8.83 -5.74 24.56
CA TRP A 14 8.01 -4.48 24.58
C TRP A 14 6.55 -4.94 24.74
N VAL A 15 6.01 -4.89 25.98
CA VAL A 15 4.83 -5.74 26.31
C VAL A 15 3.47 -5.01 26.39
N MET A 16 3.42 -3.67 26.26
CA MET A 16 2.15 -2.94 26.42
C MET A 16 2.22 -1.61 25.64
N PRO A 17 1.07 -0.96 25.29
CA PRO A 17 1.16 0.43 24.76
C PRO A 17 1.90 1.34 25.77
N GLY A 18 2.89 2.15 25.30
CA GLY A 18 3.70 2.97 26.20
C GLY A 18 4.84 2.32 26.98
N LYS A 19 5.20 1.04 26.73
CA LYS A 19 6.34 0.25 27.24
C LYS A 19 6.14 -0.31 28.67
N ASN A 20 5.69 0.55 29.61
CA ASN A 20 5.63 0.23 31.05
C ASN A 20 4.46 1.03 31.69
N TYR A 21 4.06 0.69 32.92
CA TYR A 21 2.87 1.34 33.55
C TYR A 21 3.10 2.82 33.85
N ASP A 22 4.34 3.35 33.96
CA ASP A 22 4.59 4.81 34.05
C ASP A 22 4.30 5.50 32.70
N SER A 23 4.27 4.75 31.60
CA SER A 23 4.00 5.26 30.21
C SER A 23 5.11 6.20 29.77
N ASN A 24 6.41 5.90 30.10
CA ASN A 24 7.52 6.87 29.75
C ASN A 24 8.16 6.59 28.39
N ASN A 25 7.90 5.54 27.62
CA ASN A 25 8.54 5.27 26.32
C ASN A 25 10.07 5.39 26.39
N PHE A 26 10.74 4.96 27.49
CA PHE A 26 12.18 5.16 27.74
C PHE A 26 12.92 3.82 27.85
N SER A 27 14.02 3.66 27.07
CA SER A 27 14.89 2.45 27.12
C SER A 27 16.28 2.67 27.75
N ASP A 28 16.71 1.78 28.67
CA ASP A 28 18.08 1.82 29.22
C ASP A 28 19.14 1.33 28.23
N LEU A 29 18.80 0.89 27.01
CA LEU A 29 19.82 0.40 26.03
C LEU A 29 20.72 1.51 25.52
N LYS A 30 22.03 1.25 25.34
CA LYS A 30 22.94 2.31 24.82
C LYS A 30 23.87 1.78 23.73
N GLN A 31 23.55 0.61 23.14
CA GLN A 31 24.36 0.10 22.00
C GLN A 31 24.36 1.11 20.83
N ILE A 32 23.18 1.61 20.46
CA ILE A 32 22.97 2.72 19.52
C ILE A 32 23.04 4.04 20.32
N ASN A 33 23.95 4.99 19.99
CA ASN A 33 24.16 6.19 20.81
C ASN A 33 24.60 7.40 19.96
N LYS A 34 24.73 8.59 20.56
CA LYS A 34 25.04 9.85 19.84
C LYS A 34 26.39 9.75 19.13
N GLY A 35 27.28 8.84 19.53
CA GLY A 35 28.60 8.68 18.91
C GLY A 35 28.61 7.80 17.67
N ASN A 36 27.63 6.92 17.47
CA ASN A 36 27.61 6.01 16.31
C ASN A 36 26.32 5.99 15.49
N VAL A 37 25.36 6.88 15.70
CA VAL A 37 24.04 6.76 15.07
C VAL A 37 24.14 6.95 13.55
N LYS A 38 25.22 7.57 13.01
CA LYS A 38 25.34 7.64 11.54
C LYS A 38 25.35 6.27 10.89
N GLN A 39 25.72 5.20 11.64
CA GLN A 39 25.76 3.84 11.11
C GLN A 39 24.39 3.13 11.06
N LEU A 40 23.32 3.75 11.59
CA LEU A 40 21.96 3.13 11.59
C LEU A 40 21.38 2.99 10.20
N ARG A 41 20.90 1.78 9.80
CA ARG A 41 20.31 1.54 8.46
C ARG A 41 19.33 0.35 8.47
N PRO A 42 18.40 0.22 7.51
CA PRO A 42 17.43 -0.89 7.57
C PRO A 42 18.04 -2.30 7.54
N ALA A 43 17.41 -3.16 8.35
CA ALA A 43 17.71 -4.59 8.49
C ALA A 43 16.66 -5.50 7.81
N TRP A 44 15.35 -5.16 7.88
CA TRP A 44 14.27 -5.93 7.22
C TRP A 44 12.97 -5.08 7.19
N THR A 45 11.98 -5.43 6.35
CA THR A 45 10.69 -4.70 6.19
C THR A 45 9.48 -5.64 6.01
N PHE A 46 8.23 -5.18 6.20
CA PHE A 46 6.95 -5.96 6.04
C PHE A 46 5.76 -5.07 5.63
N SER A 47 5.14 -5.29 4.48
CA SER A 47 3.87 -4.61 4.11
C SER A 47 2.60 -5.21 4.71
N THR A 48 1.63 -4.44 5.22
CA THR A 48 0.39 -4.96 5.81
C THR A 48 -0.71 -5.33 4.78
N GLY A 49 -0.59 -4.92 3.50
CA GLY A 49 -1.64 -5.24 2.49
C GLY A 49 -2.76 -4.19 2.41
N LEU A 50 -2.73 -3.12 3.22
CA LEU A 50 -3.82 -2.12 3.35
C LEU A 50 -3.26 -0.70 3.20
N LEU A 51 -4.13 0.30 2.83
CA LEU A 51 -3.79 1.73 2.76
C LEU A 51 -4.45 2.42 3.97
N ASN A 52 -4.70 3.73 3.98
CA ASN A 52 -5.21 4.55 5.09
C ASN A 52 -4.20 4.62 6.24
N GLY A 53 -4.48 5.38 7.30
CA GLY A 53 -3.49 5.65 8.37
C GLY A 53 -3.12 4.46 9.27
N HIS A 54 -1.81 4.31 9.58
CA HIS A 54 -1.27 3.24 10.47
C HIS A 54 -0.74 3.80 11.80
N GLU A 55 -1.58 3.84 12.85
CA GLU A 55 -1.26 4.45 14.16
C GLU A 55 -0.74 3.42 15.16
N GLY A 56 -0.35 3.89 16.40
CA GLY A 56 0.29 2.97 17.38
C GLY A 56 1.71 2.45 17.03
N ALA A 57 2.11 1.29 17.58
CA ALA A 57 3.39 0.61 17.35
C ALA A 57 3.26 -0.91 17.59
N PRO A 58 4.13 -1.76 17.04
CA PRO A 58 4.08 -3.22 17.34
C PRO A 58 4.42 -3.59 18.78
N LEU A 59 4.02 -4.83 19.21
CA LEU A 59 4.45 -5.48 20.45
C LEU A 59 5.55 -6.52 20.17
N VAL A 60 6.49 -6.79 21.08
CA VAL A 60 7.49 -7.90 21.02
C VAL A 60 7.46 -8.67 22.35
N VAL A 61 7.21 -10.00 22.35
CA VAL A 61 7.23 -10.86 23.54
C VAL A 61 7.75 -12.26 23.15
N ASP A 62 8.67 -12.87 23.90
CA ASP A 62 9.13 -14.23 23.69
C ASP A 62 9.65 -14.55 22.30
N GLY A 63 10.42 -13.66 21.69
CA GLY A 63 10.98 -13.95 20.36
C GLY A 63 10.07 -13.72 19.16
N LYS A 64 8.89 -13.08 19.33
CA LYS A 64 7.88 -12.85 18.28
C LYS A 64 7.47 -11.35 18.19
N MET A 65 7.15 -10.81 17.00
CA MET A 65 6.55 -9.46 16.80
C MET A 65 5.07 -9.59 16.43
N TYR A 66 4.19 -8.79 17.08
CA TYR A 66 2.72 -8.75 16.80
C TYR A 66 2.38 -7.41 16.11
N ILE A 67 1.80 -7.41 14.89
CA ILE A 67 1.48 -6.23 14.02
C ILE A 67 -0.02 -6.03 13.79
N HIS A 68 -0.54 -4.77 13.80
CA HIS A 68 -1.96 -4.42 13.60
C HIS A 68 -2.13 -3.35 12.51
N THR A 69 -3.34 -3.22 11.93
CA THR A 69 -3.60 -2.42 10.71
C THR A 69 -4.75 -1.41 10.83
N SER A 70 -5.01 -0.61 9.79
CA SER A 70 -6.26 0.15 9.58
C SER A 70 -7.47 -0.78 9.34
N PHE A 71 -8.69 -0.27 9.21
CA PHE A 71 -9.90 -1.07 8.84
C PHE A 71 -9.63 -1.98 7.64
N PRO A 72 -10.03 -3.26 7.57
CA PRO A 72 -10.83 -4.03 8.55
C PRO A 72 -10.15 -4.72 9.73
N ASN A 73 -9.01 -4.13 10.20
CA ASN A 73 -8.41 -4.47 11.53
C ASN A 73 -7.83 -5.89 11.57
N ASN A 74 -6.87 -6.17 10.66
CA ASN A 74 -6.18 -7.48 10.62
C ASN A 74 -5.04 -7.55 11.68
N THR A 75 -4.68 -8.78 12.14
CA THR A 75 -3.54 -9.03 13.05
C THR A 75 -2.55 -10.06 12.46
N PHE A 76 -1.22 -9.85 12.54
CA PHE A 76 -0.17 -10.79 12.05
C PHE A 76 0.83 -11.13 13.18
N ALA A 77 1.32 -12.37 13.27
CA ALA A 77 2.43 -12.78 14.18
C ALA A 77 3.67 -13.24 13.39
N LEU A 78 4.87 -12.71 13.62
CA LEU A 78 6.14 -13.02 12.93
C LEU A 78 7.20 -13.55 13.91
N GLY A 79 7.95 -14.65 13.62
CA GLY A 79 9.11 -15.13 14.35
C GLY A 79 10.38 -14.33 14.08
N LEU A 80 11.13 -13.82 15.07
CA LEU A 80 12.27 -12.89 14.81
C LEU A 80 13.46 -13.58 14.14
N ASP A 81 13.68 -14.90 14.25
CA ASP A 81 14.75 -15.59 13.48
C ASP A 81 14.45 -15.76 11.99
N ASP A 82 13.19 -15.55 11.50
CA ASP A 82 12.79 -15.76 10.09
C ASP A 82 11.50 -14.97 9.81
N PRO A 83 11.51 -13.64 9.79
CA PRO A 83 10.24 -12.87 9.68
C PRO A 83 9.56 -12.96 8.29
N GLY A 84 10.23 -13.58 7.29
CA GLY A 84 9.51 -13.87 6.01
C GLY A 84 8.40 -14.92 6.13
N THR A 85 8.39 -15.82 7.14
CA THR A 85 7.27 -16.73 7.38
C THR A 85 6.22 -16.10 8.31
N ILE A 86 4.95 -15.97 7.86
CA ILE A 86 3.84 -15.46 8.70
C ILE A 86 3.31 -16.63 9.58
N LEU A 87 3.50 -16.58 10.91
CA LEU A 87 3.11 -17.71 11.80
C LEU A 87 1.61 -17.92 11.82
N TRP A 88 0.80 -16.84 11.89
CA TRP A 88 -0.67 -16.83 11.90
C TRP A 88 -1.22 -15.43 11.51
N GLN A 89 -2.49 -15.41 11.03
CA GLN A 89 -3.20 -14.14 10.73
C GLN A 89 -4.67 -14.15 11.19
N ASP A 90 -5.26 -13.07 11.68
CA ASP A 90 -6.72 -12.90 11.96
C ASP A 90 -7.30 -11.84 11.00
N LYS A 91 -8.33 -12.17 10.20
CA LYS A 91 -8.94 -11.25 9.19
C LYS A 91 -10.45 -11.09 9.45
N PRO A 92 -10.92 -10.16 10.30
CA PRO A 92 -12.34 -10.00 10.64
C PRO A 92 -13.30 -9.69 9.48
N LYS A 93 -14.55 -10.22 9.53
CA LYS A 93 -15.63 -9.78 8.61
C LYS A 93 -16.50 -8.70 9.27
N GLN A 94 -16.60 -7.53 8.67
CA GLN A 94 -17.30 -6.37 9.28
C GLN A 94 -18.27 -5.69 8.30
N ASN A 95 -19.41 -5.11 8.74
CA ASN A 95 -20.33 -4.34 7.87
C ASN A 95 -19.65 -3.12 7.25
N PRO A 96 -19.60 -3.00 5.93
CA PRO A 96 -18.92 -1.85 5.31
C PRO A 96 -19.52 -0.52 5.74
N ALA A 97 -20.74 -0.50 6.29
CA ALA A 97 -21.34 0.76 6.76
C ALA A 97 -20.60 1.36 7.93
N ALA A 98 -19.76 0.59 8.63
CA ALA A 98 -18.97 1.23 9.70
C ALA A 98 -18.13 2.40 9.18
N ARG A 99 -17.72 2.38 7.91
CA ARG A 99 -16.82 3.43 7.39
C ARG A 99 -17.50 4.81 7.37
N ALA A 100 -18.81 4.83 7.16
CA ALA A 100 -19.54 6.09 6.98
C ALA A 100 -19.74 6.86 8.27
N VAL A 101 -19.63 6.29 9.47
CA VAL A 101 -19.76 7.01 10.74
C VAL A 101 -18.41 7.20 11.45
N ALA A 102 -17.26 6.98 10.80
CA ALA A 102 -15.92 7.37 11.28
C ALA A 102 -15.63 8.85 11.02
N CYS A 103 -15.32 9.71 12.00
CA CYS A 103 -15.05 11.13 11.75
C CYS A 103 -13.74 11.43 11.02
N CYS A 104 -12.67 10.68 11.23
CA CYS A 104 -11.30 11.15 11.15
C CYS A 104 -10.30 10.10 10.63
N ASP A 105 -10.68 9.33 9.62
CA ASP A 105 -9.99 8.21 8.95
C ASP A 105 -10.24 6.85 9.66
N LEU A 106 -9.87 5.76 8.98
CA LEU A 106 -10.17 4.39 9.42
C LEU A 106 -9.04 3.79 10.29
N VAL A 107 -8.54 4.54 11.30
CA VAL A 107 -7.35 4.21 12.12
C VAL A 107 -7.61 3.27 13.32
N ASN A 108 -6.53 2.68 13.89
CA ASN A 108 -6.56 1.91 15.15
C ASN A 108 -5.23 2.05 15.91
N ARG A 109 -5.25 2.27 17.25
CA ARG A 109 -4.04 2.64 18.04
C ARG A 109 -3.34 1.43 18.65
N GLY A 110 -3.78 0.16 18.49
CA GLY A 110 -2.90 -1.00 18.76
C GLY A 110 -3.38 -2.09 19.71
N LEU A 111 -2.44 -3.05 20.00
CA LEU A 111 -2.73 -4.27 20.76
C LEU A 111 -2.33 -4.27 22.23
N ALA A 112 -2.90 -5.10 23.09
CA ALA A 112 -2.39 -5.42 24.46
C ALA A 112 -2.13 -6.91 24.61
N TYR A 113 -1.44 -7.35 25.69
CA TYR A 113 -1.03 -8.74 25.97
C TYR A 113 -1.29 -9.13 27.44
N TRP A 114 -1.84 -10.33 27.70
CA TRP A 114 -2.01 -10.87 29.09
C TRP A 114 -1.26 -12.22 29.20
N PRO A 115 -0.37 -12.41 30.18
CA PRO A 115 0.59 -13.55 30.12
C PRO A 115 0.10 -14.95 30.47
N GLY A 116 -1.15 -15.18 30.83
CA GLY A 116 -1.65 -16.55 31.09
C GLY A 116 -1.61 -16.92 32.57
N ASP A 117 -2.35 -17.98 32.97
CA ASP A 117 -2.34 -18.44 34.35
C ASP A 117 -2.22 -19.95 34.52
N GLY A 118 -1.71 -20.69 33.53
CA GLY A 118 -1.65 -22.15 33.69
C GLY A 118 -2.94 -22.82 33.31
N LYS A 119 -4.09 -22.13 33.26
CA LYS A 119 -5.29 -22.82 32.79
C LYS A 119 -5.72 -22.19 31.47
N THR A 120 -5.93 -20.88 31.46
CA THR A 120 -6.17 -20.08 30.25
C THR A 120 -4.81 -19.78 29.64
N PRO A 121 -4.57 -19.93 28.34
CA PRO A 121 -3.27 -19.63 27.73
C PRO A 121 -3.00 -18.12 27.63
N ALA A 122 -1.79 -17.64 27.33
CA ALA A 122 -1.51 -16.21 27.07
C ALA A 122 -2.34 -15.65 25.90
N LEU A 123 -2.77 -14.37 25.98
CA LEU A 123 -3.72 -13.77 25.04
C LEU A 123 -3.26 -12.45 24.42
N ILE A 124 -3.64 -12.18 23.15
CA ILE A 124 -3.58 -10.88 22.46
C ILE A 124 -4.97 -10.25 22.48
N LEU A 125 -5.14 -9.00 22.91
CA LEU A 125 -6.44 -8.28 23.03
C LEU A 125 -6.52 -7.16 21.95
N LYS A 126 -7.67 -7.09 21.23
CA LYS A 126 -7.85 -6.12 20.12
C LYS A 126 -9.24 -5.47 20.09
N THR A 127 -9.38 -4.23 19.53
CA THR A 127 -10.64 -3.58 19.14
C THR A 127 -10.85 -3.60 17.61
N GLN A 128 -12.12 -3.45 17.17
CA GLN A 128 -12.57 -3.35 15.75
C GLN A 128 -13.40 -2.06 15.49
N LEU A 129 -13.33 -1.43 14.29
CA LEU A 129 -14.10 -0.18 14.06
C LEU A 129 -15.60 -0.40 14.29
N ASP A 130 -16.16 -1.58 13.97
CA ASP A 130 -17.59 -1.92 14.15
C ASP A 130 -18.02 -2.09 15.61
N GLY A 131 -17.14 -1.88 16.58
CA GLY A 131 -17.55 -1.89 17.97
C GLY A 131 -17.38 -3.19 18.77
N ASN A 132 -16.91 -4.28 18.17
CA ASN A 132 -16.57 -5.53 18.86
C ASN A 132 -15.17 -5.48 19.49
N VAL A 133 -15.00 -6.25 20.61
CA VAL A 133 -13.75 -6.48 21.33
C VAL A 133 -13.45 -7.99 21.31
N ALA A 134 -12.20 -8.42 20.99
CA ALA A 134 -11.86 -9.84 20.94
C ALA A 134 -10.56 -10.21 21.69
N ALA A 135 -10.54 -11.44 22.27
CA ALA A 135 -9.33 -12.08 22.81
C ALA A 135 -8.85 -13.21 21.90
N LEU A 136 -7.60 -13.21 21.42
CA LEU A 136 -6.98 -14.24 20.55
C LEU A 136 -5.91 -15.05 21.31
N ASN A 137 -5.86 -16.37 21.09
CA ASN A 137 -4.72 -17.21 21.59
C ASN A 137 -3.40 -16.68 21.02
N ALA A 138 -2.41 -16.33 21.86
CA ALA A 138 -1.17 -15.72 21.35
C ALA A 138 -0.29 -16.67 20.52
N GLU A 139 -0.38 -17.97 20.77
CA GLU A 139 0.42 -18.96 20.03
C GLU A 139 -0.22 -19.33 18.69
N THR A 140 -1.56 -19.46 18.60
CA THR A 140 -2.26 -19.96 17.40
C THR A 140 -3.12 -18.95 16.65
N GLY A 141 -3.53 -17.80 17.22
CA GLY A 141 -4.43 -16.86 16.54
C GLY A 141 -5.93 -17.16 16.64
N GLU A 142 -6.42 -18.31 17.12
CA GLU A 142 -7.85 -18.65 17.22
C GLU A 142 -8.59 -17.74 18.21
N THR A 143 -9.87 -17.41 17.95
CA THR A 143 -10.67 -16.56 18.84
C THR A 143 -11.07 -17.32 20.12
N VAL A 144 -10.74 -16.79 21.32
CA VAL A 144 -11.16 -17.36 22.62
C VAL A 144 -12.52 -16.79 23.04
N TRP A 145 -12.78 -15.48 22.94
CA TRP A 145 -14.10 -14.84 23.21
C TRP A 145 -14.24 -13.53 22.39
N LYS A 146 -15.45 -13.06 22.16
CA LYS A 146 -15.76 -11.83 21.40
C LYS A 146 -17.09 -11.22 21.91
N VAL A 147 -17.17 -9.92 22.22
CA VAL A 147 -18.39 -9.25 22.74
C VAL A 147 -18.67 -7.89 22.04
N GLU A 148 -19.93 -7.41 22.04
CA GLU A 148 -20.31 -6.11 21.49
C GLU A 148 -20.12 -4.97 22.51
N ASN A 149 -19.21 -3.98 22.32
CA ASN A 149 -19.12 -2.78 23.17
C ASN A 149 -19.89 -1.56 22.67
N SER A 150 -19.82 -1.27 21.37
CA SER A 150 -20.34 -0.04 20.73
C SER A 150 -21.22 -0.31 19.50
N ASP A 151 -22.28 0.52 19.23
CA ASP A 151 -23.27 0.28 18.12
C ASP A 151 -23.19 1.28 16.95
N ILE A 152 -22.78 0.85 15.73
CA ILE A 152 -22.63 1.81 14.60
C ILE A 152 -23.96 2.43 14.21
N LYS A 153 -25.11 1.81 14.53
CA LYS A 153 -26.42 2.35 14.11
C LYS A 153 -26.76 3.66 14.84
N VAL A 154 -26.17 3.98 15.99
CA VAL A 154 -26.29 5.31 16.60
C VAL A 154 -25.03 6.15 16.44
N GLY A 155 -24.08 5.79 15.57
CA GLY A 155 -22.89 6.65 15.38
C GLY A 155 -21.68 6.30 16.23
N SER A 156 -21.70 5.14 16.92
CA SER A 156 -20.65 4.79 17.91
C SER A 156 -19.65 3.74 17.37
N THR A 157 -18.35 4.00 17.36
CA THR A 157 -17.25 3.16 16.77
C THR A 157 -16.11 2.91 17.80
N LEU A 158 -15.10 2.07 17.49
CA LEU A 158 -13.85 1.99 18.28
C LEU A 158 -12.57 2.22 17.47
N THR A 159 -11.65 3.06 17.95
CA THR A 159 -10.28 3.24 17.42
C THR A 159 -9.22 3.08 18.52
N ILE A 160 -9.49 3.18 19.82
CA ILE A 160 -8.54 3.06 20.96
C ILE A 160 -7.92 1.66 21.11
N ALA A 161 -6.65 1.60 21.61
CA ALA A 161 -6.02 0.34 22.06
C ALA A 161 -6.59 -0.17 23.40
N PRO A 162 -6.82 -1.49 23.55
CA PRO A 162 -7.12 -2.06 24.90
C PRO A 162 -5.96 -1.86 25.90
N TYR A 163 -6.24 -2.02 27.22
CA TYR A 163 -5.18 -1.84 28.26
C TYR A 163 -5.39 -2.92 29.35
N VAL A 164 -4.35 -3.73 29.66
CA VAL A 164 -4.48 -4.83 30.67
C VAL A 164 -3.92 -4.44 32.03
N VAL A 165 -4.73 -4.57 33.11
CA VAL A 165 -4.38 -4.35 34.51
C VAL A 165 -4.85 -5.53 35.37
N LYS A 166 -4.02 -6.18 36.22
CA LYS A 166 -4.40 -7.40 36.95
C LYS A 166 -4.99 -8.42 35.98
N ASP A 167 -6.15 -9.03 36.26
CA ASP A 167 -6.78 -9.97 35.28
C ASP A 167 -8.02 -9.32 34.59
N LYS A 168 -7.91 -8.00 34.27
CA LYS A 168 -8.97 -7.19 33.61
C LYS A 168 -8.45 -6.51 32.33
N VAL A 169 -9.33 -6.24 31.35
CA VAL A 169 -9.01 -5.42 30.13
C VAL A 169 -9.96 -4.21 30.07
N ILE A 170 -9.42 -2.97 29.87
CA ILE A 170 -10.15 -1.69 29.89
C ILE A 170 -10.40 -1.21 28.45
N ILE A 171 -11.64 -0.88 28.07
CA ILE A 171 -12.06 -0.47 26.72
C ILE A 171 -12.77 0.90 26.72
N GLY A 172 -12.32 1.88 25.91
CA GLY A 172 -12.89 3.22 25.80
C GLY A 172 -14.01 3.42 24.74
N SER A 173 -14.11 4.57 24.06
CA SER A 173 -15.31 4.97 23.23
C SER A 173 -15.01 6.08 22.23
N SER A 174 -15.75 6.14 21.08
CA SER A 174 -15.63 7.16 20.03
C SER A 174 -17.03 7.55 19.48
N GLY A 175 -17.16 8.80 18.99
CA GLY A 175 -18.38 9.28 18.32
C GLY A 175 -18.95 10.61 18.86
N ALA A 176 -18.20 11.49 19.54
CA ALA A 176 -18.78 12.76 20.03
C ALA A 176 -19.22 13.64 18.84
N GLU A 177 -18.66 13.51 17.63
CA GLU A 177 -19.10 14.30 16.45
C GLU A 177 -20.48 13.85 15.96
N LEU A 178 -21.03 12.73 16.45
CA LEU A 178 -22.37 12.20 16.15
C LEU A 178 -23.23 12.20 17.42
N GLY A 179 -22.86 12.96 18.47
CA GLY A 179 -23.73 13.02 19.67
C GLY A 179 -23.66 11.80 20.59
N VAL A 180 -22.64 10.95 20.55
CA VAL A 180 -22.50 9.81 21.49
C VAL A 180 -22.07 10.25 22.91
N ARG A 181 -22.82 9.85 23.95
CA ARG A 181 -22.46 10.06 25.38
C ARG A 181 -21.33 9.08 25.79
N GLY A 182 -20.17 9.61 26.25
CA GLY A 182 -19.03 8.73 26.55
C GLY A 182 -19.16 7.76 27.70
N TYR A 183 -18.51 6.59 27.62
CA TYR A 183 -18.38 5.59 28.69
C TYR A 183 -17.09 4.76 28.51
N LEU A 184 -16.47 4.30 29.62
CA LEU A 184 -15.40 3.24 29.59
C LEU A 184 -15.85 2.00 30.40
N THR A 185 -15.32 0.82 30.05
CA THR A 185 -15.78 -0.52 30.49
C THR A 185 -14.58 -1.39 30.90
N ALA A 186 -14.68 -2.13 32.02
CA ALA A 186 -13.77 -3.23 32.41
C ALA A 186 -14.39 -4.62 32.19
N TYR A 187 -13.70 -5.51 31.48
CA TYR A 187 -14.08 -6.94 31.27
C TYR A 187 -13.10 -7.89 31.96
N ASP A 188 -13.60 -9.02 32.48
CA ASP A 188 -12.76 -10.17 32.93
C ASP A 188 -11.94 -10.69 31.75
N VAL A 189 -10.60 -10.65 31.77
CA VAL A 189 -9.75 -10.99 30.60
C VAL A 189 -9.85 -12.45 30.18
N LYS A 190 -10.33 -13.36 31.05
CA LYS A 190 -10.46 -14.79 30.76
C LYS A 190 -11.78 -15.15 30.06
N THR A 191 -12.87 -14.41 30.27
CA THR A 191 -14.23 -14.84 29.85
C THR A 191 -15.01 -13.82 29.03
N GLY A 192 -14.63 -12.51 29.07
CA GLY A 192 -15.48 -11.48 28.44
C GLY A 192 -16.57 -10.93 29.36
N GLU A 193 -16.76 -11.34 30.62
CA GLU A 193 -17.81 -10.81 31.50
C GLU A 193 -17.65 -9.32 31.82
N GLN A 194 -18.73 -8.53 31.74
CA GLN A 194 -18.68 -7.10 32.14
C GLN A 194 -18.59 -6.95 33.66
N VAL A 195 -17.52 -6.35 34.18
CA VAL A 195 -17.34 -6.08 35.62
C VAL A 195 -17.80 -4.70 36.08
N TRP A 196 -17.49 -3.61 35.38
CA TRP A 196 -17.96 -2.25 35.73
C TRP A 196 -18.01 -1.39 34.47
N ARG A 197 -18.86 -0.34 34.44
CA ARG A 197 -19.06 0.61 33.33
C ARG A 197 -19.32 2.02 33.87
N ALA A 198 -18.57 3.07 33.51
CA ALA A 198 -18.70 4.44 34.03
C ALA A 198 -18.95 5.49 32.93
N TYR A 199 -19.99 6.34 33.02
CA TYR A 199 -20.35 7.33 32.02
C TYR A 199 -19.73 8.71 32.30
N ALA A 200 -19.61 9.58 31.29
CA ALA A 200 -18.97 10.92 31.43
C ALA A 200 -19.93 12.07 31.78
N THR A 201 -21.25 11.92 31.58
CA THR A 201 -22.30 12.88 31.91
C THR A 201 -23.49 12.18 32.59
N GLY A 202 -24.42 12.91 33.21
CA GLY A 202 -25.67 12.34 33.73
C GLY A 202 -25.70 12.26 35.25
N PRO A 203 -26.70 11.53 35.81
CA PRO A 203 -26.83 11.36 37.26
C PRO A 203 -25.62 10.68 37.95
N ASP A 204 -25.35 11.02 39.22
CA ASP A 204 -24.19 10.51 39.97
C ASP A 204 -24.09 8.99 39.96
N LYS A 205 -25.24 8.29 40.01
CA LYS A 205 -25.18 6.82 39.97
C LYS A 205 -24.48 6.33 38.69
N ASP A 206 -24.71 6.96 37.54
CA ASP A 206 -24.09 6.55 36.26
C ASP A 206 -22.61 6.95 36.18
N LEU A 207 -22.18 8.01 36.85
CA LEU A 207 -20.78 8.47 36.92
C LEU A 207 -19.86 7.54 37.74
N LEU A 208 -20.43 6.71 38.63
CA LEU A 208 -19.64 5.82 39.48
C LEU A 208 -18.58 6.56 40.31
N LEU A 209 -19.04 7.43 41.25
CA LEU A 209 -18.16 8.20 42.14
C LEU A 209 -17.84 7.52 43.47
N ALA A 210 -16.60 7.63 44.00
CA ALA A 210 -16.30 7.15 45.36
C ALA A 210 -17.03 8.02 46.39
N SER A 211 -17.30 7.47 47.57
CA SER A 211 -17.95 8.23 48.67
C SER A 211 -17.18 9.45 49.12
N ASP A 212 -15.86 9.45 48.92
CA ASP A 212 -15.02 10.62 49.21
C ASP A 212 -14.46 11.28 47.93
N PHE A 213 -15.14 11.25 46.80
CA PHE A 213 -14.71 11.91 45.55
C PHE A 213 -14.35 13.37 45.78
N ASN A 214 -13.15 13.82 45.40
CA ASN A 214 -12.56 15.14 45.48
C ASN A 214 -12.54 15.71 46.93
N ILE A 215 -12.40 14.87 47.96
CA ILE A 215 -12.33 15.37 49.35
C ILE A 215 -11.11 16.23 49.65
N LYS A 216 -10.01 16.09 48.93
CA LYS A 216 -8.82 16.95 49.07
C LYS A 216 -8.96 18.29 48.32
N ASN A 217 -9.78 18.37 47.27
CA ASN A 217 -9.98 19.54 46.43
C ASN A 217 -11.47 19.84 46.21
N PRO A 218 -12.28 20.14 47.24
CA PRO A 218 -13.74 20.27 47.05
C PRO A 218 -14.13 21.41 46.10
N HIS A 219 -13.24 22.38 45.90
CA HIS A 219 -13.45 23.50 44.98
C HIS A 219 -13.43 23.07 43.52
N TYR A 220 -13.02 21.84 43.15
CA TYR A 220 -13.16 21.30 41.79
C TYR A 220 -14.60 21.00 41.44
N GLY A 221 -15.50 20.87 42.43
CA GLY A 221 -16.86 20.36 42.30
C GLY A 221 -17.03 18.95 42.88
N GLN A 222 -18.21 18.58 43.38
CA GLN A 222 -18.46 17.26 43.95
C GLN A 222 -19.77 16.64 43.43
N LYS A 223 -20.86 16.61 44.22
CA LYS A 223 -22.10 15.92 43.80
C LYS A 223 -23.03 16.72 42.87
N GLY A 224 -23.77 16.02 42.00
CA GLY A 224 -24.88 16.55 41.21
C GLY A 224 -24.54 17.34 39.97
N LEU A 225 -23.25 17.40 39.55
CA LEU A 225 -22.92 18.35 38.43
C LEU A 225 -23.03 17.75 37.04
N GLY A 226 -23.14 16.41 36.88
CA GLY A 226 -23.34 15.73 35.61
C GLY A 226 -24.72 15.98 35.01
N THR A 227 -25.68 16.45 35.81
CA THR A 227 -26.94 17.02 35.30
C THR A 227 -27.09 18.50 35.67
N GLY A 228 -26.54 18.97 36.80
CA GLY A 228 -26.75 20.40 37.15
C GLY A 228 -26.05 21.43 36.26
N THR A 229 -25.03 21.09 35.46
CA THR A 229 -24.31 22.03 34.57
C THR A 229 -24.74 21.87 33.10
N TRP A 230 -25.99 21.38 32.88
CA TRP A 230 -26.70 21.23 31.61
C TRP A 230 -28.17 21.72 31.73
N GLU A 231 -28.86 22.14 30.65
CA GLU A 231 -30.28 22.52 30.62
C GLU A 231 -31.13 21.29 30.18
N GLY A 232 -32.03 20.84 31.06
CA GLY A 232 -32.90 19.70 30.72
C GLY A 232 -32.13 18.43 30.38
N ASP A 233 -32.52 17.71 29.33
CA ASP A 233 -31.95 16.41 28.99
C ASP A 233 -30.84 16.48 27.93
N ALA A 234 -30.24 17.68 27.69
CA ALA A 234 -29.13 17.75 26.68
C ALA A 234 -27.91 16.89 27.00
N TRP A 235 -27.68 16.48 28.24
CA TRP A 235 -26.58 15.55 28.66
C TRP A 235 -26.74 14.18 28.01
N LYS A 236 -27.96 13.77 27.60
CA LYS A 236 -28.17 12.43 26.99
C LYS A 236 -27.39 12.22 25.68
N ILE A 237 -27.13 13.31 24.95
CA ILE A 237 -26.37 13.28 23.69
C ILE A 237 -25.10 14.14 23.84
N GLY A 238 -24.49 14.19 25.03
CA GLY A 238 -23.51 15.19 25.41
C GLY A 238 -22.03 14.99 25.20
N GLY A 239 -21.56 13.91 24.54
CA GLY A 239 -20.12 13.75 24.29
C GLY A 239 -19.30 13.22 25.47
N GLY A 240 -17.98 13.52 25.49
CA GLY A 240 -17.13 12.99 26.58
C GLY A 240 -16.54 11.61 26.32
N THR A 241 -16.54 11.11 25.09
CA THR A 241 -15.90 9.84 24.72
C THR A 241 -14.40 9.82 25.06
N ASN A 242 -13.83 8.66 25.41
CA ASN A 242 -12.36 8.56 25.74
C ASN A 242 -11.64 7.65 24.74
N TRP A 243 -10.82 8.19 23.84
CA TRP A 243 -10.21 7.44 22.70
C TRP A 243 -8.67 7.53 22.66
N GLY A 244 -8.01 8.11 23.67
CA GLY A 244 -6.54 8.27 23.74
C GLY A 244 -5.76 7.20 24.50
N TRP A 245 -5.10 7.51 25.63
CA TRP A 245 -4.17 6.60 26.33
C TRP A 245 -4.39 6.54 27.85
N TYR A 246 -3.86 5.53 28.56
CA TYR A 246 -3.84 5.38 30.01
C TYR A 246 -2.44 5.25 30.64
N ALA A 247 -2.31 5.51 31.95
CA ALA A 247 -1.20 5.08 32.84
C ALA A 247 -1.76 4.38 34.09
N TYR A 248 -0.92 3.71 34.90
CA TYR A 248 -1.39 2.96 36.09
C TYR A 248 -0.32 2.93 37.20
N ASP A 249 -0.68 3.08 38.48
CA ASP A 249 0.26 2.96 39.63
C ASP A 249 -0.20 1.85 40.57
N PRO A 250 0.49 0.71 40.63
CA PRO A 250 0.09 -0.38 41.55
C PRO A 250 -0.04 0.06 43.02
N GLY A 251 0.72 1.09 43.41
CA GLY A 251 0.71 1.56 44.81
C GLY A 251 -0.51 2.38 45.19
N THR A 252 -1.20 3.01 44.25
CA THR A 252 -2.48 3.71 44.48
C THR A 252 -3.67 2.87 43.98
N ASN A 253 -3.47 1.88 43.13
CA ASN A 253 -4.40 1.04 42.38
C ASN A 253 -5.27 1.88 41.43
N LEU A 254 -4.85 3.09 41.02
CA LEU A 254 -5.62 3.93 40.11
C LEU A 254 -5.13 3.87 38.65
N ILE A 255 -6.03 3.83 37.66
CA ILE A 255 -5.77 4.16 36.23
C ILE A 255 -6.03 5.65 36.01
N TYR A 256 -5.24 6.29 35.17
CA TYR A 256 -5.28 7.74 34.89
C TYR A 256 -5.60 7.97 33.41
N PHE A 257 -6.54 8.87 33.02
CA PHE A 257 -6.93 9.10 31.63
C PHE A 257 -7.82 10.36 31.53
N GLY A 258 -8.05 10.92 30.33
CA GLY A 258 -8.93 12.06 30.07
C GLY A 258 -10.19 11.80 29.20
N THR A 259 -11.31 12.51 29.54
CA THR A 259 -12.57 12.49 28.75
C THR A 259 -12.61 13.63 27.69
N GLY A 260 -13.33 13.36 26.57
CA GLY A 260 -13.28 14.25 25.38
C GLY A 260 -14.31 15.41 25.35
N ASN A 261 -14.61 15.96 24.15
CA ASN A 261 -15.43 17.18 24.01
C ASN A 261 -16.95 16.99 24.18
N PRO A 262 -17.66 18.03 24.62
CA PRO A 262 -19.15 18.00 24.61
C PRO A 262 -19.72 18.18 23.20
N ALA A 263 -20.93 17.71 22.92
CA ALA A 263 -21.68 17.79 21.67
C ALA A 263 -22.95 18.68 21.79
N PRO A 264 -23.31 19.48 20.75
CA PRO A 264 -22.60 19.64 19.45
C PRO A 264 -21.41 20.61 19.50
N TRP A 265 -20.71 20.89 18.38
CA TRP A 265 -19.67 21.95 18.40
C TRP A 265 -20.30 23.36 18.59
N ASN A 266 -21.57 23.57 18.23
CA ASN A 266 -22.31 24.85 18.43
C ASN A 266 -22.59 25.10 19.91
N GLU A 267 -21.79 25.95 20.59
CA GLU A 267 -21.85 26.21 22.02
C GLU A 267 -23.17 26.83 22.50
N THR A 268 -23.83 27.57 21.61
CA THR A 268 -25.08 28.27 21.94
C THR A 268 -26.22 27.26 22.21
N MET A 269 -26.15 26.04 21.66
CA MET A 269 -27.17 25.01 21.82
C MET A 269 -26.99 24.22 23.13
N ARG A 270 -26.00 24.49 24.00
CA ARG A 270 -25.77 23.78 25.24
C ARG A 270 -25.24 24.67 26.37
N PRO A 271 -25.98 25.66 26.86
CA PRO A 271 -25.51 26.51 27.98
C PRO A 271 -25.09 25.67 29.19
N GLY A 272 -24.05 26.07 29.94
CA GLY A 272 -23.57 25.43 31.16
C GLY A 272 -22.12 24.91 31.10
N ASP A 273 -21.48 24.59 32.25
CA ASP A 273 -20.08 24.06 32.26
C ASP A 273 -20.01 22.65 31.66
N ASN A 274 -21.08 21.87 31.47
CA ASN A 274 -21.07 20.62 30.65
C ASN A 274 -20.19 19.55 31.35
N LYS A 275 -20.16 19.44 32.67
CA LYS A 275 -19.40 18.36 33.35
C LYS A 275 -19.98 16.96 33.07
N TRP A 276 -19.13 15.92 33.03
CA TRP A 276 -17.69 15.85 33.28
C TRP A 276 -16.93 15.56 31.97
N THR A 277 -17.28 16.24 30.87
CA THR A 277 -16.49 16.33 29.65
C THR A 277 -15.15 17.05 29.96
N MET A 278 -14.11 16.93 29.13
CA MET A 278 -12.83 17.64 29.27
C MET A 278 -12.17 17.44 30.66
N THR A 279 -12.15 16.27 31.28
CA THR A 279 -11.76 16.06 32.71
C THR A 279 -10.62 15.04 32.86
N ILE A 280 -9.60 15.35 33.71
CA ILE A 280 -8.58 14.38 34.16
C ILE A 280 -9.14 13.50 35.28
N PHE A 281 -9.28 12.17 35.11
CA PHE A 281 -9.79 11.21 36.10
C PHE A 281 -8.69 10.27 36.67
N GLY A 282 -8.83 9.93 37.95
CA GLY A 282 -8.22 8.79 38.63
C GLY A 282 -9.29 7.78 39.12
N ARG A 283 -9.43 6.58 38.54
CA ARG A 283 -10.47 5.60 38.88
C ARG A 283 -9.87 4.30 39.44
N ASP A 284 -10.44 3.67 40.47
CA ASP A 284 -9.96 2.37 40.98
C ASP A 284 -10.01 1.29 39.89
N ALA A 285 -8.93 0.51 39.66
CA ALA A 285 -8.90 -0.53 38.61
C ALA A 285 -9.91 -1.66 38.81
N ASP A 286 -10.15 -2.05 40.06
CA ASP A 286 -11.08 -3.18 40.29
C ASP A 286 -12.55 -2.80 40.38
N THR A 287 -12.98 -1.62 40.84
CA THR A 287 -14.41 -1.25 40.97
C THR A 287 -14.84 -0.10 40.05
N GLY A 288 -13.90 0.60 39.38
CA GLY A 288 -14.15 1.79 38.58
C GLY A 288 -14.45 3.08 39.34
N GLU A 289 -14.52 3.12 40.68
CA GLU A 289 -14.96 4.30 41.44
C GLU A 289 -13.98 5.45 41.32
N ALA A 290 -14.44 6.67 40.98
CA ALA A 290 -13.55 7.84 40.84
C ALA A 290 -13.07 8.39 42.20
N LYS A 291 -11.77 8.47 42.44
CA LYS A 291 -11.15 9.15 43.60
C LYS A 291 -11.07 10.68 43.41
N PHE A 292 -10.73 11.14 42.18
CA PHE A 292 -10.61 12.59 41.86
C PHE A 292 -11.00 12.85 40.40
N GLY A 293 -11.41 14.09 40.10
CA GLY A 293 -11.74 14.57 38.75
C GLY A 293 -11.49 16.08 38.61
N TYR A 294 -10.62 16.58 37.72
CA TYR A 294 -10.26 17.98 37.46
C TYR A 294 -10.69 18.41 36.05
N GLN A 295 -11.68 19.32 35.89
CA GLN A 295 -12.17 19.76 34.56
C GLN A 295 -11.25 20.83 33.99
N LYS A 296 -10.47 20.58 32.92
CA LYS A 296 -9.53 21.50 32.28
C LYS A 296 -10.24 22.62 31.49
N THR A 297 -11.30 22.31 30.73
CA THR A 297 -11.99 23.24 29.81
C THR A 297 -13.50 23.26 30.09
N PRO A 298 -13.99 24.05 31.08
CA PRO A 298 -15.44 24.23 31.30
C PRO A 298 -16.13 24.86 30.06
N HIS A 299 -17.33 24.41 29.68
CA HIS A 299 -18.08 24.97 28.53
C HIS A 299 -17.22 25.10 27.26
N ASP A 300 -16.72 23.99 26.67
CA ASP A 300 -15.90 24.09 25.46
C ASP A 300 -16.55 24.92 24.34
N GLU A 301 -15.74 25.77 23.67
CA GLU A 301 -16.17 26.54 22.49
C GLU A 301 -15.36 26.22 21.23
N TRP A 302 -14.39 25.31 21.25
CA TRP A 302 -13.32 25.10 20.27
C TRP A 302 -13.02 23.68 19.83
N ASP A 303 -13.79 22.65 20.27
CA ASP A 303 -13.40 21.22 20.03
C ASP A 303 -12.00 20.89 20.62
N TYR A 304 -11.65 21.25 21.86
CA TYR A 304 -10.36 20.90 22.48
C TYR A 304 -10.40 19.52 23.19
N ALA A 305 -10.80 18.44 22.49
CA ALA A 305 -11.03 17.12 23.13
C ALA A 305 -9.94 16.63 24.10
N GLY A 306 -10.30 16.38 25.37
CA GLY A 306 -9.37 16.20 26.48
C GLY A 306 -8.72 14.82 26.65
N VAL A 307 -8.44 14.10 25.57
CA VAL A 307 -8.00 12.69 25.60
C VAL A 307 -6.49 12.39 25.62
N ASN A 308 -5.56 13.37 25.69
CA ASN A 308 -4.12 13.11 25.39
C ASN A 308 -3.37 12.28 26.45
N VAL A 309 -2.14 11.84 26.06
CA VAL A 309 -1.20 11.01 26.82
C VAL A 309 -1.00 11.47 28.29
N MET A 310 -0.83 10.50 29.21
CA MET A 310 -0.49 10.59 30.64
C MET A 310 0.94 10.04 30.90
N MET A 311 1.87 10.76 31.53
CA MET A 311 3.24 10.28 31.80
C MET A 311 3.59 10.44 33.31
N LEU A 312 3.91 9.34 34.03
CA LEU A 312 4.21 9.40 35.48
C LEU A 312 5.68 9.62 35.83
N SER A 313 5.95 10.32 36.96
CA SER A 313 7.34 10.58 37.45
C SER A 313 7.34 10.87 38.96
N GLU A 314 8.54 10.94 39.58
CA GLU A 314 8.68 11.26 41.00
C GLU A 314 9.77 12.34 41.12
N GLN A 315 9.48 13.57 41.55
CA GLN A 315 10.41 14.71 41.53
C GLN A 315 10.25 15.58 42.79
N LYS A 316 11.20 16.38 43.21
CA LYS A 316 11.04 17.39 44.27
C LYS A 316 10.28 18.62 43.73
N ASP A 317 9.32 19.14 44.49
CA ASP A 317 8.60 20.36 44.08
C ASP A 317 9.40 21.61 44.42
N LYS A 318 8.83 22.79 44.21
CA LYS A 318 9.58 24.04 44.44
C LYS A 318 9.87 24.27 45.91
N ASP A 319 9.18 23.59 46.82
CA ASP A 319 9.47 23.77 48.26
C ASP A 319 10.39 22.69 48.79
N GLY A 320 10.79 21.80 47.87
CA GLY A 320 11.75 20.73 48.11
C GLY A 320 11.20 19.40 48.61
N LYS A 321 9.87 19.28 48.55
CA LYS A 321 9.26 18.01 48.99
C LYS A 321 9.11 17.00 47.88
N ALA A 322 9.39 15.72 48.17
CA ALA A 322 9.23 14.69 47.13
C ALA A 322 7.75 14.40 46.82
N ARG A 323 7.36 14.44 45.56
CA ARG A 323 6.00 14.23 45.08
C ARG A 323 5.89 13.09 44.05
N LYS A 324 4.81 12.29 44.11
CA LYS A 324 4.45 11.35 43.03
C LYS A 324 3.50 12.03 42.05
N LEU A 325 3.81 12.10 40.74
CA LEU A 325 3.23 13.03 39.78
C LEU A 325 2.63 12.35 38.52
N LEU A 326 1.68 13.02 37.83
CA LEU A 326 1.33 12.78 36.42
C LEU A 326 1.55 14.07 35.59
N THR A 327 1.97 14.02 34.32
CA THR A 327 2.17 15.18 33.40
C THR A 327 1.45 14.88 32.07
N HIS A 328 0.73 15.88 31.48
CA HIS A 328 -0.33 15.74 30.47
C HIS A 328 -0.46 16.96 29.54
N PRO A 329 0.03 16.92 28.28
CA PRO A 329 -0.08 18.07 27.34
C PRO A 329 -1.40 18.11 26.58
N ASP A 330 -2.25 19.13 26.78
CA ASP A 330 -3.63 19.14 26.23
C ASP A 330 -3.81 19.83 24.89
N ARG A 331 -4.90 19.48 24.16
CA ARG A 331 -5.33 20.16 22.94
C ARG A 331 -5.43 21.69 23.10
N ASN A 332 -5.84 22.19 24.27
CA ASN A 332 -6.17 23.59 24.56
C ASN A 332 -4.94 24.48 24.68
N GLY A 333 -3.72 23.93 24.52
CA GLY A 333 -2.51 24.76 24.60
C GLY A 333 -1.79 24.83 25.96
N ILE A 334 -2.26 24.09 26.98
CA ILE A 334 -1.72 24.03 28.35
C ILE A 334 -1.14 22.63 28.65
N VAL A 335 0.06 22.53 29.25
CA VAL A 335 0.58 21.24 29.79
C VAL A 335 0.38 21.21 31.33
N TYR A 336 -0.34 20.22 31.87
CA TYR A 336 -0.79 20.07 33.26
C TYR A 336 0.06 19.10 34.06
N THR A 337 0.51 19.41 35.27
CA THR A 337 1.14 18.47 36.24
C THR A 337 0.35 18.45 37.55
N LEU A 338 -0.17 17.25 37.95
CA LEU A 338 -0.92 17.02 39.20
C LEU A 338 -0.25 15.99 40.14
N ASP A 339 -0.48 16.11 41.47
CA ASP A 339 -0.16 15.00 42.40
C ASP A 339 -1.09 13.80 42.09
N ARG A 340 -0.53 12.63 41.80
CA ARG A 340 -1.32 11.45 41.37
C ARG A 340 -1.92 10.67 42.54
N THR A 341 -1.62 11.05 43.81
CA THR A 341 -2.27 10.39 44.96
C THR A 341 -3.56 11.10 45.39
N ASP A 342 -3.74 12.39 45.19
CA ASP A 342 -4.92 13.14 45.69
C ASP A 342 -5.50 14.15 44.68
N GLY A 343 -4.89 14.35 43.51
CA GLY A 343 -5.44 15.22 42.46
C GLY A 343 -4.98 16.67 42.55
N ALA A 344 -4.14 17.07 43.52
CA ALA A 344 -3.82 18.50 43.71
C ALA A 344 -3.05 19.07 42.50
N LEU A 345 -3.37 20.32 42.11
CA LEU A 345 -2.71 21.00 40.98
C LEU A 345 -1.31 21.54 41.32
N VAL A 346 -0.25 21.13 40.59
CA VAL A 346 1.14 21.55 40.84
C VAL A 346 1.63 22.60 39.81
N SER A 347 1.45 22.39 38.50
CA SER A 347 1.80 23.41 37.50
C SER A 347 0.86 23.34 36.27
N ALA A 348 0.70 24.44 35.55
CA ALA A 348 -0.17 24.55 34.35
C ALA A 348 0.38 25.65 33.41
N ASN A 349 1.27 25.29 32.46
CA ASN A 349 2.03 26.27 31.65
C ASN A 349 1.73 26.21 30.15
N LYS A 350 1.92 27.29 29.40
CA LYS A 350 1.65 27.27 27.94
C LYS A 350 2.63 26.39 27.17
N LEU A 351 2.16 25.64 26.16
CA LEU A 351 2.97 24.83 25.22
C LEU A 351 3.80 25.75 24.28
N ASP A 352 3.34 26.98 23.99
CA ASP A 352 3.99 28.00 23.13
C ASP A 352 3.41 29.40 23.52
N ASP A 353 4.21 30.45 23.43
CA ASP A 353 3.80 31.80 23.85
C ASP A 353 2.72 32.42 22.94
N THR A 354 2.42 31.83 21.78
CA THR A 354 1.40 32.33 20.86
C THR A 354 0.00 31.90 21.28
N VAL A 355 -0.20 31.03 22.28
CA VAL A 355 -1.58 30.73 22.75
C VAL A 355 -2.32 32.00 23.22
N ASN A 356 -3.52 32.25 22.71
CA ASN A 356 -4.33 33.41 23.08
C ASN A 356 -5.75 33.15 23.56
N VAL A 357 -6.30 31.91 23.53
CA VAL A 357 -7.66 31.61 23.96
C VAL A 357 -7.88 31.86 25.47
N PHE A 358 -6.89 31.63 26.35
CA PHE A 358 -6.82 31.90 27.77
C PHE A 358 -5.68 32.89 28.10
N LYS A 359 -5.86 33.76 29.09
CA LYS A 359 -4.77 34.63 29.58
C LYS A 359 -3.77 33.81 30.41
N SER A 360 -4.26 32.89 31.25
CA SER A 360 -3.52 32.06 32.19
C SER A 360 -4.44 30.99 32.81
N VAL A 361 -3.86 30.09 33.60
CA VAL A 361 -4.65 29.18 34.46
C VAL A 361 -4.40 29.53 35.94
N ASP A 362 -5.46 29.84 36.71
CA ASP A 362 -5.32 30.18 38.14
C ASP A 362 -5.09 28.91 38.97
N LEU A 363 -3.90 28.73 39.56
CA LEU A 363 -3.58 27.49 40.29
C LEU A 363 -4.33 27.36 41.61
N LYS A 364 -4.81 28.44 42.22
CA LYS A 364 -5.56 28.37 43.48
C LYS A 364 -7.05 28.01 43.29
N THR A 365 -7.71 28.58 42.26
CA THR A 365 -9.09 28.21 41.98
C THR A 365 -9.25 27.06 41.00
N GLY A 366 -8.23 26.81 40.18
CA GLY A 366 -8.21 25.82 39.10
C GLY A 366 -8.89 26.24 37.82
N GLN A 367 -9.50 27.41 37.67
CA GLN A 367 -10.23 27.84 36.48
C GLN A 367 -9.32 28.50 35.45
N PRO A 368 -9.46 28.24 34.14
CA PRO A 368 -8.72 29.01 33.14
C PRO A 368 -9.33 30.41 32.99
N VAL A 369 -8.50 31.47 32.90
CA VAL A 369 -9.01 32.86 32.75
C VAL A 369 -9.25 33.14 31.27
N ARG A 370 -10.51 33.24 30.80
CA ARG A 370 -10.87 33.32 29.38
C ARG A 370 -10.57 34.69 28.79
N ASP A 371 -10.10 34.83 27.55
CA ASP A 371 -10.09 36.13 26.83
C ASP A 371 -11.33 36.22 25.93
N PRO A 372 -12.38 37.00 26.22
CA PRO A 372 -13.60 36.97 25.41
C PRO A 372 -13.46 37.34 23.93
N GLU A 373 -12.38 38.01 23.52
CA GLU A 373 -12.15 38.32 22.10
C GLU A 373 -11.84 37.09 21.23
N TYR A 374 -11.58 35.94 21.87
CA TYR A 374 -11.22 34.70 21.17
C TYR A 374 -12.20 33.57 21.50
N GLY A 375 -13.41 33.89 21.99
CA GLY A 375 -14.53 32.98 22.14
C GLY A 375 -15.33 32.66 20.87
N THR A 376 -16.24 31.66 20.87
CA THR A 376 -17.16 31.44 19.75
C THR A 376 -18.62 31.63 20.21
N ARG A 377 -19.55 31.94 19.28
CA ARG A 377 -20.99 32.16 19.48
C ARG A 377 -21.79 32.28 18.18
N MET A 378 -23.11 32.02 18.21
CA MET A 378 -24.00 32.22 17.05
C MET A 378 -23.98 33.65 16.48
N ASP A 379 -24.19 33.76 15.15
CA ASP A 379 -24.30 35.06 14.46
C ASP A 379 -23.02 35.90 14.50
N HIS A 380 -21.84 35.26 14.62
CA HIS A 380 -20.53 35.93 14.72
C HIS A 380 -19.43 35.09 14.07
N LEU A 381 -18.60 35.67 13.22
CA LEU A 381 -17.44 34.96 12.66
C LEU A 381 -16.19 35.29 13.48
N ALA A 382 -15.68 34.35 14.28
CA ALA A 382 -14.45 34.53 15.08
C ALA A 382 -13.17 34.29 14.29
N LYS A 383 -12.17 35.17 14.39
CA LYS A 383 -10.95 35.03 13.58
C LYS A 383 -9.65 34.95 14.40
N ASP A 384 -8.64 34.27 13.88
CA ASP A 384 -7.29 34.17 14.44
C ASP A 384 -7.20 33.60 15.85
N ILE A 385 -7.96 32.55 16.18
CA ILE A 385 -7.86 31.86 17.48
C ILE A 385 -6.72 30.83 17.55
N CYS A 386 -5.87 30.83 18.56
CA CYS A 386 -4.76 29.88 18.73
C CYS A 386 -4.83 29.17 20.11
N PRO A 387 -4.91 27.87 20.23
CA PRO A 387 -4.92 26.88 19.13
C PRO A 387 -6.20 26.73 18.31
N SER A 388 -6.04 26.17 17.10
CA SER A 388 -7.13 25.57 16.35
C SER A 388 -7.73 24.33 17.01
N ALA A 389 -8.86 23.85 16.45
CA ALA A 389 -9.49 22.60 16.91
C ALA A 389 -8.59 21.39 16.76
N MET A 390 -7.62 21.36 15.83
CA MET A 390 -6.63 20.27 15.72
C MET A 390 -5.68 20.24 16.94
N GLY A 391 -5.64 21.30 17.75
CA GLY A 391 -4.83 21.47 18.94
C GLY A 391 -3.39 21.97 18.78
N TYR A 392 -2.74 22.43 19.86
CA TYR A 392 -1.24 22.52 19.87
C TYR A 392 -0.66 21.16 20.28
N HIS A 393 -1.50 20.13 20.57
CA HIS A 393 -1.08 18.72 20.77
C HIS A 393 -2.28 17.79 20.44
N ASN A 394 -2.09 16.67 19.74
CA ASN A 394 -3.24 15.71 19.47
C ASN A 394 -2.83 14.33 20.02
N GLN A 395 -3.15 13.19 19.43
CA GLN A 395 -3.10 11.80 19.89
C GLN A 395 -1.68 11.18 19.97
N GLY A 396 -0.58 11.90 19.69
CA GLY A 396 0.75 11.24 19.74
C GLY A 396 1.21 10.87 21.14
N HIS A 397 1.82 9.66 21.30
CA HIS A 397 2.35 9.20 22.61
C HIS A 397 3.81 9.65 22.81
N ASP A 398 4.07 10.59 23.74
CA ASP A 398 5.39 11.24 24.00
C ASP A 398 6.29 10.38 24.94
N SER A 399 7.45 10.87 25.42
CA SER A 399 8.43 10.12 26.25
C SER A 399 9.03 11.02 27.39
N TYR A 400 9.63 10.37 28.40
CA TYR A 400 10.25 11.03 29.56
C TYR A 400 11.61 10.35 29.92
N ASP A 401 12.75 11.03 30.05
CA ASP A 401 14.07 10.52 30.50
C ASP A 401 14.22 10.74 32.01
N PRO A 402 14.16 9.70 32.87
CA PRO A 402 14.17 9.90 34.32
C PRO A 402 15.47 10.46 34.90
N LYS A 403 16.62 10.24 34.27
CA LYS A 403 17.87 10.84 34.82
C LYS A 403 17.92 12.32 34.48
N ARG A 404 17.51 12.79 33.29
CA ARG A 404 17.55 14.23 32.92
C ARG A 404 16.34 15.03 33.48
N GLU A 405 15.25 14.36 33.92
CA GLU A 405 13.97 14.97 34.34
C GLU A 405 13.40 15.83 33.20
N LEU A 406 13.46 15.31 31.96
CA LEU A 406 12.94 16.03 30.79
C LEU A 406 11.83 15.25 30.03
N PHE A 407 10.72 15.88 29.65
CA PHE A 407 9.67 15.39 28.74
C PHE A 407 9.98 15.83 27.30
N PHE A 408 9.93 14.92 26.29
CA PHE A 408 10.18 15.19 24.86
C PHE A 408 8.81 15.15 24.11
N MET A 409 8.30 16.32 23.68
CA MET A 409 6.91 16.46 23.20
C MET A 409 6.79 16.83 21.72
N GLY A 410 5.98 16.07 20.94
CA GLY A 410 5.68 16.37 19.54
C GLY A 410 4.42 17.27 19.45
N ILE A 411 4.61 18.47 18.91
CA ILE A 411 3.66 19.60 18.98
C ILE A 411 3.13 20.05 17.59
N ASN A 412 1.91 20.63 17.58
CA ASN A 412 1.30 21.22 16.38
C ASN A 412 1.32 22.78 16.46
N HIS A 413 1.44 23.49 15.34
CA HIS A 413 1.43 24.96 15.21
C HIS A 413 0.39 25.38 14.17
N ILE A 414 -0.91 25.37 14.51
CA ILE A 414 -2.08 25.56 13.67
C ILE A 414 -3.11 26.48 14.35
N CYS A 415 -3.57 27.58 13.73
CA CYS A 415 -4.62 28.50 14.21
C CYS A 415 -5.89 28.49 13.34
N MET A 416 -7.02 29.18 13.66
CA MET A 416 -8.29 29.09 12.94
C MET A 416 -9.25 30.30 12.97
N ASP A 417 -10.17 30.33 11.97
CA ASP A 417 -11.44 31.06 12.00
C ASP A 417 -12.65 30.13 12.19
N TRP A 418 -13.76 30.53 12.85
CA TRP A 418 -14.89 29.65 13.21
C TRP A 418 -16.24 30.38 13.25
N GLU A 419 -17.35 29.86 12.67
CA GLU A 419 -18.73 30.30 12.87
C GLU A 419 -19.71 29.12 13.04
N PRO A 420 -20.56 29.07 14.08
CA PRO A 420 -21.55 27.98 14.25
C PRO A 420 -22.84 28.14 13.44
N PHE A 421 -23.65 27.05 13.38
CA PHE A 421 -24.98 27.14 12.71
C PHE A 421 -25.99 26.22 13.40
N MET A 422 -27.31 26.49 13.39
CA MET A 422 -28.33 25.63 14.04
C MET A 422 -28.61 24.37 13.21
N LEU A 423 -28.86 23.23 13.88
CA LEU A 423 -29.14 21.96 13.20
C LEU A 423 -29.90 21.00 14.12
N PRO A 424 -30.69 20.05 13.62
CA PRO A 424 -31.30 19.01 14.49
C PRO A 424 -30.44 17.79 14.82
N TYR A 425 -30.77 17.04 15.89
CA TYR A 425 -30.14 15.74 16.25
C TYR A 425 -31.00 14.59 15.70
N LYS A 426 -30.43 13.69 14.91
CA LYS A 426 -31.05 12.45 14.40
C LYS A 426 -30.05 11.31 14.59
N ALA A 427 -30.35 10.33 15.46
CA ALA A 427 -29.37 9.25 15.72
C ALA A 427 -28.86 8.55 14.47
N GLY A 428 -27.52 8.41 14.35
CA GLY A 428 -26.96 7.81 13.14
C GLY A 428 -26.44 8.85 12.16
N GLN A 429 -26.78 10.12 12.31
CA GLN A 429 -26.32 11.23 11.48
C GLN A 429 -25.30 12.11 12.19
N PHE A 430 -24.43 12.83 11.45
CA PHE A 430 -23.48 13.78 12.05
C PHE A 430 -24.21 14.93 12.79
N PHE A 431 -23.57 15.43 13.87
CA PHE A 431 -24.11 16.47 14.77
C PHE A 431 -22.99 17.44 15.13
N VAL A 432 -22.44 18.14 14.13
CA VAL A 432 -21.29 19.06 14.34
C VAL A 432 -21.81 20.49 14.53
N GLY A 433 -22.32 21.17 13.49
CA GLY A 433 -22.84 22.52 13.62
C GLY A 433 -21.83 23.68 13.65
N ALA A 434 -20.70 23.59 12.95
CA ALA A 434 -19.77 24.71 12.75
C ALA A 434 -18.98 24.56 11.43
N THR A 435 -18.54 25.69 10.88
CA THR A 435 -17.73 25.81 9.67
C THR A 435 -16.39 26.49 9.99
N LEU A 436 -15.24 25.91 9.62
CA LEU A 436 -13.88 26.33 9.98
C LEU A 436 -12.94 26.64 8.81
N ASN A 437 -11.95 27.51 9.01
CA ASN A 437 -10.80 27.78 8.13
C ASN A 437 -9.49 27.64 8.93
N MET A 438 -8.53 26.80 8.55
CA MET A 438 -7.31 26.54 9.34
C MET A 438 -6.03 26.80 8.56
N TYR A 439 -4.94 27.25 9.26
CA TYR A 439 -3.70 27.72 8.63
C TYR A 439 -2.54 27.71 9.62
N PRO A 440 -1.27 27.85 9.19
CA PRO A 440 -0.13 27.89 10.10
C PRO A 440 -0.20 29.00 11.17
N GLY A 441 0.36 28.76 12.36
CA GLY A 441 0.49 29.75 13.45
C GLY A 441 1.52 30.86 13.14
N PRO A 442 1.66 31.86 14.00
CA PRO A 442 2.53 33.02 13.73
C PRO A 442 4.01 32.71 13.48
N LYS A 443 4.61 31.58 13.88
CA LYS A 443 6.01 31.26 13.66
C LYS A 443 6.25 30.45 12.38
N GLY A 444 5.20 30.06 11.64
CA GLY A 444 5.30 29.42 10.33
C GLY A 444 5.06 30.38 9.15
N ASP A 445 4.84 29.79 7.94
CA ASP A 445 4.71 30.52 6.67
C ASP A 445 3.27 30.49 6.16
N ARG A 446 2.46 31.50 6.54
CA ARG A 446 1.03 31.40 6.27
C ARG A 446 0.65 31.54 4.82
N GLN A 447 1.53 31.92 3.91
CA GLN A 447 1.13 31.91 2.52
C GLN A 447 1.61 30.77 1.66
N ASN A 448 2.70 30.10 2.04
CA ASN A 448 3.07 28.84 1.39
C ASN A 448 2.45 27.66 2.15
N TYR A 449 1.80 27.78 3.30
CA TYR A 449 1.15 26.62 3.96
C TYR A 449 2.21 25.57 4.34
N GLU A 450 3.32 26.03 4.95
CA GLU A 450 4.34 25.16 5.57
C GLU A 450 4.82 25.71 6.94
N GLY A 451 5.50 24.94 7.80
CA GLY A 451 5.84 25.31 9.17
C GLY A 451 4.73 25.10 10.18
N LEU A 452 4.12 23.93 10.21
CA LEU A 452 2.92 23.52 10.95
C LEU A 452 3.27 22.68 12.18
N GLY A 453 4.57 22.46 12.53
CA GLY A 453 4.99 21.61 13.68
C GLY A 453 6.17 22.10 14.49
N GLN A 454 6.38 21.54 15.69
CA GLN A 454 7.50 21.82 16.62
C GLN A 454 7.85 20.54 17.41
N ILE A 455 9.10 20.38 17.88
CA ILE A 455 9.46 19.40 18.92
C ILE A 455 10.25 20.11 20.03
N LYS A 456 9.91 19.87 21.32
CA LYS A 456 10.48 20.61 22.47
C LYS A 456 10.86 19.67 23.63
N ALA A 457 11.84 20.07 24.48
CA ALA A 457 12.24 19.43 25.74
C ALA A 457 11.86 20.26 26.97
N TYR A 458 11.18 19.73 27.97
CA TYR A 458 10.49 20.45 29.04
C TYR A 458 10.71 19.93 30.47
N ASN A 459 10.93 20.81 31.46
CA ASN A 459 10.90 20.47 32.89
C ASN A 459 9.58 20.89 33.55
N ALA A 460 8.85 19.96 34.19
CA ALA A 460 7.50 20.24 34.75
C ALA A 460 7.43 21.05 36.04
N ILE A 461 8.52 21.25 36.76
CA ILE A 461 8.49 21.97 38.03
C ILE A 461 8.94 23.41 37.80
N THR A 462 10.05 23.64 37.07
CA THR A 462 10.46 25.02 36.78
C THR A 462 9.66 25.63 35.63
N GLY A 463 9.11 24.77 34.75
CA GLY A 463 8.50 25.30 33.53
C GLY A 463 9.41 25.70 32.38
N ASP A 464 10.72 25.58 32.47
CA ASP A 464 11.68 25.90 31.43
C ASP A 464 11.79 24.87 30.30
N TYR A 465 11.86 25.37 29.07
CA TYR A 465 12.12 24.58 27.85
C TYR A 465 13.64 24.57 27.60
N LYS A 466 14.31 23.39 27.63
CA LYS A 466 15.74 23.25 27.42
C LYS A 466 16.13 23.59 25.97
N TRP A 467 15.29 23.15 25.01
CA TRP A 467 15.45 23.42 23.60
C TRP A 467 14.13 23.34 22.81
N GLU A 468 14.04 24.03 21.66
CA GLU A 468 12.84 24.09 20.82
C GLU A 468 13.20 24.09 19.33
N LYS A 469 12.58 23.27 18.46
CA LYS A 469 12.92 23.21 17.03
C LYS A 469 11.68 23.21 16.11
N MET A 470 11.61 24.02 15.02
CA MET A 470 10.51 23.99 14.05
C MET A 470 10.55 22.79 13.06
N GLU A 471 9.37 22.36 12.59
CA GLU A 471 9.20 21.24 11.63
C GLU A 471 8.28 21.61 10.46
N ARG A 472 8.50 21.09 9.22
CA ARG A 472 7.63 21.39 8.09
C ARG A 472 6.13 21.14 8.37
N PHE A 473 5.78 19.97 8.92
CA PHE A 473 4.43 19.58 9.26
C PHE A 473 4.26 19.27 10.77
N ALA A 474 3.01 19.27 11.29
CA ALA A 474 2.70 18.84 12.65
C ALA A 474 3.39 17.56 13.09
N VAL A 475 3.96 17.51 14.30
CA VAL A 475 4.62 16.24 14.76
C VAL A 475 3.51 15.40 15.44
N TRP A 476 2.82 14.56 14.66
CA TRP A 476 1.54 13.94 15.01
C TRP A 476 1.63 12.62 15.80
N GLY A 477 2.72 11.85 15.64
CA GLY A 477 2.84 10.48 16.15
C GLY A 477 3.56 10.25 17.47
N GLY A 478 4.05 11.24 18.22
CA GLY A 478 4.76 11.00 19.48
C GLY A 478 6.29 10.86 19.36
N THR A 479 6.94 10.39 20.45
CA THR A 479 8.43 10.26 20.58
C THR A 479 8.88 9.05 21.41
N MET A 480 10.19 8.68 21.35
CA MET A 480 10.81 7.59 22.15
C MET A 480 12.25 8.01 22.53
N ALA A 481 12.70 7.83 23.78
CA ALA A 481 14.03 8.28 24.20
C ALA A 481 14.90 7.17 24.82
N THR A 482 16.23 7.27 24.74
CA THR A 482 17.13 6.22 25.27
C THR A 482 18.34 6.75 26.06
N ALA A 483 18.99 5.83 26.82
CA ALA A 483 20.21 6.11 27.60
C ALA A 483 21.47 6.28 26.77
N GLY A 484 21.41 6.09 25.42
CA GLY A 484 22.38 6.51 24.41
C GLY A 484 22.37 7.99 24.04
N ASP A 485 21.58 8.81 24.76
CA ASP A 485 21.53 10.27 24.58
C ASP A 485 20.82 10.66 23.26
N LEU A 486 19.80 9.89 22.85
CA LEU A 486 19.04 10.13 21.59
C LEU A 486 17.52 10.23 21.85
N VAL A 487 16.81 11.08 21.10
CA VAL A 487 15.34 11.17 20.99
C VAL A 487 14.89 10.83 19.56
N PHE A 488 14.10 9.76 19.34
CA PHE A 488 13.60 9.30 18.03
C PHE A 488 12.15 9.75 17.81
N TYR A 489 11.77 10.10 16.54
CA TYR A 489 10.37 10.42 16.18
C TYR A 489 10.13 10.29 14.67
N GLY A 490 8.89 9.98 14.23
CA GLY A 490 8.47 9.97 12.83
C GLY A 490 7.77 11.28 12.36
N THR A 491 7.83 11.60 11.04
CA THR A 491 7.18 12.82 10.50
C THR A 491 6.20 12.55 9.34
N LEU A 492 5.23 13.45 9.09
CA LEU A 492 4.18 13.34 8.07
C LEU A 492 4.76 13.38 6.65
N ASP A 493 5.92 14.01 6.46
CA ASP A 493 6.60 14.04 5.12
C ASP A 493 7.44 12.78 4.85
N GLY A 494 7.44 11.78 5.76
CA GLY A 494 8.02 10.48 5.44
C GLY A 494 9.46 10.23 5.95
N TYR A 495 9.81 10.61 7.18
CA TYR A 495 11.12 10.26 7.77
C TYR A 495 11.02 9.61 9.17
N LEU A 496 12.01 8.78 9.55
CA LEU A 496 12.36 8.53 10.95
C LEU A 496 13.56 9.47 11.24
N LYS A 497 13.56 10.24 12.30
CA LYS A 497 14.62 11.19 12.71
C LYS A 497 15.19 10.91 14.12
N ALA A 498 16.44 11.33 14.40
CA ALA A 498 17.05 11.33 15.73
C ALA A 498 17.73 12.66 16.08
N ARG A 499 17.38 13.20 17.26
CA ARG A 499 18.02 14.46 17.77
C ARG A 499 18.78 14.23 19.08
N ASP A 500 19.82 15.05 19.39
CA ASP A 500 20.58 14.96 20.64
C ASP A 500 19.76 15.31 21.87
N SER A 501 19.71 14.50 22.93
CA SER A 501 18.84 14.73 24.09
C SER A 501 19.09 16.05 24.84
N ASP A 502 20.32 16.58 24.90
CA ASP A 502 20.67 17.81 25.61
C ASP A 502 20.52 19.11 24.78
N THR A 503 20.67 19.05 23.45
CA THR A 503 20.69 20.27 22.63
C THR A 503 19.63 20.32 21.53
N GLY A 504 19.00 19.18 21.15
CA GLY A 504 18.10 19.22 20.00
C GLY A 504 18.72 19.18 18.63
N ASP A 505 20.05 19.14 18.47
CA ASP A 505 20.74 19.09 17.15
C ASP A 505 20.26 17.86 16.34
N LEU A 506 19.97 18.04 15.04
CA LEU A 506 19.58 16.91 14.21
C LEU A 506 20.79 16.05 13.85
N LEU A 507 20.83 14.78 14.28
CA LEU A 507 21.99 13.91 14.06
C LEU A 507 21.85 12.94 12.90
N TRP A 508 20.64 12.55 12.50
CA TRP A 508 20.38 11.46 11.53
C TRP A 508 18.95 11.48 11.02
N LYS A 509 18.71 11.11 9.74
CA LYS A 509 17.34 10.78 9.25
C LYS A 509 17.39 9.72 8.14
N PHE A 510 16.25 9.02 7.92
CA PHE A 510 16.05 8.06 6.79
C PHE A 510 14.67 8.27 6.12
N LYS A 511 14.61 8.34 4.77
CA LYS A 511 13.38 8.46 3.94
C LYS A 511 12.62 7.12 3.86
N ILE A 512 11.60 6.96 4.73
CA ILE A 512 10.68 5.76 4.76
C ILE A 512 9.59 5.90 3.68
N PRO A 513 8.80 4.84 3.32
CA PRO A 513 7.96 4.95 2.09
C PRO A 513 6.82 5.98 2.14
N SER A 514 6.21 6.23 3.29
CA SER A 514 5.04 7.12 3.45
C SER A 514 5.14 7.79 4.83
N GLY A 515 4.43 8.91 5.06
CA GLY A 515 4.40 9.56 6.37
C GLY A 515 4.05 8.65 7.53
N ALA A 516 4.58 8.98 8.74
CA ALA A 516 4.36 8.25 9.98
C ALA A 516 3.40 8.95 10.95
N ILE A 517 2.40 8.22 11.50
CA ILE A 517 1.48 8.80 12.50
C ILE A 517 1.42 7.98 13.80
N GLY A 518 2.31 7.01 13.98
CA GLY A 518 2.55 6.26 15.23
C GLY A 518 3.91 6.59 15.90
N TYR A 519 4.25 5.95 17.03
CA TYR A 519 5.51 6.18 17.82
C TYR A 519 6.59 5.10 17.52
N PRO A 520 7.92 5.41 17.66
CA PRO A 520 8.98 4.39 17.47
C PRO A 520 9.10 3.48 18.71
N MET A 521 9.56 2.22 18.54
CA MET A 521 9.85 1.27 19.66
C MET A 521 11.22 0.62 19.48
N THR A 522 11.81 -0.01 20.55
CA THR A 522 13.16 -0.62 20.50
C THR A 522 13.25 -1.88 21.40
N TYR A 523 14.11 -2.85 21.02
CA TYR A 523 14.25 -4.14 21.72
C TYR A 523 15.60 -4.77 21.35
N THR A 524 16.16 -5.74 22.13
CA THR A 524 17.27 -6.62 21.71
C THR A 524 16.80 -8.03 21.29
N HIS A 525 17.53 -8.65 20.34
CA HIS A 525 17.32 -10.05 19.97
C HIS A 525 18.70 -10.71 19.75
N LYS A 526 19.05 -11.72 20.57
CA LYS A 526 20.36 -12.39 20.50
C LYS A 526 21.48 -11.39 20.49
N GLY A 527 21.37 -10.37 21.37
CA GLY A 527 22.49 -9.45 21.54
C GLY A 527 22.51 -8.20 20.68
N THR A 528 21.69 -8.10 19.61
CA THR A 528 21.63 -6.96 18.68
C THR A 528 20.44 -6.03 19.01
N GLN A 529 20.65 -4.69 19.10
CA GLN A 529 19.58 -3.69 19.32
C GLN A 529 18.92 -3.29 17.97
N TYR A 530 17.55 -3.30 17.93
CA TYR A 530 16.73 -2.91 16.78
C TYR A 530 15.78 -1.76 17.11
N VAL A 531 15.46 -0.85 16.17
CA VAL A 531 14.49 0.24 16.28
C VAL A 531 13.42 0.06 15.19
N ALA A 532 12.11 0.04 15.51
CA ALA A 532 11.05 -0.17 14.52
C ALA A 532 9.99 0.96 14.48
N ILE A 533 9.40 1.25 13.30
CA ILE A 533 8.34 2.26 13.12
C ILE A 533 7.36 1.89 12.00
N TYR A 534 6.04 2.16 12.18
CA TYR A 534 5.08 2.04 11.05
C TYR A 534 5.21 3.17 10.01
N TYR A 535 4.86 2.85 8.73
CA TYR A 535 4.65 3.90 7.70
C TYR A 535 3.22 3.75 7.17
N GLY A 536 2.63 4.86 6.66
CA GLY A 536 1.28 4.94 6.09
C GLY A 536 0.53 6.17 6.62
N VAL A 537 0.48 7.27 5.83
CA VAL A 537 -0.08 8.57 6.26
C VAL A 537 -1.61 8.51 6.31
N GLY A 538 -2.22 9.36 7.17
CA GLY A 538 -3.68 9.39 7.33
C GLY A 538 -4.08 10.11 8.60
N GLY A 539 -5.16 9.63 9.28
CA GLY A 539 -5.68 10.37 10.43
C GLY A 539 -6.28 11.72 10.00
N TRP A 540 -6.55 12.63 10.95
CA TRP A 540 -7.14 13.93 10.58
C TRP A 540 -6.27 14.69 9.58
N PRO A 541 -4.93 14.86 9.70
CA PRO A 541 -4.15 15.64 8.70
C PRO A 541 -4.14 15.10 7.28
N GLY A 542 -4.32 13.79 7.13
CA GLY A 542 -4.35 13.15 5.80
C GLY A 542 -5.71 13.06 5.13
N VAL A 543 -6.81 13.62 5.67
CA VAL A 543 -8.12 13.31 5.01
C VAL A 543 -8.20 13.83 3.57
N GLY A 544 -7.57 14.96 3.22
CA GLY A 544 -7.61 15.48 1.84
C GLY A 544 -7.07 14.49 0.81
N LEU A 545 -5.89 13.94 1.13
CA LEU A 545 -5.18 12.95 0.32
C LEU A 545 -5.95 11.63 0.31
N VAL A 546 -6.37 11.11 1.48
CA VAL A 546 -7.04 9.80 1.54
C VAL A 546 -8.36 9.81 0.80
N PHE A 547 -9.16 10.87 0.89
CA PHE A 547 -10.51 10.87 0.30
C PHE A 547 -10.63 11.73 -0.97
N ASP A 548 -9.56 12.26 -1.52
CA ASP A 548 -9.53 13.09 -2.74
C ASP A 548 -10.48 14.31 -2.62
N LEU A 549 -10.29 15.12 -1.60
CA LEU A 549 -11.01 16.35 -1.33
C LEU A 549 -10.26 17.63 -1.70
N ALA A 550 -10.97 18.71 -2.07
CA ALA A 550 -10.43 19.98 -2.55
C ALA A 550 -10.98 21.27 -1.94
N ASP A 551 -12.23 21.32 -1.53
CA ASP A 551 -12.82 22.45 -0.77
C ASP A 551 -12.10 22.58 0.58
N PRO A 552 -11.52 23.73 0.87
CA PRO A 552 -10.76 23.95 2.11
C PRO A 552 -11.57 23.84 3.42
N THR A 553 -12.90 23.96 3.35
CA THR A 553 -13.73 23.81 4.56
C THR A 553 -14.12 22.34 4.78
N ALA A 554 -13.79 21.46 3.84
CA ALA A 554 -14.07 20.04 4.02
C ALA A 554 -13.13 19.36 5.01
N GLY A 555 -13.40 18.11 5.42
CA GLY A 555 -12.63 17.41 6.46
C GLY A 555 -12.64 18.21 7.78
N LEU A 556 -13.78 18.85 8.11
CA LEU A 556 -13.93 19.67 9.34
C LEU A 556 -12.90 20.79 9.35
N GLY A 557 -12.45 21.26 8.18
CA GLY A 557 -11.48 22.35 8.03
C GLY A 557 -10.03 21.94 7.82
N ALA A 558 -9.69 20.65 7.94
CA ALA A 558 -8.34 20.16 7.77
C ALA A 558 -7.86 20.17 6.33
N VAL A 559 -8.75 20.10 5.34
CA VAL A 559 -8.28 20.06 3.94
C VAL A 559 -7.49 21.32 3.56
N GLY A 560 -7.91 22.54 3.91
CA GLY A 560 -7.14 23.73 3.57
C GLY A 560 -5.77 23.77 4.25
N ALA A 561 -5.67 23.49 5.57
CA ALA A 561 -4.40 23.58 6.31
C ALA A 561 -3.33 22.65 5.72
N PHE A 562 -3.65 21.43 5.28
CA PHE A 562 -2.67 20.41 4.83
C PHE A 562 -2.67 20.31 3.30
N LYS A 563 -3.04 21.39 2.55
CA LYS A 563 -3.05 21.30 1.07
C LYS A 563 -1.69 20.98 0.45
N LYS A 564 -0.56 21.25 1.10
CA LYS A 564 0.74 20.90 0.49
C LYS A 564 1.22 19.49 0.85
N LEU A 565 0.59 18.71 1.73
CA LEU A 565 1.06 17.36 2.16
C LEU A 565 1.23 16.42 0.94
N ALA A 566 0.33 16.38 -0.05
CA ALA A 566 0.40 15.59 -1.27
C ALA A 566 1.61 15.88 -2.18
N ASN A 567 2.33 16.98 -1.99
CA ASN A 567 3.57 17.30 -2.71
C ASN A 567 4.82 16.62 -2.12
N TYR A 568 4.69 15.92 -0.95
CA TYR A 568 5.80 15.29 -0.24
C TYR A 568 5.56 13.78 0.02
N THR A 569 4.31 13.25 -0.02
CA THR A 569 4.00 11.85 0.32
C THR A 569 2.73 11.35 -0.41
N GLN A 570 2.56 10.06 -0.51
CA GLN A 570 1.35 9.33 -0.95
C GLN A 570 1.01 8.30 0.12
N MET A 571 -0.16 7.62 0.04
CA MET A 571 -0.60 6.59 1.02
C MET A 571 0.33 5.36 1.00
N GLY A 572 0.27 4.50 2.06
CA GLY A 572 1.01 3.23 2.18
C GLY A 572 0.56 2.45 3.41
N GLY A 573 1.22 1.36 3.80
CA GLY A 573 0.94 0.55 5.00
C GLY A 573 2.03 -0.51 5.26
N GLY A 574 2.78 -0.42 6.39
CA GLY A 574 3.83 -1.40 6.70
C GLY A 574 4.72 -1.07 7.89
N VAL A 575 5.80 -1.87 8.12
CA VAL A 575 6.82 -1.61 9.18
C VAL A 575 8.25 -1.65 8.58
N VAL A 576 9.15 -0.72 9.01
CA VAL A 576 10.61 -0.72 8.71
C VAL A 576 11.37 -0.92 10.05
N VAL A 577 12.35 -1.86 10.06
CA VAL A 577 13.20 -2.21 11.23
C VAL A 577 14.69 -1.89 10.93
N PHE A 578 15.35 -1.08 11.82
CA PHE A 578 16.73 -0.59 11.72
C PHE A 578 17.68 -1.21 12.75
N SER A 579 19.01 -1.32 12.45
CA SER A 579 20.08 -1.69 13.37
C SER A 579 21.44 -1.11 12.94
N LEU A 580 22.47 -1.08 13.82
CA LEU A 580 23.81 -0.63 13.37
C LEU A 580 24.34 -1.48 12.21
N ASP A 581 24.77 -0.84 11.13
CA ASP A 581 25.30 -1.50 9.93
C ASP A 581 24.27 -2.43 9.25
N GLY A 582 23.01 -2.35 9.67
CA GLY A 582 21.95 -3.22 9.07
C GLY A 582 22.11 -4.71 9.32
N LYS A 583 22.80 -5.10 10.38
CA LYS A 583 22.92 -6.53 10.82
C LYS A 583 21.53 -7.12 11.09
N GLY A 584 21.22 -8.33 10.66
CA GLY A 584 19.91 -8.93 10.86
C GLY A 584 19.84 -10.46 10.68
N PRO A 585 18.60 -11.00 10.60
CA PRO A 585 18.38 -12.44 10.57
C PRO A 585 18.83 -13.17 9.29
N TYR A 586 19.16 -12.46 8.20
CA TYR A 586 19.55 -13.08 6.90
C TYR A 586 21.04 -12.79 6.58
N ASP A 587 21.89 -12.54 7.60
CA ASP A 587 23.34 -12.37 7.36
C ASP A 587 23.99 -13.61 6.75
N ASP A 588 23.48 -14.80 7.05
CA ASP A 588 23.61 -16.05 6.26
C ASP A 588 22.43 -16.10 5.30
N PRO A 589 22.57 -15.83 4.00
CA PRO A 589 21.42 -15.70 3.09
C PRO A 589 20.71 -17.02 2.82
N ASN A 590 21.32 -18.14 3.23
CA ASN A 590 20.64 -19.44 3.08
C ASN A 590 19.55 -19.66 4.11
N VAL A 591 19.50 -18.96 5.23
CA VAL A 591 18.40 -19.08 6.22
C VAL A 591 17.06 -18.70 5.60
N GLY A 592 16.00 -19.53 5.78
CA GLY A 592 14.67 -19.27 5.25
C GLY A 592 14.46 -19.59 3.77
N GLU A 593 15.41 -20.15 3.01
CA GLU A 593 15.23 -20.58 1.61
C GLU A 593 14.49 -21.92 1.50
N TRP A 594 13.93 -22.29 0.32
CA TRP A 594 13.37 -23.62 0.06
C TRP A 594 14.49 -24.66 -0.08
N LYS A 595 14.36 -25.90 0.37
CA LYS A 595 15.21 -27.02 -0.01
C LYS A 595 14.41 -28.33 -0.07
N SER A 596 13.44 -28.48 0.72
N TYR B 1 -18.21 37.24 30.12
CA TYR B 1 -17.94 35.88 30.57
C TYR B 1 -16.45 35.56 30.49
N ASP B 2 -15.77 35.64 31.66
CA ASP B 2 -14.35 35.29 31.67
C ASP B 2 -14.02 34.05 32.51
N GLY B 3 -15.02 33.30 33.02
CA GLY B 3 -14.85 32.05 33.74
C GLY B 3 -14.53 32.13 35.23
N THR B 4 -14.41 33.36 35.80
CA THR B 4 -14.01 33.50 37.22
C THR B 4 -15.14 33.82 38.18
N LYS B 5 -16.40 33.97 37.75
CA LYS B 5 -17.54 34.26 38.62
C LYS B 5 -18.38 33.02 38.85
N CYS B 6 -18.31 32.44 40.04
CA CYS B 6 -18.90 31.09 40.28
C CYS B 6 -20.04 31.12 41.27
N LYS B 7 -21.25 30.66 40.94
CA LYS B 7 -22.31 30.65 41.98
C LYS B 7 -22.24 29.42 42.88
N ALA B 8 -21.49 28.38 42.53
CA ALA B 8 -21.18 27.24 43.39
C ALA B 8 -19.89 26.59 42.90
N ALA B 9 -19.24 25.81 43.75
CA ALA B 9 -18.01 25.10 43.34
C ALA B 9 -18.25 24.28 42.07
N GLY B 10 -17.40 24.45 41.03
CA GLY B 10 -17.56 23.74 39.76
C GLY B 10 -18.68 24.22 38.86
N ASN B 11 -19.32 25.36 39.15
CA ASN B 11 -20.42 25.91 38.34
C ASN B 11 -20.20 27.41 38.12
N CYS B 12 -19.44 27.79 37.08
CA CYS B 12 -19.01 29.16 36.79
C CYS B 12 -19.59 29.69 35.47
N TRP B 13 -20.45 29.00 34.70
CA TRP B 13 -20.97 29.50 33.42
C TRP B 13 -21.82 30.78 33.56
N GLU B 14 -21.70 31.71 32.58
CA GLU B 14 -22.55 32.93 32.46
C GLU B 14 -22.93 33.13 30.98
N PRO B 15 -24.09 33.68 30.65
CA PRO B 15 -24.40 34.03 29.26
C PRO B 15 -23.56 35.21 28.72
N LYS B 16 -23.24 35.22 27.41
CA LYS B 16 -22.50 36.32 26.80
C LYS B 16 -23.42 37.53 26.61
N PRO B 17 -22.90 38.74 26.39
CA PRO B 17 -23.76 39.94 26.26
C PRO B 17 -24.79 39.78 25.13
N GLY B 18 -26.04 40.11 25.49
CA GLY B 18 -27.20 39.94 24.68
C GLY B 18 -27.83 38.56 24.61
N PHE B 19 -27.33 37.55 25.28
CA PHE B 19 -27.85 36.18 25.23
C PHE B 19 -28.62 35.82 26.50
N PRO B 20 -29.55 34.84 26.43
CA PRO B 20 -30.38 34.44 27.57
C PRO B 20 -29.78 33.41 28.56
N GLU B 21 -30.23 33.44 29.83
CA GLU B 21 -29.83 32.44 30.82
C GLU B 21 -30.39 31.06 30.49
N LYS B 22 -31.57 30.97 29.89
CA LYS B 22 -32.15 29.71 29.42
C LYS B 22 -32.55 29.77 27.93
N ILE B 23 -32.33 28.68 27.16
CA ILE B 23 -32.63 28.76 25.73
C ILE B 23 -34.03 28.23 25.37
N ALA B 24 -34.73 27.43 26.19
CA ALA B 24 -36.11 27.04 25.87
C ALA B 24 -37.04 28.25 25.60
N GLY B 25 -37.77 28.32 24.48
CA GLY B 25 -38.68 29.42 24.19
C GLY B 25 -38.03 30.60 23.48
N SER B 26 -36.70 30.55 23.31
CA SER B 26 -35.90 31.62 22.69
C SER B 26 -35.64 31.34 21.20
N LYS B 27 -35.00 32.29 20.49
CA LYS B 27 -34.73 32.01 19.08
C LYS B 27 -33.60 30.99 18.88
N TYR B 28 -32.92 30.54 19.94
CA TYR B 28 -31.91 29.48 19.92
C TYR B 28 -32.37 28.11 20.43
N ASP B 29 -33.67 27.93 20.69
CA ASP B 29 -34.22 26.65 21.22
C ASP B 29 -33.89 25.48 20.31
N PRO B 30 -33.20 24.41 20.73
CA PRO B 30 -32.92 23.28 19.83
C PRO B 30 -34.17 22.44 19.54
N LYS B 31 -35.20 22.45 20.39
CA LYS B 31 -36.42 21.70 20.02
C LYS B 31 -36.16 20.21 19.79
N HIS B 32 -35.41 19.54 20.69
CA HIS B 32 -35.08 18.12 20.50
C HIS B 32 -36.28 17.18 20.66
N ASP B 33 -36.38 16.16 19.80
CA ASP B 33 -37.36 15.08 19.92
C ASP B 33 -37.05 14.14 21.06
N PRO B 34 -37.80 14.08 22.15
CA PRO B 34 -37.50 13.11 23.23
C PRO B 34 -37.31 11.67 22.75
N LYS B 35 -38.04 11.18 21.73
CA LYS B 35 -37.80 9.80 21.30
C LYS B 35 -36.46 9.59 20.65
N GLU B 36 -35.86 10.50 19.90
CA GLU B 36 -34.51 10.43 19.37
C GLU B 36 -33.46 10.48 20.49
N LEU B 37 -33.63 11.32 21.51
CA LEU B 37 -32.67 11.38 22.64
C LEU B 37 -32.50 10.01 23.32
N ASN B 38 -33.52 9.16 23.38
CA ASN B 38 -33.49 7.91 24.15
C ASN B 38 -32.93 6.74 23.34
N LYS B 39 -32.59 6.88 22.05
CA LYS B 39 -32.17 5.72 21.22
C LYS B 39 -30.85 5.12 21.66
N GLN B 40 -29.79 5.84 22.03
CA GLN B 40 -28.52 5.15 22.35
C GLN B 40 -28.59 4.39 23.68
N ALA B 41 -29.36 4.81 24.69
CA ALA B 41 -29.47 3.99 25.93
C ALA B 41 -30.24 2.69 25.67
N ASP B 42 -31.29 2.67 24.81
CA ASP B 42 -32.00 1.43 24.46
C ASP B 42 -31.04 0.47 23.75
N SER B 43 -30.17 0.97 22.87
CA SER B 43 -29.19 0.13 22.16
C SER B 43 -28.19 -0.53 23.10
N ILE B 44 -27.66 0.22 24.11
CA ILE B 44 -26.76 -0.34 25.12
C ILE B 44 -27.43 -1.44 25.93
N LYS B 45 -28.69 -1.31 26.33
CA LYS B 45 -29.39 -2.40 27.04
C LYS B 45 -29.48 -3.66 26.19
N GLN B 46 -29.78 -3.56 24.89
CA GLN B 46 -29.85 -4.75 24.01
C GLN B 46 -28.47 -5.40 23.83
N MET B 47 -27.35 -4.68 23.68
CA MET B 47 -26.01 -5.27 23.61
C MET B 47 -25.63 -6.02 24.90
N GLU B 48 -25.86 -5.46 26.09
CA GLU B 48 -25.54 -6.04 27.40
C GLU B 48 -26.29 -7.36 27.58
N GLU B 49 -27.56 -7.44 27.17
CA GLU B 49 -28.33 -8.71 27.30
C GLU B 49 -27.81 -9.76 26.34
N ARG B 50 -27.47 -9.52 25.07
CA ARG B 50 -26.87 -10.52 24.18
C ARG B 50 -25.51 -11.00 24.73
N ASN B 51 -24.65 -10.08 25.21
CA ASN B 51 -23.34 -10.47 25.76
C ASN B 51 -23.50 -11.38 26.98
N LYS B 52 -24.49 -11.11 27.88
CA LYS B 52 -24.67 -12.02 29.04
C LYS B 52 -25.01 -13.44 28.63
N LYS B 53 -25.85 -13.63 27.59
CA LYS B 53 -26.15 -14.98 27.07
C LYS B 53 -24.87 -15.64 26.55
N ARG B 54 -24.01 -14.91 25.84
CA ARG B 54 -22.74 -15.51 25.29
C ARG B 54 -21.80 -15.91 26.44
N VAL B 55 -21.62 -15.06 27.45
CA VAL B 55 -20.65 -15.32 28.55
C VAL B 55 -21.10 -16.47 29.45
N GLU B 56 -22.38 -16.52 29.86
CA GLU B 56 -22.85 -17.63 30.74
C GLU B 56 -22.75 -18.99 30.02
N ASN B 57 -23.04 -19.04 28.70
CA ASN B 57 -22.88 -20.30 27.97
C ASN B 57 -21.42 -20.74 27.86
N PHE B 58 -20.47 -19.82 27.68
CA PHE B 58 -19.02 -20.14 27.67
C PHE B 58 -18.56 -20.70 29.01
N LYS B 59 -18.98 -20.10 30.14
CA LYS B 59 -18.55 -20.62 31.42
C LYS B 59 -19.12 -22.01 31.72
N LYS B 60 -20.35 -22.31 31.30
CA LYS B 60 -20.97 -23.62 31.58
C LYS B 60 -20.45 -24.75 30.67
N THR B 61 -20.13 -24.47 29.40
CA THR B 61 -19.80 -25.50 28.41
C THR B 61 -18.31 -25.57 28.04
N GLY B 62 -17.55 -24.51 28.25
CA GLY B 62 -16.17 -24.38 27.85
C GLY B 62 -15.90 -24.11 26.38
N LYS B 63 -16.94 -23.90 25.58
CA LYS B 63 -16.92 -23.62 24.14
C LYS B 63 -17.60 -22.28 23.82
N PHE B 64 -16.90 -21.35 23.17
CA PHE B 64 -17.51 -20.03 22.93
C PHE B 64 -18.43 -20.04 21.70
N GLU B 65 -19.67 -19.55 21.77
CA GLU B 65 -20.64 -19.32 20.68
C GLU B 65 -21.12 -17.85 20.60
N TYR B 66 -20.84 -17.11 19.52
CA TYR B 66 -21.23 -15.70 19.32
C TYR B 66 -22.69 -15.56 18.86
N ASP B 67 -23.24 -16.50 18.06
CA ASP B 67 -24.63 -16.38 17.53
C ASP B 67 -25.66 -16.81 18.59
N VAL B 68 -26.37 -15.85 19.21
CA VAL B 68 -27.25 -16.22 20.33
C VAL B 68 -28.44 -17.07 19.89
N ALA B 69 -28.81 -17.12 18.62
CA ALA B 69 -29.87 -18.03 18.16
C ALA B 69 -29.46 -19.50 18.25
N LYS B 70 -28.15 -19.78 18.34
CA LYS B 70 -27.67 -21.16 18.48
C LYS B 70 -27.50 -21.60 19.95
N ILE B 71 -27.80 -20.78 20.96
CA ILE B 71 -27.70 -21.03 22.38
C ILE B 71 -29.09 -21.33 22.94
N SER B 72 -29.24 -22.51 23.52
CA SER B 72 -30.61 -22.91 23.88
C SER B 72 -31.13 -22.18 25.12
N ALA B 73 -30.37 -21.88 26.06
N ASN C 1 16.16 5.81 -32.86
CA ASN C 1 16.44 7.22 -32.58
C ASN C 1 17.92 7.42 -32.23
N ASP C 2 18.64 8.30 -32.95
CA ASP C 2 20.09 8.41 -32.83
C ASP C 2 20.52 8.97 -31.49
N LYS C 3 19.80 9.96 -30.97
CA LYS C 3 20.11 10.51 -29.64
C LYS C 3 19.77 9.53 -28.54
N LEU C 4 18.77 8.63 -28.63
CA LEU C 4 18.53 7.60 -27.60
C LEU C 4 19.72 6.65 -27.57
N VAL C 5 20.32 6.33 -28.73
CA VAL C 5 21.50 5.45 -28.74
C VAL C 5 22.64 6.10 -27.94
N GLU C 6 22.88 7.41 -28.22
CA GLU C 6 23.93 8.12 -27.50
C GLU C 6 23.66 8.24 -26.00
N LEU C 7 22.44 8.59 -25.63
CA LEU C 7 22.11 8.66 -24.20
C LEU C 7 22.31 7.32 -23.49
N SER C 8 22.03 6.19 -24.14
CA SER C 8 22.15 4.88 -23.48
C SER C 8 23.61 4.50 -23.17
N LYS C 9 24.57 5.21 -23.76
CA LYS C 9 25.98 4.94 -23.49
C LYS C 9 26.47 5.54 -22.16
N SER C 10 25.71 6.37 -21.48
CA SER C 10 26.16 6.90 -20.19
C SER C 10 25.64 6.09 -19.01
N ASP C 11 26.50 5.77 -18.04
CA ASP C 11 26.04 5.01 -16.86
C ASP C 11 25.22 5.84 -15.88
N ASP C 12 25.16 7.18 -16.07
CA ASP C 12 24.23 7.99 -15.27
C ASP C 12 22.77 7.81 -15.70
N ASN C 13 22.46 7.19 -16.84
CA ASN C 13 21.10 7.06 -17.35
C ASN C 13 20.54 5.64 -17.51
N TRP C 14 19.22 5.45 -17.52
CA TRP C 14 18.45 4.27 -17.97
C TRP C 14 17.25 4.79 -18.79
N VAL C 15 17.33 4.78 -20.13
CA VAL C 15 16.44 5.59 -20.97
C VAL C 15 15.30 4.85 -21.67
N MET C 16 15.16 3.52 -21.61
CA MET C 16 14.10 2.81 -22.33
C MET C 16 13.83 1.49 -21.59
N PRO C 17 12.67 0.85 -21.79
CA PRO C 17 12.46 -0.53 -21.33
C PRO C 17 13.60 -1.45 -21.85
N GLY C 18 14.22 -2.29 -20.99
CA GLY C 18 15.34 -3.16 -21.43
C GLY C 18 16.73 -2.50 -21.55
N LYS C 19 16.95 -1.25 -21.15
CA LYS C 19 18.18 -0.46 -21.08
C LYS C 19 18.65 0.10 -22.44
N ASN C 20 18.73 -0.76 -23.48
CA ASN C 20 19.32 -0.37 -24.78
C ASN C 20 18.62 -1.10 -25.91
N TYR C 21 18.84 -0.80 -27.19
CA TYR C 21 18.07 -1.42 -28.30
C TYR C 21 18.42 -2.91 -28.46
N ASP C 22 19.59 -3.40 -27.96
CA ASP C 22 19.86 -4.86 -27.91
C ASP C 22 18.99 -5.59 -26.88
N SER C 23 18.44 -4.88 -25.90
CA SER C 23 17.54 -5.37 -24.83
C SER C 23 18.32 -6.33 -23.91
N ASN C 24 19.61 -6.06 -23.59
CA ASN C 24 20.40 -7.03 -22.78
C ASN C 24 20.32 -6.79 -21.26
N ASN C 25 19.77 -5.73 -20.70
CA ASN C 25 19.71 -5.48 -19.23
C ASN C 25 21.09 -5.66 -18.61
N PHE C 26 22.19 -5.24 -19.24
CA PHE C 26 23.61 -5.42 -18.81
C PHE C 26 24.34 -4.07 -18.55
N SER C 27 24.93 -3.92 -17.34
CA SER C 27 25.72 -2.70 -16.99
C SER C 27 27.22 -2.93 -16.87
N ASP C 28 28.01 -2.01 -17.44
CA ASP C 28 29.49 -2.00 -17.31
C ASP C 28 29.95 -1.55 -15.93
N LEU C 29 29.07 -1.10 -15.01
CA LEU C 29 29.49 -0.65 -13.68
C LEU C 29 30.05 -1.78 -12.80
N LYS C 30 31.13 -1.60 -12.04
CA LYS C 30 31.66 -2.64 -11.13
C LYS C 30 32.04 -2.06 -9.76
N GLN C 31 31.52 -0.89 -9.33
CA GLN C 31 31.71 -0.44 -7.95
C GLN C 31 31.14 -1.44 -6.93
N ILE C 32 29.94 -1.97 -7.16
CA ILE C 32 29.33 -3.10 -6.45
C ILE C 32 29.80 -4.39 -7.12
N ASN C 33 30.41 -5.34 -6.39
CA ASN C 33 31.00 -6.54 -7.04
C ASN C 33 30.99 -7.75 -6.09
N LYS C 34 31.40 -8.95 -6.55
CA LYS C 34 31.30 -10.15 -5.71
C LYS C 34 32.13 -10.01 -4.43
N GLY C 35 33.15 -9.13 -4.43
CA GLY C 35 34.00 -8.93 -3.25
C GLY C 35 33.44 -8.05 -2.14
N ASN C 36 32.40 -7.27 -2.45
CA ASN C 36 31.83 -6.35 -1.44
C ASN C 36 30.30 -6.33 -1.37
N VAL C 37 29.56 -7.18 -2.12
CA VAL C 37 28.08 -7.15 -2.13
C VAL C 37 27.50 -7.38 -0.74
N LYS C 38 28.16 -8.07 0.20
CA LYS C 38 27.58 -8.23 1.55
C LYS C 38 27.32 -6.89 2.23
N GLN C 39 27.93 -5.77 1.79
CA GLN C 39 27.74 -4.45 2.37
C GLN C 39 26.52 -3.70 1.79
N LEU C 40 25.80 -4.16 0.79
CA LEU C 40 24.64 -3.53 0.16
C LEU C 40 23.44 -3.40 1.12
N ARG C 41 22.87 -2.20 1.29
CA ARG C 41 21.69 -1.99 2.16
C ARG C 41 20.86 -0.78 1.63
N PRO C 42 19.57 -0.61 1.98
CA PRO C 42 18.77 0.49 1.46
C PRO C 42 19.29 1.91 1.75
N ALA C 43 19.21 2.83 0.78
CA ALA C 43 19.57 4.26 0.83
C ALA C 43 18.33 5.17 0.92
N TRP C 44 17.21 4.84 0.24
CA TRP C 44 15.93 5.61 0.33
C TRP C 44 14.77 4.79 -0.24
N THR C 45 13.50 5.16 0.04
CA THR C 45 12.31 4.45 -0.44
C THR C 45 11.18 5.41 -0.87
N PHE C 46 10.15 5.01 -1.61
CA PHE C 46 8.98 5.80 -2.08
C PHE C 46 7.72 4.92 -2.30
N SER C 47 6.61 5.15 -1.59
CA SER C 47 5.32 4.46 -1.80
C SER C 47 4.49 5.11 -2.95
N THR C 48 3.88 4.28 -3.83
CA THR C 48 3.04 4.82 -4.93
C THR C 48 1.61 5.20 -4.52
N GLY C 49 1.08 4.79 -3.34
CA GLY C 49 -0.31 5.08 -2.95
C GLY C 49 -1.36 4.12 -3.47
N LEU C 50 -0.94 3.02 -4.12
CA LEU C 50 -1.84 2.03 -4.72
C LEU C 50 -1.43 0.61 -4.35
N LEU C 51 -2.36 -0.36 -4.40
CA LEU C 51 -2.07 -1.79 -4.24
C LEU C 51 -2.11 -2.48 -5.63
N ASN C 52 -2.37 -3.80 -5.70
CA ASN C 52 -2.28 -4.58 -6.96
C ASN C 52 -0.85 -4.71 -7.47
N GLY C 53 -0.62 -5.48 -8.55
CA GLY C 53 0.76 -5.76 -9.02
C GLY C 53 1.50 -4.56 -9.62
N HIS C 54 2.81 -4.40 -9.29
CA HIS C 54 3.70 -3.35 -9.82
C HIS C 54 4.78 -3.91 -10.77
N GLU C 55 4.55 -3.95 -12.10
CA GLU C 55 5.42 -4.54 -13.13
C GLU C 55 6.35 -3.53 -13.76
N GLY C 56 7.29 -3.98 -14.63
CA GLY C 56 8.31 -3.12 -15.25
C GLY C 56 9.37 -2.60 -14.28
N ALA C 57 9.99 -1.45 -14.59
CA ALA C 57 11.02 -0.79 -13.79
C ALA C 57 11.04 0.75 -14.03
N PRO C 58 11.52 1.58 -13.10
CA PRO C 58 11.65 3.03 -13.36
C PRO C 58 12.59 3.42 -14.53
N LEU C 59 12.44 4.68 -15.03
CA LEU C 59 13.41 5.29 -15.94
C LEU C 59 14.27 6.34 -15.21
N VAL C 60 15.52 6.59 -15.61
CA VAL C 60 16.35 7.67 -15.06
C VAL C 60 16.97 8.43 -16.23
N VAL C 61 16.76 9.77 -16.29
CA VAL C 61 17.41 10.61 -17.33
C VAL C 61 17.67 12.01 -16.78
N ASP C 62 18.85 12.56 -17.01
CA ASP C 62 19.15 13.94 -16.60
C ASP C 62 18.88 14.26 -15.14
N GLY C 63 19.28 13.40 -14.24
CA GLY C 63 19.17 13.66 -12.81
C GLY C 63 17.80 13.47 -12.18
N LYS C 64 16.84 12.87 -12.95
CA LYS C 64 15.47 12.63 -12.43
C LYS C 64 15.02 11.17 -12.58
N MET C 65 14.18 10.64 -11.64
CA MET C 65 13.57 9.30 -11.75
C MET C 65 12.09 9.43 -12.12
N TYR C 66 11.57 8.66 -13.10
CA TYR C 66 10.16 8.61 -13.48
C TYR C 66 9.51 7.26 -13.11
N ILE C 67 8.45 7.28 -12.31
CA ILE C 67 7.76 6.14 -11.67
C ILE C 67 6.35 5.94 -12.20
N HIS C 68 5.89 4.71 -12.51
CA HIS C 68 4.54 4.40 -12.94
C HIS C 68 3.88 3.31 -12.04
N THR C 69 2.55 3.18 -12.08
CA THR C 69 1.78 2.34 -11.14
C THR C 69 0.81 1.35 -11.81
N SER C 70 0.10 0.56 -10.97
CA SER C 70 -1.10 -0.15 -11.36
C SER C 70 -2.30 0.78 -11.70
N PHE C 71 -3.45 0.26 -12.14
CA PHE C 71 -4.68 1.07 -12.43
C PHE C 71 -5.01 1.98 -11.23
N PRO C 72 -5.40 3.26 -11.38
CA PRO C 72 -5.65 4.03 -12.62
C PRO C 72 -4.46 4.69 -13.31
N ASN C 73 -3.26 4.08 -13.23
CA ASN C 73 -2.10 4.42 -14.11
C ASN C 73 -1.55 5.83 -13.88
N ASN C 74 -1.13 6.13 -12.63
CA ASN C 74 -0.52 7.43 -12.24
C ASN C 74 0.98 7.50 -12.62
N THR C 75 1.52 8.70 -12.84
CA THR C 75 2.93 8.95 -13.16
C THR C 75 3.51 9.98 -12.17
N PHE C 76 4.71 9.78 -11.63
CA PHE C 76 5.42 10.68 -10.70
C PHE C 76 6.83 11.02 -11.21
N ALA C 77 7.35 12.26 -11.05
CA ALA C 77 8.73 12.66 -11.38
C ALA C 77 9.45 13.10 -10.08
N LEU C 78 10.63 12.54 -9.77
CA LEU C 78 11.44 12.88 -8.57
C LEU C 78 12.83 13.39 -8.92
N GLY C 79 13.41 14.41 -8.23
CA GLY C 79 14.80 14.84 -8.38
C GLY C 79 15.76 14.06 -7.47
N LEU C 80 16.86 13.53 -8.02
CA LEU C 80 17.74 12.60 -7.27
C LEU C 80 18.50 13.25 -6.13
N ASP C 81 18.76 14.56 -6.15
CA ASP C 81 19.37 15.21 -4.97
C ASP C 81 18.39 15.38 -3.79
N ASP C 82 17.06 15.27 -3.98
CA ASP C 82 16.06 15.48 -2.90
C ASP C 82 14.77 14.71 -3.22
N PRO C 83 14.78 13.37 -3.21
CA PRO C 83 13.59 12.62 -3.69
C PRO C 83 12.36 12.72 -2.81
N GLY C 84 12.47 13.34 -1.61
CA GLY C 84 11.28 13.66 -0.80
C GLY C 84 10.33 14.66 -1.45
N THR C 85 10.79 15.57 -2.35
CA THR C 85 9.89 16.50 -3.06
C THR C 85 9.36 15.91 -4.38
N ILE C 86 8.02 15.82 -4.59
CA ILE C 86 7.45 15.33 -5.88
C ILE C 86 7.39 16.47 -6.87
N LEU C 87 8.13 16.43 -7.98
CA LEU C 87 8.22 17.56 -8.95
C LEU C 87 6.91 17.76 -9.69
N TRP C 88 6.25 16.67 -10.14
CA TRP C 88 4.95 16.71 -10.80
C TRP C 88 4.25 15.35 -10.77
N GLN C 89 2.92 15.30 -10.93
CA GLN C 89 2.11 14.07 -10.94
C GLN C 89 1.02 14.15 -12.03
N ASP C 90 0.75 13.07 -12.76
CA ASP C 90 -0.39 12.94 -13.68
C ASP C 90 -1.36 11.88 -13.12
N LYS C 91 -2.63 12.19 -12.89
CA LYS C 91 -3.64 11.26 -12.31
C LYS C 91 -4.88 11.13 -13.22
N PRO C 92 -4.92 10.21 -14.20
CA PRO C 92 -6.05 10.02 -15.15
C PRO C 92 -7.41 9.71 -14.52
N LYS C 93 -8.49 10.22 -15.13
CA LYS C 93 -9.88 9.88 -14.86
C LYS C 93 -10.33 8.82 -15.87
N GLN C 94 -10.69 7.60 -15.46
CA GLN C 94 -11.06 6.48 -16.34
C GLN C 94 -12.36 5.81 -15.87
N ASN C 95 -13.11 5.22 -16.78
CA ASN C 95 -14.33 4.45 -16.45
C ASN C 95 -14.04 3.22 -15.58
N PRO C 96 -14.61 3.07 -14.39
CA PRO C 96 -14.34 1.89 -13.55
C PRO C 96 -14.70 0.57 -14.23
N ALA C 97 -15.53 0.56 -15.28
CA ALA C 97 -15.84 -0.71 -15.99
C ALA C 97 -14.61 -1.32 -16.68
N ALA C 98 -13.52 -0.56 -16.83
CA ALA C 98 -12.29 -1.16 -17.45
C ALA C 98 -11.76 -2.31 -16.61
N ARG C 99 -11.99 -2.29 -15.29
CA ARG C 99 -11.52 -3.38 -14.42
C ARG C 99 -12.12 -4.75 -14.75
N ALA C 100 -13.39 -4.76 -15.20
CA ALA C 100 -14.13 -5.99 -15.39
C ALA C 100 -13.73 -6.76 -16.65
N VAL C 101 -12.97 -6.17 -17.57
CA VAL C 101 -12.51 -6.88 -18.77
C VAL C 101 -10.99 -7.09 -18.79
N ALA C 102 -10.29 -6.90 -17.67
CA ALA C 102 -8.88 -7.31 -17.53
C ALA C 102 -8.71 -8.79 -17.18
N CYS C 103 -7.97 -9.64 -17.90
CA CYS C 103 -7.88 -11.07 -17.56
C CYS C 103 -7.08 -11.30 -16.29
N CYS C 104 -6.04 -10.52 -16.04
CA CYS C 104 -4.88 -11.01 -15.29
C CYS C 104 -4.24 -10.03 -14.30
N ASP C 105 -5.04 -9.31 -13.58
CA ASP C 105 -4.73 -8.21 -12.63
C ASP C 105 -4.56 -6.84 -13.37
N LEU C 106 -4.61 -5.75 -12.61
CA LEU C 106 -4.63 -4.35 -13.10
C LEU C 106 -3.23 -3.77 -13.32
N VAL C 107 -2.32 -4.49 -13.99
CA VAL C 107 -0.88 -4.23 -14.16
C VAL C 107 -0.56 -3.30 -15.35
N ASN C 108 0.66 -2.70 -15.33
CA ASN C 108 1.21 -1.95 -16.48
C ASN C 108 2.74 -2.08 -16.55
N ARG C 109 3.31 -2.34 -17.74
CA ARG C 109 4.76 -2.68 -17.84
C ARG C 109 5.69 -1.47 -18.04
N GLY C 110 5.21 -0.21 -18.12
CA GLY C 110 6.13 0.93 -17.97
C GLY C 110 6.15 2.04 -19.00
N LEU C 111 7.08 3.01 -18.87
CA LEU C 111 7.19 4.27 -19.63
C LEU C 111 8.25 4.23 -20.73
N ALA C 112 8.15 5.13 -21.72
CA ALA C 112 9.23 5.35 -22.68
C ALA C 112 9.53 6.86 -22.74
N TYR C 113 10.61 7.25 -23.40
CA TYR C 113 11.13 8.62 -23.43
C TYR C 113 11.54 9.01 -24.84
N TRP C 114 11.14 10.19 -25.34
CA TRP C 114 11.58 10.76 -26.63
C TRP C 114 12.37 12.10 -26.38
N PRO C 115 13.62 12.26 -26.83
CA PRO C 115 14.49 13.34 -26.34
C PRO C 115 14.25 14.73 -26.92
N GLY C 116 13.31 14.94 -27.81
CA GLY C 116 13.04 16.29 -28.23
C GLY C 116 13.82 16.57 -29.50
N ASP C 117 13.20 17.61 -30.14
CA ASP C 117 13.93 17.92 -31.31
C ASP C 117 14.29 19.45 -31.38
N GLY C 118 13.84 20.29 -32.33
CA GLY C 118 13.98 21.72 -32.45
C GLY C 118 12.72 22.57 -32.53
N LYS C 119 11.87 22.44 -31.52
CA LYS C 119 10.60 23.09 -31.29
C LYS C 119 9.62 22.14 -30.59
N THR C 120 9.86 20.83 -30.52
CA THR C 120 8.93 20.07 -29.67
C THR C 120 9.69 19.61 -28.43
N PRO C 121 9.22 19.81 -27.21
CA PRO C 121 10.07 19.49 -26.04
C PRO C 121 10.14 17.99 -25.81
N ALA C 122 11.08 17.56 -24.97
CA ALA C 122 11.15 16.13 -24.64
C ALA C 122 9.87 15.60 -24.01
N LEU C 123 9.51 14.34 -24.27
CA LEU C 123 8.22 13.73 -23.89
C LEU C 123 8.32 12.42 -23.11
N ILE C 124 7.45 12.17 -22.14
CA ILE C 124 7.18 10.86 -21.50
C ILE C 124 5.96 10.22 -22.17
N LEU C 125 6.07 8.97 -22.65
CA LEU C 125 5.00 8.23 -23.32
C LEU C 125 4.40 7.16 -22.41
N LYS C 126 3.06 7.05 -22.34
CA LYS C 126 2.34 6.11 -21.44
C LYS C 126 1.08 5.48 -22.03
N THR C 127 0.69 4.25 -21.62
CA THR C 127 -0.59 3.62 -21.92
C THR C 127 -1.51 3.62 -20.67
N GLN C 128 -2.82 3.48 -20.87
CA GLN C 128 -3.84 3.38 -19.78
C GLN C 128 -4.71 2.12 -19.96
N LEU C 129 -5.19 1.44 -18.89
CA LEU C 129 -6.04 0.26 -19.03
C LEU C 129 -7.25 0.51 -19.94
N ASP C 130 -7.87 1.69 -19.88
CA ASP C 130 -9.06 1.99 -20.73
C ASP C 130 -8.74 2.14 -22.23
N GLY C 131 -7.50 1.95 -22.67
CA GLY C 131 -7.23 1.97 -24.12
C GLY C 131 -6.72 3.28 -24.69
N ASN C 132 -6.63 4.37 -23.90
CA ASN C 132 -5.99 5.60 -24.40
C ASN C 132 -4.44 5.57 -24.33
N VAL C 133 -3.77 6.31 -25.19
CA VAL C 133 -2.33 6.58 -25.25
C VAL C 133 -2.08 8.09 -25.12
N ALA C 134 -1.15 8.52 -24.26
CA ALA C 134 -0.86 9.95 -24.05
C ALA C 134 0.65 10.27 -24.07
N ALA C 135 1.02 11.47 -24.58
CA ALA C 135 2.32 12.12 -24.48
C ALA C 135 2.30 13.28 -23.47
N LEU C 136 3.18 13.24 -22.47
CA LEU C 136 3.31 14.25 -21.42
C LEU C 136 4.61 15.05 -21.55
N ASN C 137 4.58 16.38 -21.32
CA ASN C 137 5.82 17.21 -21.26
C ASN C 137 6.74 16.67 -20.17
N ALA C 138 7.97 16.20 -20.41
CA ALA C 138 8.84 15.61 -19.39
C ALA C 138 9.24 16.57 -18.28
N GLU C 139 9.30 17.87 -18.49
CA GLU C 139 9.64 18.87 -17.47
C GLU C 139 8.43 19.27 -16.63
N THR C 140 7.21 19.41 -17.18
CA THR C 140 6.07 19.89 -16.41
C THR C 140 4.92 18.89 -16.15
N GLY C 141 4.85 17.77 -16.86
CA GLY C 141 3.78 16.78 -16.78
C GLY C 141 2.50 17.08 -17.53
N GLU C 142 2.36 18.23 -18.21
CA GLU C 142 1.16 18.60 -18.92
C GLU C 142 0.95 17.74 -20.17
N THR C 143 -0.33 17.44 -20.50
CA THR C 143 -0.63 16.62 -21.69
C THR C 143 -0.41 17.36 -23.02
N VAL C 144 0.36 16.78 -23.95
CA VAL C 144 0.62 17.38 -25.28
C VAL C 144 -0.38 16.84 -26.30
N TRP C 145 -0.69 15.55 -26.27
CA TRP C 145 -1.71 14.87 -27.10
C TRP C 145 -2.20 13.57 -26.43
N LYS C 146 -3.40 13.08 -26.75
CA LYS C 146 -4.09 11.88 -26.25
C LYS C 146 -5.03 11.31 -27.33
N VAL C 147 -4.93 10.02 -27.65
CA VAL C 147 -5.74 9.35 -28.68
C VAL C 147 -6.30 8.00 -28.19
N GLU C 148 -7.41 7.56 -28.81
CA GLU C 148 -8.04 6.27 -28.50
C GLU C 148 -7.42 5.13 -29.33
N ASN C 149 -6.77 4.11 -28.72
CA ASN C 149 -6.22 2.93 -29.41
C ASN C 149 -7.11 1.69 -29.36
N SER C 150 -7.67 1.36 -28.20
CA SER C 150 -8.44 0.15 -27.89
C SER C 150 -9.79 0.46 -27.22
N ASP C 151 -10.87 -0.30 -27.45
CA ASP C 151 -12.24 -0.06 -26.95
C ASP C 151 -12.70 -1.08 -25.90
N ILE C 152 -12.88 -0.68 -24.61
CA ILE C 152 -13.30 -1.63 -23.57
C ILE C 152 -14.69 -2.24 -23.83
N LYS C 153 -15.56 -1.64 -24.65
CA LYS C 153 -16.89 -2.20 -24.88
C LYS C 153 -16.91 -3.52 -25.69
N VAL C 154 -15.81 -3.86 -26.38
CA VAL C 154 -15.61 -5.15 -27.05
C VAL C 154 -14.55 -5.99 -26.32
N GLY C 155 -14.18 -5.66 -25.06
CA GLY C 155 -13.20 -6.46 -24.30
C GLY C 155 -11.74 -6.12 -24.55
N SER C 156 -11.39 -4.98 -25.16
CA SER C 156 -10.01 -4.62 -25.56
C SER C 156 -9.37 -3.61 -24.61
N THR C 157 -8.23 -3.85 -23.97
CA THR C 157 -7.53 -3.05 -22.93
C THR C 157 -6.04 -2.82 -23.28
N LEU C 158 -5.26 -2.03 -22.51
CA LEU C 158 -3.81 -1.93 -22.68
C LEU C 158 -3.06 -2.16 -21.34
N THR C 159 -2.04 -3.01 -21.33
CA THR C 159 -1.06 -3.24 -20.23
C THR C 159 0.40 -3.10 -20.69
N ILE C 160 0.77 -3.18 -21.98
CA ILE C 160 2.14 -3.07 -22.53
C ILE C 160 2.74 -1.65 -22.36
N ALA C 161 4.09 -1.65 -22.23
CA ALA C 161 4.83 -0.37 -22.32
C ALA C 161 4.95 0.15 -23.76
N PRO C 162 4.87 1.46 -23.99
CA PRO C 162 5.23 2.02 -25.33
C PRO C 162 6.72 1.86 -25.67
N TYR C 163 7.10 1.95 -26.95
CA TYR C 163 8.50 1.81 -27.39
C TYR C 163 8.80 2.93 -28.43
N VAL C 164 9.83 3.75 -28.24
CA VAL C 164 10.15 4.84 -29.21
C VAL C 164 11.23 4.44 -30.20
N VAL C 165 11.02 4.57 -31.51
CA VAL C 165 12.01 4.32 -32.56
C VAL C 165 12.05 5.50 -33.55
N LYS C 166 13.17 6.12 -33.92
CA LYS C 166 13.17 7.39 -34.72
C LYS C 166 12.21 8.45 -34.16
N ASP C 167 11.28 9.04 -34.95
CA ASP C 167 10.28 9.97 -34.39
C ASP C 167 8.87 9.33 -34.35
N LYS C 168 8.74 8.03 -34.05
CA LYS C 168 7.49 7.26 -33.88
C LYS C 168 7.39 6.57 -32.53
N VAL C 169 6.18 6.27 -32.06
CA VAL C 169 5.96 5.45 -30.83
C VAL C 169 5.09 4.26 -31.20
N ILE C 170 5.48 3.03 -30.83
CA ILE C 170 4.81 1.78 -31.18
C ILE C 170 3.94 1.27 -30.04
N ILE C 171 2.69 0.87 -30.29
CA ILE C 171 1.66 0.49 -29.30
C ILE C 171 1.05 -0.88 -29.62
N GLY C 172 1.06 -1.81 -28.67
CA GLY C 172 0.50 -3.16 -28.79
C GLY C 172 -0.99 -3.30 -28.46
N SER C 173 -1.39 -4.49 -27.93
CA SER C 173 -2.80 -4.84 -27.74
C SER C 173 -3.00 -5.97 -26.70
N SER C 174 -4.19 -6.03 -26.05
CA SER C 174 -4.55 -7.04 -25.07
C SER C 174 -6.04 -7.42 -25.21
N GLY C 175 -6.40 -8.68 -24.90
CA GLY C 175 -7.77 -9.20 -24.91
C GLY C 175 -8.06 -10.50 -25.63
N ALA C 176 -7.06 -11.37 -25.89
CA ALA C 176 -7.35 -12.67 -26.56
C ALA C 176 -8.29 -13.55 -25.73
N GLU C 177 -8.31 -13.44 -24.41
CA GLU C 177 -9.28 -14.18 -23.59
C GLU C 177 -10.72 -13.70 -23.79
N LEU C 178 -10.95 -12.61 -24.49
CA LEU C 178 -12.29 -12.05 -24.84
C LEU C 178 -12.49 -12.01 -26.36
N GLY C 179 -11.71 -12.75 -27.19
CA GLY C 179 -11.90 -12.84 -28.63
C GLY C 179 -11.43 -11.62 -29.41
N VAL C 180 -10.53 -10.80 -28.86
CA VAL C 180 -9.94 -9.66 -29.60
C VAL C 180 -8.85 -10.13 -30.59
N ARG C 181 -9.02 -9.74 -31.87
CA ARG C 181 -8.09 -9.95 -33.00
C ARG C 181 -6.92 -8.98 -32.85
N GLY C 182 -5.67 -9.48 -32.74
CA GLY C 182 -4.54 -8.59 -32.44
C GLY C 182 -4.14 -7.65 -33.55
N TYR C 183 -3.62 -6.46 -33.16
CA TYR C 183 -2.98 -5.45 -33.98
C TYR C 183 -1.93 -4.64 -33.23
N LEU C 184 -0.88 -4.14 -33.89
CA LEU C 184 0.05 -3.14 -33.37
C LEU C 184 0.02 -1.87 -34.29
N THR C 185 0.31 -0.70 -33.72
CA THR C 185 0.16 0.63 -34.33
C THR C 185 1.37 1.55 -34.14
N ALA C 186 1.78 2.28 -35.20
CA ALA C 186 2.77 3.34 -35.08
C ALA C 186 2.10 4.73 -35.23
N TYR C 187 2.36 5.59 -34.26
CA TYR C 187 1.95 6.99 -34.28
C TYR C 187 3.13 7.97 -34.44
N ASP C 188 2.95 9.12 -35.08
CA ASP C 188 3.87 10.24 -35.07
C ASP C 188 4.07 10.75 -33.64
N VAL C 189 5.27 10.75 -33.08
CA VAL C 189 5.46 11.06 -31.63
C VAL C 189 5.18 12.51 -31.28
N LYS C 190 5.21 13.40 -32.27
CA LYS C 190 4.98 14.82 -32.06
C LYS C 190 3.50 15.22 -32.08
N THR C 191 2.66 14.47 -32.82
CA THR C 191 1.27 14.88 -33.00
C THR C 191 0.20 13.85 -32.69
N GLY C 192 0.46 12.56 -32.62
CA GLY C 192 -0.57 11.54 -32.44
C GLY C 192 -1.23 11.01 -33.70
N GLU C 193 -0.82 11.48 -34.88
CA GLU C 193 -1.35 11.00 -36.16
C GLU C 193 -1.00 9.55 -36.41
N GLN C 194 -1.96 8.70 -36.80
CA GLN C 194 -1.68 7.28 -37.13
C GLN C 194 -0.91 7.12 -38.44
N VAL C 195 0.24 6.45 -38.40
CA VAL C 195 1.02 6.22 -39.63
C VAL C 195 0.79 4.83 -40.21
N TRP C 196 0.78 3.72 -39.45
CA TRP C 196 0.60 2.36 -39.99
C TRP C 196 -0.03 1.49 -38.88
N ARG C 197 -0.78 0.46 -39.31
CA ARG C 197 -1.44 -0.49 -38.39
C ARG C 197 -1.45 -1.87 -39.03
N ALA C 198 -0.91 -2.92 -38.37
CA ALA C 198 -0.79 -4.30 -38.89
C ALA C 198 -1.52 -5.34 -38.03
N TYR C 199 -2.38 -6.20 -38.60
CA TYR C 199 -3.16 -7.21 -37.89
C TYR C 199 -2.46 -8.58 -37.89
N ALA C 200 -2.82 -9.45 -36.93
CA ALA C 200 -2.17 -10.77 -36.76
C ALA C 200 -2.87 -11.89 -37.51
N THR C 201 -4.11 -11.73 -37.98
CA THR C 201 -4.90 -12.69 -38.73
C THR C 201 -5.66 -12.03 -39.88
N GLY C 202 -6.21 -12.76 -40.85
CA GLY C 202 -7.04 -12.14 -41.90
C GLY C 202 -6.38 -12.03 -43.26
N PRO C 203 -7.00 -11.29 -44.20
CA PRO C 203 -6.46 -11.14 -45.57
C PRO C 203 -5.09 -10.46 -45.63
N ASP C 204 -4.27 -10.74 -46.66
CA ASP C 204 -2.90 -10.22 -46.73
C ASP C 204 -2.88 -8.69 -46.67
N LYS C 205 -3.85 -7.96 -47.25
CA LYS C 205 -3.88 -6.50 -47.20
C LYS C 205 -3.83 -6.03 -45.74
N ASP C 206 -4.49 -6.68 -44.81
CA ASP C 206 -4.53 -6.30 -43.39
C ASP C 206 -3.24 -6.68 -42.65
N LEU C 207 -2.52 -7.71 -43.08
CA LEU C 207 -1.30 -8.22 -42.45
C LEU C 207 -0.07 -7.34 -42.73
N LEU C 208 -0.08 -6.52 -43.78
CA LEU C 208 1.05 -5.71 -44.24
C LEU C 208 2.33 -6.54 -44.47
N LEU C 209 2.35 -7.38 -45.50
CA LEU C 209 3.52 -8.20 -45.83
C LEU C 209 4.39 -7.48 -46.84
N ALA C 210 5.71 -7.55 -46.69
CA ALA C 210 6.57 -7.08 -47.78
C ALA C 210 6.51 -7.96 -49.03
N SER C 211 6.89 -7.34 -50.18
CA SER C 211 6.86 -8.12 -51.42
C SER C 211 7.81 -9.33 -51.37
N ASP C 212 8.86 -9.36 -50.56
CA ASP C 212 9.75 -10.52 -50.36
C ASP C 212 9.60 -11.18 -49.00
N PHE C 213 8.43 -11.14 -48.35
CA PHE C 213 8.22 -11.84 -47.08
C PHE C 213 8.63 -13.31 -47.14
N ASN C 214 9.47 -13.74 -46.19
CA ASN C 214 10.01 -15.08 -46.02
C ASN C 214 10.72 -15.63 -47.27
N ILE C 215 11.36 -14.79 -48.11
CA ILE C 215 12.05 -15.33 -49.33
C ILE C 215 13.21 -16.26 -48.97
N LYS C 216 13.87 -16.11 -47.81
CA LYS C 216 14.97 -17.04 -47.49
C LYS C 216 14.51 -18.35 -46.89
N ASN C 217 13.37 -18.44 -46.23
CA ASN C 217 12.74 -19.59 -45.62
C ASN C 217 11.28 -19.75 -46.09
N PRO C 218 11.07 -20.03 -47.38
CA PRO C 218 9.67 -20.08 -47.89
C PRO C 218 8.83 -21.23 -47.35
N HIS C 219 9.52 -22.27 -46.83
CA HIS C 219 8.89 -23.42 -46.16
C HIS C 219 8.24 -22.97 -44.85
N TYR C 220 8.45 -21.80 -44.27
CA TYR C 220 7.72 -21.28 -43.11
C TYR C 220 6.24 -20.93 -43.48
N GLY C 221 5.98 -20.71 -44.78
CA GLY C 221 4.74 -20.17 -45.32
C GLY C 221 4.88 -18.77 -45.92
N GLN C 222 4.09 -18.43 -46.94
CA GLN C 222 4.11 -17.08 -47.55
C GLN C 222 2.70 -16.46 -47.66
N LYS C 223 2.12 -16.23 -48.87
CA LYS C 223 0.82 -15.54 -49.01
C LYS C 223 -0.40 -16.42 -48.73
N GLY C 224 -1.52 -15.78 -48.35
CA GLY C 224 -2.82 -16.37 -48.19
C GLY C 224 -3.16 -17.14 -46.93
N LEU C 225 -2.28 -17.25 -45.95
CA LEU C 225 -2.47 -18.16 -44.81
C LEU C 225 -3.21 -17.55 -43.62
N GLY C 226 -3.39 -16.23 -43.58
CA GLY C 226 -4.18 -15.56 -42.53
C GLY C 226 -5.67 -15.82 -42.65
N THR C 227 -6.15 -16.28 -43.83
CA THR C 227 -7.49 -16.84 -43.99
C THR C 227 -7.44 -18.33 -44.34
N GLY C 228 -6.39 -18.79 -45.04
CA GLY C 228 -6.32 -20.18 -45.50
C GLY C 228 -6.11 -21.24 -44.42
N THR C 229 -5.65 -20.88 -43.22
CA THR C 229 -5.48 -21.84 -42.10
C THR C 229 -6.55 -21.66 -41.01
N TRP C 230 -7.73 -21.14 -41.38
CA TRP C 230 -8.96 -21.02 -40.60
C TRP C 230 -10.18 -21.52 -41.40
N GLU C 231 -11.28 -21.90 -40.74
CA GLU C 231 -12.56 -22.28 -41.36
C GLU C 231 -13.54 -21.09 -41.37
N GLY C 232 -13.94 -20.66 -42.58
CA GLY C 232 -14.86 -19.51 -42.62
C GLY C 232 -14.32 -18.22 -41.99
N ASP C 233 -15.22 -17.48 -41.34
CA ASP C 233 -14.86 -16.19 -40.73
C ASP C 233 -14.36 -16.29 -39.30
N ALA C 234 -13.88 -17.44 -38.81
CA ALA C 234 -13.43 -17.55 -37.41
C ALA C 234 -12.21 -16.69 -37.13
N TRP C 235 -11.46 -16.29 -38.15
CA TRP C 235 -10.29 -15.39 -37.93
C TRP C 235 -10.68 -14.00 -37.39
N LYS C 236 -11.93 -13.59 -37.56
CA LYS C 236 -12.37 -12.26 -37.17
C LYS C 236 -12.31 -12.04 -35.65
N ILE C 237 -12.40 -13.11 -34.83
CA ILE C 237 -12.35 -13.09 -33.36
C ILE C 237 -11.15 -13.93 -32.89
N GLY C 238 -10.06 -14.01 -33.69
CA GLY C 238 -9.04 -15.02 -33.54
C GLY C 238 -7.83 -14.84 -32.68
N GLY C 239 -7.71 -13.81 -31.85
CA GLY C 239 -6.55 -13.61 -30.98
C GLY C 239 -5.28 -13.09 -31.64
N GLY C 240 -4.10 -13.40 -31.06
CA GLY C 240 -2.82 -12.90 -31.60
C GLY C 240 -2.44 -11.50 -31.08
N THR C 241 -3.06 -11.01 -29.99
CA THR C 241 -2.61 -9.76 -29.34
C THR C 241 -1.13 -9.78 -28.94
N ASN C 242 -0.42 -8.64 -28.95
CA ASN C 242 1.01 -8.53 -28.58
C ASN C 242 1.17 -7.61 -27.36
N TRP C 243 1.46 -8.15 -26.15
CA TRP C 243 1.44 -7.45 -24.85
C TRP C 243 2.79 -7.56 -24.09
N GLY C 244 3.85 -8.11 -24.74
CA GLY C 244 5.18 -8.33 -24.18
C GLY C 244 6.25 -7.25 -24.40
N TRP C 245 7.38 -7.53 -25.05
CA TRP C 245 8.53 -6.64 -25.20
C TRP C 245 9.06 -6.59 -26.65
N TYR C 246 9.86 -5.57 -26.98
CA TYR C 246 10.50 -5.38 -28.28
C TYR C 246 12.04 -5.28 -28.21
N ALA C 247 12.71 -5.54 -29.36
CA ALA C 247 14.09 -5.10 -29.60
C ALA C 247 14.19 -4.41 -30.98
N TYR C 248 15.30 -3.75 -31.28
CA TYR C 248 15.49 -3.01 -32.55
C TYR C 248 16.95 -3.03 -33.00
N ASP C 249 17.21 -3.22 -34.31
CA ASP C 249 18.53 -3.05 -34.94
C ASP C 249 18.55 -1.91 -35.99
N PRO C 250 19.22 -0.80 -35.70
CA PRO C 250 19.33 0.26 -36.69
C PRO C 250 19.91 -0.21 -38.04
N GLY C 251 20.76 -1.23 -38.04
CA GLY C 251 21.41 -1.74 -39.28
C GLY C 251 20.47 -2.52 -40.21
N THR C 252 19.42 -3.22 -39.70
CA THR C 252 18.38 -3.81 -40.52
C THR C 252 17.13 -2.92 -40.63
N ASN C 253 16.91 -1.89 -39.80
CA ASN C 253 15.69 -1.11 -39.61
C ASN C 253 14.50 -1.94 -39.14
N LEU C 254 14.67 -3.14 -38.58
CA LEU C 254 13.58 -3.97 -38.09
C LEU C 254 13.36 -3.92 -36.57
N ILE C 255 12.08 -3.88 -36.17
CA ILE C 255 11.62 -4.17 -34.79
C ILE C 255 11.31 -5.68 -34.69
N TYR C 256 11.67 -6.33 -33.57
CA TYR C 256 11.49 -7.76 -33.30
C TYR C 256 10.55 -7.99 -32.12
N PHE C 257 9.55 -8.89 -32.23
CA PHE C 257 8.48 -9.08 -31.22
C PHE C 257 7.66 -10.35 -31.58
N GLY C 258 6.88 -10.85 -30.59
CA GLY C 258 6.02 -12.02 -30.83
C GLY C 258 4.53 -11.78 -30.66
N THR C 259 3.67 -12.46 -31.47
CA THR C 259 2.22 -12.43 -31.31
C THR C 259 1.69 -13.54 -30.40
N GLY C 260 0.56 -13.29 -29.72
CA GLY C 260 -0.06 -14.12 -28.71
C GLY C 260 -0.93 -15.29 -29.22
N ASN C 261 -1.73 -15.89 -28.29
CA ASN C 261 -2.51 -17.13 -28.51
C ASN C 261 -3.78 -16.92 -29.37
N PRO C 262 -4.22 -17.92 -30.14
CA PRO C 262 -5.51 -17.89 -30.85
C PRO C 262 -6.66 -18.05 -29.84
N ALA C 263 -7.87 -17.58 -30.18
CA ALA C 263 -9.11 -17.68 -29.40
C ALA C 263 -10.17 -18.52 -30.07
N PRO C 264 -10.99 -19.28 -29.35
CA PRO C 264 -10.96 -19.50 -27.89
C PRO C 264 -9.89 -20.49 -27.43
N TRP C 265 -9.76 -20.80 -26.10
CA TRP C 265 -8.84 -21.85 -25.64
C TRP C 265 -9.31 -23.24 -26.09
N ASN C 266 -10.60 -23.44 -26.40
CA ASN C 266 -11.15 -24.72 -26.91
C ASN C 266 -10.71 -24.98 -28.34
N GLU C 267 -9.71 -25.83 -28.54
CA GLU C 267 -9.09 -26.07 -29.85
C GLU C 267 -10.07 -26.66 -30.88
N THR C 268 -11.09 -27.38 -30.42
CA THR C 268 -12.03 -28.08 -31.30
C THR C 268 -12.90 -27.11 -32.10
N MET C 269 -13.09 -25.90 -31.56
CA MET C 269 -13.89 -24.83 -32.19
C MET C 269 -13.12 -24.06 -33.28
N ARG C 270 -11.84 -24.32 -33.58
CA ARG C 270 -11.04 -23.58 -34.57
C ARG C 270 -10.02 -24.47 -35.29
N PRO C 271 -10.49 -25.45 -36.09
CA PRO C 271 -9.57 -26.34 -36.86
C PRO C 271 -8.64 -25.52 -37.73
N GLY C 272 -7.37 -25.91 -37.91
CA GLY C 272 -6.34 -25.29 -38.76
C GLY C 272 -5.11 -24.75 -38.01
N ASP C 273 -4.03 -24.44 -38.74
CA ASP C 273 -2.79 -23.94 -38.08
C ASP C 273 -2.98 -22.54 -37.49
N ASN C 274 -4.05 -21.77 -37.84
CA ASN C 274 -4.41 -20.51 -37.12
C ASN C 274 -3.35 -19.40 -37.29
N LYS C 275 -2.76 -19.24 -38.48
CA LYS C 275 -1.69 -18.23 -38.69
C LYS C 275 -2.32 -16.81 -38.70
N TRP C 276 -1.61 -15.76 -38.28
CA TRP C 276 -0.20 -15.74 -37.82
C TRP C 276 -0.13 -15.48 -36.30
N THR C 277 -0.98 -16.17 -35.49
CA THR C 277 -0.80 -16.24 -34.02
C THR C 277 0.51 -16.98 -33.68
N MET C 278 1.01 -16.84 -32.45
CA MET C 278 2.19 -17.59 -32.00
C MET C 278 3.42 -17.42 -32.89
N THR C 279 3.73 -16.22 -33.42
CA THR C 279 4.76 -16.01 -34.47
C THR C 279 5.84 -14.99 -34.05
N ILE C 280 7.13 -15.30 -34.32
CA ILE C 280 8.27 -14.37 -34.19
C ILE C 280 8.32 -13.47 -35.44
N PHE C 281 8.08 -12.18 -35.38
CA PHE C 281 8.09 -11.21 -36.49
C PHE C 281 9.30 -10.28 -36.50
N GLY C 282 9.77 -9.90 -37.69
CA GLY C 282 10.65 -8.76 -37.99
C GLY C 282 9.95 -7.76 -38.93
N ARG C 283 9.53 -6.56 -38.48
CA ARG C 283 8.75 -5.58 -39.23
C ARG C 283 9.52 -4.26 -39.42
N ASP C 284 9.46 -3.64 -40.63
CA ASP C 284 10.11 -2.34 -40.89
C ASP C 284 9.59 -1.22 -40.00
N ALA C 285 10.44 -0.43 -39.34
CA ALA C 285 9.97 0.59 -38.40
C ALA C 285 9.15 1.73 -39.05
N ASP C 286 9.47 2.05 -40.27
CA ASP C 286 8.84 3.20 -40.98
C ASP C 286 7.53 2.84 -41.70
N THR C 287 7.36 1.65 -42.28
CA THR C 287 6.17 1.23 -43.02
C THR C 287 5.33 0.13 -42.34
N GLY C 288 5.92 -0.60 -41.38
CA GLY C 288 5.27 -1.74 -40.72
C GLY C 288 5.35 -3.08 -41.45
N GLU C 289 5.86 -3.14 -42.70
CA GLU C 289 5.83 -4.33 -43.57
C GLU C 289 6.68 -5.45 -42.99
N ALA C 290 6.18 -6.67 -42.89
CA ALA C 290 6.94 -7.84 -42.37
C ALA C 290 7.97 -8.39 -43.37
N LYS C 291 9.24 -8.48 -42.95
CA LYS C 291 10.34 -9.12 -43.73
C LYS C 291 10.38 -10.63 -43.51
N PHE C 292 10.09 -11.10 -42.29
CA PHE C 292 10.04 -12.54 -41.97
C PHE C 292 9.02 -12.80 -40.85
N GLY C 293 8.53 -14.04 -40.79
CA GLY C 293 7.62 -14.54 -39.74
C GLY C 293 7.80 -16.07 -39.54
N TYR C 294 8.18 -16.49 -38.32
CA TYR C 294 8.35 -17.90 -37.92
C TYR C 294 7.26 -18.31 -36.92
N GLN C 295 6.30 -19.24 -37.26
CA GLN C 295 5.28 -19.70 -36.28
C GLN C 295 5.84 -20.81 -35.38
N LYS C 296 6.02 -20.54 -34.07
CA LYS C 296 6.58 -21.48 -33.10
C LYS C 296 5.58 -22.59 -32.73
N THR C 297 4.28 -22.26 -32.56
CA THR C 297 3.25 -23.20 -32.07
C THR C 297 2.03 -23.21 -33.03
N PRO C 298 2.10 -23.97 -34.12
CA PRO C 298 0.91 -24.15 -35.02
C PRO C 298 -0.30 -24.74 -34.28
N HIS C 299 -1.55 -24.29 -34.52
CA HIS C 299 -2.79 -24.85 -33.86
C HIS C 299 -2.61 -25.00 -32.34
N ASP C 300 -2.45 -23.91 -31.56
CA ASP C 300 -2.26 -24.01 -30.11
C ASP C 300 -3.35 -24.83 -29.40
N GLU C 301 -2.98 -25.65 -28.42
CA GLU C 301 -3.88 -26.48 -27.59
C GLU C 301 -3.71 -26.16 -26.09
N TRP C 302 -2.84 -25.21 -25.67
CA TRP C 302 -2.36 -25.06 -24.29
C TRP C 302 -2.31 -23.61 -23.77
N ASP C 303 -2.73 -22.55 -24.50
CA ASP C 303 -2.52 -21.13 -24.14
C ASP C 303 -1.03 -20.80 -23.98
N TYR C 304 -0.17 -21.23 -24.93
CA TYR C 304 1.26 -20.85 -24.83
C TYR C 304 1.55 -19.46 -25.45
N ALA C 305 0.89 -18.38 -24.99
CA ALA C 305 0.93 -17.08 -25.69
C ALA C 305 2.35 -16.61 -26.07
N GLY C 306 2.60 -16.35 -27.34
CA GLY C 306 3.96 -16.15 -27.87
C GLY C 306 4.64 -14.79 -27.70
N VAL C 307 4.40 -14.05 -26.62
CA VAL C 307 4.78 -12.65 -26.41
C VAL C 307 6.11 -12.42 -25.69
N ASN C 308 6.98 -13.41 -25.36
CA ASN C 308 8.06 -13.16 -24.40
C ASN C 308 9.26 -12.35 -24.95
N VAL C 309 10.18 -11.95 -24.07
CA VAL C 309 11.38 -11.10 -24.30
C VAL C 309 12.26 -11.54 -25.48
N MET C 310 12.84 -10.55 -26.18
CA MET C 310 13.77 -10.66 -27.31
C MET C 310 15.15 -10.11 -26.91
N MET C 311 16.26 -10.84 -26.99
CA MET C 311 17.59 -10.38 -26.58
C MET C 311 18.61 -10.51 -27.74
N LEU C 312 19.27 -9.43 -28.20
CA LEU C 312 20.17 -9.51 -29.38
C LEU C 312 21.62 -9.71 -28.99
N SER C 313 22.42 -10.35 -29.85
CA SER C 313 23.84 -10.67 -29.64
C SER C 313 24.56 -10.98 -30.96
N GLU C 314 25.90 -11.03 -30.97
CA GLU C 314 26.71 -11.42 -32.14
C GLU C 314 27.74 -12.46 -31.68
N GLN C 315 27.66 -13.69 -32.20
CA GLN C 315 28.48 -14.83 -31.76
C GLN C 315 28.88 -15.73 -32.94
N LYS C 316 29.95 -16.51 -32.86
CA LYS C 316 30.32 -17.46 -33.92
C LYS C 316 29.44 -18.72 -33.82
N ASP C 317 28.94 -19.26 -34.93
CA ASP C 317 28.10 -20.46 -34.93
C ASP C 317 28.95 -21.74 -34.94
N LYS C 318 28.37 -22.95 -35.02
CA LYS C 318 29.10 -24.20 -34.86
C LYS C 318 30.09 -24.43 -36.00
N ASP C 319 29.91 -23.77 -37.13
CA ASP C 319 30.91 -23.87 -38.20
C ASP C 319 31.94 -22.77 -38.17
N GLY C 320 31.98 -21.92 -37.15
CA GLY C 320 32.98 -20.88 -37.07
C GLY C 320 32.58 -19.57 -37.70
N LYS C 321 31.34 -19.42 -38.20
CA LYS C 321 31.03 -18.14 -38.85
C LYS C 321 30.37 -17.13 -37.93
N ALA C 322 30.72 -15.85 -38.04
CA ALA C 322 30.08 -14.77 -37.28
C ALA C 322 28.62 -14.52 -37.71
N ARG C 323 27.69 -14.53 -36.77
CA ARG C 323 26.28 -14.28 -37.03
C ARG C 323 25.70 -13.16 -36.14
N LYS C 324 24.78 -12.36 -36.67
CA LYS C 324 23.88 -11.46 -35.92
C LYS C 324 22.58 -12.17 -35.53
N LEU C 325 22.27 -12.25 -34.23
CA LEU C 325 21.27 -13.13 -33.63
C LEU C 325 20.19 -12.43 -32.79
N LEU C 326 19.05 -13.13 -32.60
CA LEU C 326 18.03 -12.91 -31.55
C LEU C 326 17.83 -14.20 -30.73
N THR C 327 17.62 -14.09 -29.42
CA THR C 327 17.40 -15.24 -28.52
C THR C 327 16.14 -15.00 -27.70
N HIS C 328 15.24 -15.99 -27.54
CA HIS C 328 13.83 -15.82 -27.12
C HIS C 328 13.30 -17.03 -26.35
N PRO C 329 13.14 -16.99 -25.02
CA PRO C 329 12.62 -18.15 -24.24
C PRO C 329 11.08 -18.17 -24.22
N ASP C 330 10.39 -19.13 -24.84
CA ASP C 330 8.91 -19.15 -24.99
C ASP C 330 8.14 -19.86 -23.88
N ARG C 331 6.84 -19.47 -23.72
CA ARG C 331 5.88 -20.19 -22.86
C ARG C 331 5.88 -21.71 -23.08
N ASN C 332 6.04 -22.17 -24.34
CA ASN C 332 5.90 -23.60 -24.73
C ASN C 332 7.04 -24.48 -24.23
N GLY C 333 8.08 -23.93 -23.54
CA GLY C 333 9.17 -24.80 -23.03
C GLY C 333 10.43 -24.85 -23.87
N ILE C 334 10.49 -24.16 -25.03
CA ILE C 334 11.62 -24.09 -25.94
C ILE C 334 12.28 -22.68 -25.94
N VAL C 335 13.64 -22.60 -25.89
CA VAL C 335 14.36 -21.34 -26.11
C VAL C 335 14.90 -21.32 -27.57
N TYR C 336 14.43 -20.32 -28.37
CA TYR C 336 14.73 -20.15 -29.79
C TYR C 336 15.86 -19.16 -30.08
N THR C 337 16.80 -19.48 -30.99
CA THR C 337 17.85 -18.55 -31.48
C THR C 337 17.75 -18.53 -33.03
N LEU C 338 17.57 -17.34 -33.63
CA LEU C 338 17.42 -17.10 -35.08
C LEU C 338 18.44 -16.08 -35.59
N ASP C 339 18.84 -16.17 -36.86
CA ASP C 339 19.54 -15.07 -37.56
C ASP C 339 18.57 -13.88 -37.74
N ARG C 340 18.96 -12.71 -37.20
CA ARG C 340 18.03 -11.54 -37.14
C ARG C 340 18.06 -10.77 -38.47
N THR C 341 18.90 -11.13 -39.45
CA THR C 341 18.88 -10.44 -40.75
C THR C 341 17.90 -11.13 -41.72
N ASP C 342 17.66 -12.45 -41.66
CA ASP C 342 16.79 -13.15 -42.65
C ASP C 342 15.84 -14.16 -42.02
N GLY C 343 15.89 -14.38 -40.69
CA GLY C 343 14.91 -15.33 -40.08
C GLY C 343 15.36 -16.78 -39.96
N ALA C 344 16.54 -17.17 -40.47
CA ALA C 344 16.96 -18.59 -40.40
C ALA C 344 17.06 -19.13 -38.98
N LEU C 345 16.64 -20.40 -38.77
CA LEU C 345 16.76 -21.07 -37.45
C LEU C 345 18.22 -21.51 -37.16
N VAL C 346 18.78 -21.17 -35.98
CA VAL C 346 20.13 -21.59 -35.53
C VAL C 346 20.03 -22.68 -34.44
N SER C 347 19.21 -22.46 -33.39
CA SER C 347 18.99 -23.51 -32.37
C SER C 347 17.61 -23.40 -31.72
N ALA C 348 17.11 -24.51 -31.15
CA ALA C 348 15.81 -24.58 -30.47
C ALA C 348 15.87 -25.70 -29.41
N ASN C 349 16.22 -25.34 -28.16
CA ASN C 349 16.51 -26.29 -27.08
C ASN C 349 15.52 -26.24 -25.93
N LYS C 350 15.29 -27.34 -25.20
CA LYS C 350 14.36 -27.34 -24.05
C LYS C 350 14.91 -26.50 -22.87
N LEU C 351 14.04 -25.72 -22.22
CA LEU C 351 14.34 -24.99 -20.96
C LEU C 351 14.58 -25.89 -19.74
N ASP C 352 14.00 -27.11 -19.71
CA ASP C 352 14.21 -28.14 -18.67
C ASP C 352 13.91 -29.51 -19.28
N ASP C 353 14.60 -30.58 -18.87
CA ASP C 353 14.37 -31.92 -19.48
C ASP C 353 12.99 -32.51 -19.15
N THR C 354 12.20 -31.93 -18.22
CA THR C 354 10.85 -32.42 -17.97
C THR C 354 9.81 -31.93 -18.99
N VAL C 355 10.12 -31.05 -19.96
CA VAL C 355 9.17 -30.70 -21.05
C VAL C 355 8.70 -31.96 -21.79
N ASN C 356 7.38 -32.20 -21.90
CA ASN C 356 6.84 -33.41 -22.58
C ASN C 356 5.84 -33.11 -23.71
N VAL C 357 5.47 -31.84 -23.97
CA VAL C 357 4.44 -31.57 -25.01
C VAL C 357 4.94 -31.83 -26.42
N PHE C 358 6.24 -31.62 -26.65
CA PHE C 358 6.96 -31.90 -27.89
C PHE C 358 8.12 -32.89 -27.62
N LYS C 359 8.44 -33.77 -28.58
CA LYS C 359 9.65 -34.60 -28.46
C LYS C 359 10.92 -33.80 -28.77
N SER C 360 10.82 -32.84 -29.70
CA SER C 360 11.92 -32.04 -30.22
C SER C 360 11.42 -30.99 -31.23
N VAL C 361 12.26 -30.03 -31.66
CA VAL C 361 11.94 -29.14 -32.80
C VAL C 361 12.85 -29.49 -33.97
N ASP C 362 12.32 -29.82 -35.15
CA ASP C 362 13.16 -30.20 -36.33
C ASP C 362 13.77 -28.95 -36.98
N LEU C 363 15.09 -28.75 -36.94
CA LEU C 363 15.73 -27.54 -37.45
C LEU C 363 15.64 -27.43 -38.98
N LYS C 364 15.42 -28.53 -39.69
CA LYS C 364 15.40 -28.37 -41.17
C LYS C 364 14.00 -28.17 -41.71
N THR C 365 12.94 -28.73 -41.10
CA THR C 365 11.57 -28.51 -41.60
C THR C 365 10.93 -27.30 -40.91
N GLY C 366 11.45 -26.88 -39.75
CA GLY C 366 10.86 -25.82 -38.93
C GLY C 366 9.70 -26.26 -38.06
N GLN C 367 9.17 -27.48 -38.03
CA GLN C 367 8.01 -27.84 -37.23
C GLN C 367 8.38 -28.49 -35.89
N PRO C 368 7.62 -28.20 -34.83
CA PRO C 368 7.77 -28.96 -33.56
C PRO C 368 7.13 -30.34 -33.71
N VAL C 369 7.76 -31.43 -33.29
CA VAL C 369 7.25 -32.80 -33.36
C VAL C 369 6.39 -33.08 -32.12
N ARG C 370 5.07 -33.19 -32.29
CA ARG C 370 4.10 -33.26 -31.18
C ARG C 370 4.07 -34.66 -30.56
N ASP C 371 3.94 -34.77 -29.24
CA ASP C 371 3.59 -36.04 -28.55
C ASP C 371 2.07 -36.13 -28.35
N PRO C 372 1.34 -36.93 -29.15
CA PRO C 372 -0.13 -36.92 -29.02
C PRO C 372 -0.67 -37.24 -27.64
N GLU C 373 0.10 -37.92 -26.76
CA GLU C 373 -0.35 -38.25 -25.41
C GLU C 373 -0.49 -37.03 -24.50
N TYR C 374 0.04 -35.87 -24.91
CA TYR C 374 -0.03 -34.62 -24.10
C TYR C 374 -0.80 -33.55 -24.87
N GLY C 375 -1.62 -33.85 -25.88
CA GLY C 375 -2.50 -32.87 -26.51
C GLY C 375 -3.84 -32.60 -25.79
N THR C 376 -4.66 -31.62 -26.26
CA THR C 376 -6.00 -31.39 -25.69
C THR C 376 -7.11 -31.51 -26.75
N ARG C 377 -8.37 -31.79 -26.30
CA ARG C 377 -9.51 -31.98 -27.21
C ARG C 377 -10.82 -32.10 -26.43
N MET C 378 -11.99 -31.86 -27.09
CA MET C 378 -13.31 -32.06 -26.49
C MET C 378 -13.56 -33.51 -26.03
N ASP C 379 -14.35 -33.65 -24.96
CA ASP C 379 -14.79 -34.95 -24.38
C ASP C 379 -13.61 -35.77 -23.85
N HIS C 380 -12.50 -35.14 -23.41
CA HIS C 380 -11.30 -35.79 -22.84
C HIS C 380 -10.65 -34.94 -21.72
N LEU C 381 -10.27 -35.54 -20.60
CA LEU C 381 -9.50 -34.89 -19.51
C LEU C 381 -8.01 -35.24 -19.64
N ALA C 382 -7.17 -34.31 -20.11
CA ALA C 382 -5.71 -34.52 -20.28
C ALA C 382 -4.95 -34.29 -18.95
N LYS C 383 -4.00 -35.18 -18.59
CA LYS C 383 -3.28 -35.07 -17.31
C LYS C 383 -1.75 -34.95 -17.48
N ASP C 384 -1.09 -34.29 -16.52
CA ASP C 384 0.37 -34.24 -16.36
C ASP C 384 1.11 -33.62 -17.55
N ILE C 385 0.54 -32.54 -18.16
CA ILE C 385 1.16 -31.80 -19.28
C ILE C 385 2.20 -30.80 -18.78
N CYS C 386 3.43 -30.79 -19.30
CA CYS C 386 4.51 -29.86 -18.95
C CYS C 386 5.04 -29.19 -20.26
N PRO C 387 5.04 -27.86 -20.38
CA PRO C 387 4.55 -26.89 -19.36
C PRO C 387 3.04 -26.73 -19.23
N SER C 388 2.57 -26.14 -18.10
CA SER C 388 1.23 -25.61 -17.91
C SER C 388 1.01 -24.37 -18.79
N ALA C 389 -0.26 -23.85 -18.84
CA ALA C 389 -0.61 -22.60 -19.47
C ALA C 389 0.15 -21.36 -18.95
N MET C 390 0.58 -21.33 -17.67
CA MET C 390 1.43 -20.27 -17.10
C MET C 390 2.83 -20.24 -17.74
N GLY C 391 3.24 -21.34 -18.41
CA GLY C 391 4.52 -21.52 -19.10
C GLY C 391 5.66 -22.05 -18.27
N TYR C 392 6.78 -22.51 -18.92
CA TYR C 392 8.08 -22.60 -18.23
C TYR C 392 8.79 -21.23 -18.31
N HIS C 393 8.20 -20.20 -18.95
CA HIS C 393 8.65 -18.79 -18.93
C HIS C 393 7.42 -17.87 -19.20
N ASN C 394 7.25 -16.73 -18.51
CA ASN C 394 6.15 -15.77 -18.76
C ASN C 394 6.73 -14.35 -19.06
N GLN C 395 6.11 -13.25 -18.62
CA GLN C 395 6.48 -11.88 -19.03
C GLN C 395 7.76 -11.28 -18.45
N GLY C 396 8.58 -12.04 -17.71
CA GLY C 396 9.80 -11.43 -17.12
C GLY C 396 10.87 -11.00 -18.13
N HIS C 397 11.51 -9.82 -17.95
CA HIS C 397 12.61 -9.37 -18.83
C HIS C 397 13.99 -9.82 -18.33
N ASP C 398 14.62 -10.79 -19.02
CA ASP C 398 15.91 -11.42 -18.68
C ASP C 398 17.12 -10.56 -19.09
N SER C 399 18.35 -11.06 -18.97
CA SER C 399 19.62 -10.36 -19.25
C SER C 399 20.67 -11.23 -19.98
N TYR C 400 21.68 -10.58 -20.61
CA TYR C 400 22.78 -11.27 -21.34
C TYR C 400 24.13 -10.61 -21.00
N ASP C 401 25.18 -11.33 -20.58
CA ASP C 401 26.57 -10.83 -20.34
C ASP C 401 27.42 -11.06 -21.58
N PRO C 402 27.77 -10.00 -22.34
CA PRO C 402 28.51 -10.21 -23.59
C PRO C 402 29.97 -10.65 -23.46
N LYS C 403 30.62 -10.50 -22.33
CA LYS C 403 31.99 -11.04 -22.10
C LYS C 403 31.95 -12.55 -21.92
N ARG C 404 31.04 -13.03 -21.08
CA ARG C 404 30.85 -14.45 -20.80
C ARG C 404 30.02 -15.21 -21.86
N GLU C 405 29.26 -14.57 -22.74
CA GLU C 405 28.35 -15.18 -23.73
C GLU C 405 27.31 -16.03 -23.01
N LEU C 406 26.76 -15.54 -21.87
CA LEU C 406 25.69 -16.31 -21.16
C LEU C 406 24.40 -15.49 -21.00
N PHE C 407 23.19 -16.06 -21.16
CA PHE C 407 21.86 -15.56 -20.86
C PHE C 407 21.49 -16.02 -19.43
N PHE C 408 21.04 -15.09 -18.57
CA PHE C 408 20.54 -15.43 -17.23
C PHE C 408 19.01 -15.40 -17.22
N MET C 409 18.29 -16.53 -17.10
CA MET C 409 16.83 -16.66 -17.31
C MET C 409 16.06 -17.05 -16.03
N GLY C 410 15.01 -16.26 -15.70
CA GLY C 410 14.07 -16.54 -14.62
C GLY C 410 12.92 -17.44 -15.12
N ILE C 411 12.83 -18.67 -14.61
CA ILE C 411 12.06 -19.79 -15.14
C ILE C 411 10.96 -20.22 -14.15
N ASN C 412 9.86 -20.83 -14.66
CA ASN C 412 8.75 -21.41 -13.94
C ASN C 412 8.80 -22.96 -13.99
N HIS C 413 8.40 -23.64 -12.91
CA HIS C 413 8.34 -25.12 -12.84
C HIS C 413 6.92 -25.54 -12.44
N ILE C 414 5.94 -25.45 -13.36
CA ILE C 414 4.49 -25.61 -13.16
C ILE C 414 3.89 -26.48 -14.26
N CYS C 415 3.16 -27.57 -13.95
CA CYS C 415 2.51 -28.48 -14.92
C CYS C 415 0.98 -28.49 -14.70
N MET C 416 0.14 -29.16 -15.53
CA MET C 416 -1.32 -29.09 -15.51
C MET C 416 -2.16 -30.30 -15.99
N ASP C 417 -3.43 -30.32 -15.52
CA ASP C 417 -4.55 -31.05 -16.12
C ASP C 417 -5.51 -30.10 -16.86
N TRP C 418 -6.20 -30.45 -17.98
CA TRP C 418 -7.04 -29.55 -18.80
C TRP C 418 -8.21 -30.31 -19.48
N GLU C 419 -9.43 -29.76 -19.50
CA GLU C 419 -10.58 -30.18 -20.34
C GLU C 419 -11.33 -29.00 -20.97
N PRO C 420 -11.62 -28.93 -22.30
CA PRO C 420 -12.37 -27.83 -22.88
C PRO C 420 -13.91 -27.96 -22.77
N PHE C 421 -14.69 -26.91 -23.08
CA PHE C 421 -16.17 -26.92 -23.13
C PHE C 421 -16.74 -25.98 -24.20
N MET C 422 -17.90 -26.22 -24.81
CA MET C 422 -18.54 -25.39 -25.84
C MET C 422 -19.18 -24.11 -25.26
N LEU C 423 -19.13 -22.94 -25.95
CA LEU C 423 -19.64 -21.65 -25.51
C LEU C 423 -19.86 -20.69 -26.69
N PRO C 424 -20.82 -19.75 -26.59
CA PRO C 424 -20.98 -18.71 -27.62
C PRO C 424 -20.06 -17.51 -27.55
N TYR C 425 -19.78 -16.78 -28.65
CA TYR C 425 -19.11 -15.47 -28.64
C TYR C 425 -20.15 -14.33 -28.54
N LYS C 426 -19.97 -13.49 -27.52
CA LYS C 426 -20.71 -12.25 -27.29
C LYS C 426 -19.77 -11.05 -27.04
N ALA C 427 -19.74 -10.06 -27.94
CA ALA C 427 -18.78 -8.93 -27.79
C ALA C 427 -18.92 -8.24 -26.43
N GLY C 428 -17.83 -8.16 -25.64
CA GLY C 428 -17.79 -7.63 -24.29
C GLY C 428 -17.76 -8.66 -23.16
N GLN C 429 -18.00 -9.95 -23.44
CA GLN C 429 -17.97 -11.08 -22.48
C GLN C 429 -16.72 -11.96 -22.68
N PHE C 430 -16.29 -12.70 -21.63
CA PHE C 430 -15.16 -13.64 -21.71
C PHE C 430 -15.46 -14.75 -22.75
N PHE C 431 -14.43 -15.28 -23.42
CA PHE C 431 -14.50 -16.29 -24.49
C PHE C 431 -13.35 -17.30 -24.30
N VAL C 432 -13.33 -18.01 -23.16
CA VAL C 432 -12.20 -18.90 -22.82
C VAL C 432 -12.52 -20.35 -23.18
N GLY C 433 -13.43 -21.04 -22.45
CA GLY C 433 -13.82 -22.39 -22.85
C GLY C 433 -12.94 -23.55 -22.43
N ALA C 434 -12.27 -23.48 -21.29
CA ALA C 434 -11.51 -24.60 -20.70
C ALA C 434 -11.46 -24.49 -19.17
N THR C 435 -11.37 -25.62 -18.44
CA THR C 435 -11.21 -25.72 -16.98
C THR C 435 -9.86 -26.43 -16.65
N LEU C 436 -9.04 -25.85 -15.75
CA LEU C 436 -7.68 -26.27 -15.45
C LEU C 436 -7.41 -26.57 -13.96
N ASN C 437 -6.43 -27.45 -13.72
CA ASN C 437 -5.79 -27.74 -12.41
C ASN C 437 -4.26 -27.60 -12.53
N MET C 438 -3.54 -26.78 -11.71
CA MET C 438 -2.09 -26.51 -11.85
C MET C 438 -1.33 -26.80 -10.56
N TYR C 439 -0.03 -27.20 -10.64
CA TYR C 439 0.74 -27.75 -9.48
C TYR C 439 2.24 -27.75 -9.78
N PRO C 440 3.14 -27.90 -8.79
CA PRO C 440 4.59 -28.00 -9.04
C PRO C 440 5.00 -29.12 -10.00
N GLY C 441 6.04 -28.91 -10.84
CA GLY C 441 6.58 -29.97 -11.71
C GLY C 441 7.40 -31.02 -10.91
N PRO C 442 7.89 -32.04 -11.63
CA PRO C 442 8.58 -33.20 -11.00
C PRO C 442 9.78 -32.92 -10.11
N LYS C 443 10.52 -31.82 -10.27
CA LYS C 443 11.68 -31.48 -9.43
C LYS C 443 11.34 -30.70 -8.16
N GLY C 444 10.07 -30.29 -7.98
CA GLY C 444 9.62 -29.54 -6.78
C GLY C 444 8.89 -30.44 -5.79
N ASP C 445 8.09 -29.88 -4.85
CA ASP C 445 7.37 -30.66 -3.83
C ASP C 445 5.86 -30.57 -4.07
N ARG C 446 5.35 -31.49 -4.90
CA ARG C 446 3.93 -31.41 -5.27
C ARG C 446 3.01 -31.53 -4.05
N GLN C 447 3.27 -32.38 -3.04
CA GLN C 447 2.44 -32.59 -1.86
C GLN C 447 2.35 -31.30 -1.04
N ASN C 448 3.38 -30.46 -0.95
CA ASN C 448 3.39 -29.21 -0.14
C ASN C 448 3.15 -27.95 -0.97
N TYR C 449 2.95 -28.03 -2.30
CA TYR C 449 2.72 -26.83 -3.11
C TYR C 449 3.86 -25.79 -2.95
N GLU C 450 5.13 -26.21 -2.96
CA GLU C 450 6.36 -25.36 -2.98
C GLU C 450 7.37 -25.97 -3.97
N GLY C 451 8.37 -25.17 -4.44
CA GLY C 451 9.32 -25.56 -5.46
C GLY C 451 8.82 -25.31 -6.90
N LEU C 452 8.32 -24.09 -7.16
CA LEU C 452 7.67 -23.70 -8.42
C LEU C 452 8.56 -22.85 -9.29
N GLY C 453 9.84 -22.61 -9.02
CA GLY C 453 10.72 -21.78 -9.84
C GLY C 453 12.15 -22.32 -10.01
N GLN C 454 12.89 -21.78 -11.01
CA GLN C 454 14.33 -22.04 -11.22
C GLN C 454 15.02 -20.75 -11.72
N ILE C 455 16.36 -20.59 -11.56
CA ILE C 455 17.19 -19.61 -12.28
C ILE C 455 18.38 -20.34 -12.91
N LYS C 456 18.69 -20.10 -14.20
CA LYS C 456 19.73 -20.85 -14.96
C LYS C 456 20.58 -19.89 -15.83
N ALA C 457 21.82 -20.30 -16.13
CA ALA C 457 22.81 -19.61 -17.01
C ALA C 457 23.04 -20.47 -18.28
N TYR C 458 22.90 -19.93 -19.50
CA TYR C 458 22.74 -20.67 -20.77
C TYR C 458 23.61 -20.12 -21.93
N ASN C 459 24.27 -21.02 -22.69
CA ASN C 459 24.92 -20.66 -23.94
C ASN C 459 24.09 -21.11 -25.15
N ALA C 460 23.76 -20.18 -26.06
CA ALA C 460 22.81 -20.48 -27.15
C ALA C 460 23.35 -21.27 -28.36
N ILE C 461 24.67 -21.36 -28.51
CA ILE C 461 25.28 -22.08 -29.65
C ILE C 461 25.51 -23.55 -29.24
N THR C 462 26.13 -23.79 -28.07
CA THR C 462 26.35 -25.18 -27.62
C THR C 462 25.11 -25.78 -26.97
N GLY C 463 24.20 -24.95 -26.42
CA GLY C 463 23.04 -25.49 -25.69
C GLY C 463 23.31 -25.87 -24.25
N ASP C 464 24.52 -25.74 -23.71
CA ASP C 464 24.87 -26.15 -22.35
C ASP C 464 24.49 -25.12 -21.30
N TYR C 465 24.02 -25.59 -20.16
CA TYR C 465 23.69 -24.76 -18.97
C TYR C 465 24.92 -24.75 -18.04
N LYS C 466 25.55 -23.60 -17.77
CA LYS C 466 26.72 -23.57 -16.86
C LYS C 466 26.33 -23.87 -15.41
N TRP C 467 25.16 -23.46 -14.95
CA TRP C 467 24.66 -23.75 -13.61
C TRP C 467 23.13 -23.65 -13.56
N GLU C 468 22.47 -24.30 -12.57
CA GLU C 468 21.00 -24.35 -12.42
C GLU C 468 20.64 -24.34 -10.94
N LYS C 469 19.71 -23.50 -10.43
CA LYS C 469 19.34 -23.48 -9.00
C LYS C 469 17.81 -23.45 -8.78
N MET C 470 17.24 -24.29 -7.90
CA MET C 470 15.80 -24.26 -7.56
C MET C 470 15.42 -23.11 -6.63
N GLU C 471 14.19 -22.60 -6.73
CA GLU C 471 13.56 -21.48 -5.98
C GLU C 471 12.18 -21.87 -5.41
N ARG C 472 11.78 -21.35 -4.23
CA ARG C 472 10.46 -21.63 -3.65
C ARG C 472 9.29 -21.38 -4.62
N PHE C 473 9.24 -20.21 -5.26
CA PHE C 473 8.15 -19.80 -6.19
C PHE C 473 8.74 -19.49 -7.56
N ALA C 474 7.91 -19.46 -8.62
CA ALA C 474 8.28 -19.07 -9.99
C ALA C 474 9.08 -17.77 -9.99
N VAL C 475 10.17 -17.67 -10.79
CA VAL C 475 10.94 -16.42 -10.92
C VAL C 475 10.25 -15.59 -12.04
N TRP C 476 9.30 -14.71 -11.68
CA TRP C 476 8.34 -14.11 -12.60
C TRP C 476 8.77 -12.77 -13.20
N GLY C 477 9.70 -12.01 -12.57
CA GLY C 477 9.99 -10.65 -12.98
C GLY C 477 11.25 -10.41 -13.78
N GLY C 478 12.03 -11.40 -14.19
CA GLY C 478 13.26 -11.13 -14.99
C GLY C 478 14.52 -11.03 -14.14
N THR C 479 15.62 -10.56 -14.80
CA THR C 479 16.97 -10.48 -14.21
C THR C 479 17.77 -9.25 -14.73
N MET C 480 18.86 -8.85 -14.08
CA MET C 480 19.82 -7.78 -14.52
C MET C 480 21.25 -8.24 -14.23
N ALA C 481 22.25 -8.09 -15.11
CA ALA C 481 23.61 -8.56 -14.90
C ALA C 481 24.67 -7.44 -14.97
N THR C 482 25.82 -7.57 -14.27
CA THR C 482 26.85 -6.52 -14.29
C THR C 482 28.29 -7.05 -14.44
N ALA C 483 29.25 -6.16 -14.80
CA ALA C 483 30.68 -6.42 -14.92
C ALA C 483 31.37 -6.69 -13.58
N GLY C 484 30.69 -6.54 -12.46
CA GLY C 484 31.10 -6.93 -11.12
C GLY C 484 30.93 -8.39 -10.75
N ASP C 485 30.63 -9.25 -11.74
CA ASP C 485 30.53 -10.71 -11.57
C ASP C 485 29.27 -11.11 -10.76
N LEU C 486 28.18 -10.32 -10.90
CA LEU C 486 26.90 -10.47 -10.22
C LEU C 486 25.68 -10.57 -11.15
N VAL C 487 24.70 -11.41 -10.75
CA VAL C 487 23.35 -11.50 -11.34
C VAL C 487 22.32 -11.13 -10.26
N PHE C 488 21.47 -10.10 -10.44
CA PHE C 488 20.39 -9.64 -9.53
C PHE C 488 19.01 -10.05 -10.00
N TYR C 489 18.07 -10.36 -9.09
CA TYR C 489 16.67 -10.70 -9.45
C TYR C 489 15.74 -10.57 -8.22
N GLY C 490 14.45 -10.24 -8.40
CA GLY C 490 13.45 -10.23 -7.32
C GLY C 490 12.59 -11.51 -7.28
N THR C 491 12.04 -11.84 -6.11
CA THR C 491 11.22 -13.04 -5.95
C THR C 491 9.80 -12.77 -5.40
N LEU C 492 8.83 -13.69 -5.65
CA LEU C 492 7.44 -13.54 -5.21
C LEU C 492 7.24 -13.59 -3.67
N ASP C 493 8.16 -14.27 -2.94
CA ASP C 493 8.15 -14.29 -1.46
C ASP C 493 8.77 -13.01 -0.83
N GLY C 494 9.24 -12.02 -1.62
CA GLY C 494 9.61 -10.71 -1.06
C GLY C 494 11.10 -10.45 -0.80
N TYR C 495 12.01 -10.85 -1.71
CA TYR C 495 13.45 -10.53 -1.63
C TYR C 495 14.02 -9.88 -2.87
N LEU C 496 15.07 -9.03 -2.76
CA LEU C 496 16.09 -8.83 -3.81
C LEU C 496 17.29 -9.80 -3.51
N LYS C 497 17.76 -10.52 -4.53
CA LYS C 497 18.84 -11.50 -4.35
C LYS C 497 20.02 -11.26 -5.30
N ALA C 498 21.27 -11.66 -4.97
CA ALA C 498 22.43 -11.64 -5.87
C ALA C 498 23.19 -12.97 -5.86
N ARG C 499 23.49 -13.53 -7.04
CA ARG C 499 24.25 -14.78 -7.22
C ARG C 499 25.57 -14.54 -7.98
N ASP C 500 26.63 -15.35 -7.75
CA ASP C 500 27.89 -15.30 -8.52
C ASP C 500 27.66 -15.65 -10.00
N SER C 501 28.11 -14.83 -10.97
CA SER C 501 27.86 -15.10 -12.39
C SER C 501 28.47 -16.38 -12.94
N ASP C 502 29.60 -16.84 -12.36
CA ASP C 502 30.22 -18.08 -12.88
C ASP C 502 29.72 -19.38 -12.24
N THR C 503 29.23 -19.40 -10.98
CA THR C 503 28.89 -20.65 -10.28
C THR C 503 27.44 -20.72 -9.80
N GLY C 504 26.71 -19.60 -9.68
CA GLY C 504 25.34 -19.62 -9.13
C GLY C 504 25.24 -19.54 -7.63
N ASP C 505 26.36 -19.45 -6.92
CA ASP C 505 26.31 -19.44 -5.44
C ASP C 505 25.55 -18.22 -4.93
N LEU C 506 24.71 -18.36 -3.91
CA LEU C 506 23.92 -17.27 -3.27
C LEU C 506 24.83 -16.46 -2.34
N LEU C 507 25.08 -15.19 -2.72
CA LEU C 507 26.02 -14.31 -2.01
C LEU C 507 25.32 -13.34 -1.04
N TRP C 508 24.05 -12.96 -1.23
CA TRP C 508 23.36 -11.87 -0.50
C TRP C 508 21.84 -11.88 -0.76
N LYS C 509 21.00 -11.52 0.19
CA LYS C 509 19.57 -11.18 -0.03
C LYS C 509 19.09 -10.14 0.97
N PHE C 510 18.01 -9.40 0.69
CA PHE C 510 17.33 -8.42 1.58
C PHE C 510 15.80 -8.60 1.52
N LYS C 511 15.11 -8.64 2.66
CA LYS C 511 13.64 -8.71 2.83
C LYS C 511 12.94 -7.36 2.54
N ILE C 512 12.47 -7.20 1.29
CA ILE C 512 11.65 -6.00 0.83
C ILE C 512 10.17 -6.13 1.23
N PRO C 513 9.32 -5.10 1.24
CA PRO C 513 8.02 -5.20 1.94
C PRO C 513 7.01 -6.19 1.35
N SER C 514 7.01 -6.45 0.03
CA SER C 514 6.06 -7.33 -0.69
C SER C 514 6.79 -8.02 -1.85
N GLY C 515 6.25 -9.10 -2.40
CA GLY C 515 6.85 -9.81 -3.57
C GLY C 515 7.06 -8.85 -4.76
N ALA C 516 8.07 -9.17 -5.58
CA ALA C 516 8.50 -8.45 -6.78
C ALA C 516 8.08 -9.15 -8.09
N ILE C 517 7.45 -8.40 -9.05
CA ILE C 517 7.06 -8.95 -10.37
C ILE C 517 7.62 -8.13 -11.55
N GLY C 518 8.51 -7.14 -11.29
CA GLY C 518 9.32 -6.45 -12.32
C GLY C 518 10.82 -6.72 -12.24
N TYR C 519 11.69 -6.06 -13.06
CA TYR C 519 13.13 -6.35 -13.16
C TYR C 519 13.95 -5.32 -12.36
N PRO C 520 15.17 -5.63 -11.88
CA PRO C 520 16.03 -4.61 -11.25
C PRO C 520 16.68 -3.71 -12.31
N MET C 521 17.02 -2.45 -11.91
CA MET C 521 17.82 -1.51 -12.76
C MET C 521 18.93 -0.88 -11.94
N THR C 522 19.96 -0.29 -12.60
CA THR C 522 21.12 0.31 -11.94
C THR C 522 21.63 1.56 -12.67
N TYR C 523 22.25 2.53 -11.94
CA TYR C 523 22.68 3.84 -12.46
C TYR C 523 23.67 4.44 -11.48
N THR C 524 24.53 5.42 -11.88
CA THR C 524 25.34 6.25 -11.00
C THR C 524 24.75 7.67 -10.86
N HIS C 525 24.95 8.30 -9.69
CA HIS C 525 24.59 9.72 -9.44
C HIS C 525 25.67 10.35 -8.56
N LYS C 526 26.38 11.39 -9.03
CA LYS C 526 27.51 12.02 -8.36
C LYS C 526 28.52 11.02 -7.82
N GLY C 527 28.86 9.99 -8.62
CA GLY C 527 29.90 9.06 -8.18
C GLY C 527 29.49 7.80 -7.44
N THR C 528 28.26 7.69 -6.97
CA THR C 528 27.76 6.55 -6.21
C THR C 528 26.86 5.63 -7.07
N GLN C 529 27.09 4.32 -7.08
CA GLN C 529 26.23 3.37 -7.81
C GLN C 529 25.00 2.94 -6.97
N TYR C 530 23.81 2.96 -7.57
CA TYR C 530 22.53 2.56 -6.92
C TYR C 530 21.88 1.40 -7.69
N VAL C 531 21.14 0.52 -6.99
CA VAL C 531 20.33 -0.57 -7.57
C VAL C 531 18.88 -0.40 -7.08
N ALA C 532 17.90 -0.27 -7.98
CA ALA C 532 16.47 -0.05 -7.65
C ALA C 532 15.55 -1.19 -8.11
N ILE C 533 14.47 -1.50 -7.36
CA ILE C 533 13.43 -2.50 -7.72
C ILE C 533 12.05 -2.13 -7.17
N TYR C 534 10.94 -2.37 -7.94
CA TYR C 534 9.58 -2.22 -7.40
C TYR C 534 9.23 -3.34 -6.40
N TYR C 535 8.34 -3.06 -5.43
CA TYR C 535 7.67 -4.08 -4.63
C TYR C 535 6.15 -3.94 -4.78
N GLY C 536 5.41 -5.06 -4.60
CA GLY C 536 3.95 -5.05 -4.80
C GLY C 536 3.53 -6.31 -5.59
N VAL C 537 3.14 -7.42 -4.94
CA VAL C 537 2.83 -8.68 -5.59
C VAL C 537 1.49 -8.63 -6.31
N GLY C 538 1.34 -9.46 -7.38
CA GLY C 538 0.12 -9.43 -8.24
C GLY C 538 0.39 -10.17 -9.54
N GLY C 539 -0.20 -9.69 -10.65
CA GLY C 539 -0.19 -10.41 -11.92
C GLY C 539 -0.89 -11.79 -11.78
N TRP C 540 -0.68 -12.70 -12.74
CA TRP C 540 -1.39 -14.00 -12.70
C TRP C 540 -1.08 -14.77 -11.40
N PRO C 541 0.18 -14.92 -10.92
CA PRO C 541 0.40 -15.72 -9.69
C PRO C 541 -0.33 -15.23 -8.44
N GLY C 542 -0.55 -13.90 -8.35
CA GLY C 542 -1.16 -13.21 -7.20
C GLY C 542 -2.69 -13.08 -7.20
N VAL C 543 -3.43 -13.62 -8.20
CA VAL C 543 -4.87 -13.35 -8.30
C VAL C 543 -5.60 -13.88 -7.08
N GLY C 544 -5.22 -15.00 -6.45
CA GLY C 544 -5.95 -15.53 -5.26
C GLY C 544 -5.86 -14.61 -4.08
N LEU C 545 -4.67 -14.04 -3.82
CA LEU C 545 -4.44 -13.05 -2.77
C LEU C 545 -5.11 -11.72 -3.06
N VAL C 546 -4.96 -11.22 -4.30
CA VAL C 546 -5.50 -9.92 -4.67
C VAL C 546 -7.03 -9.89 -4.65
N PHE C 547 -7.74 -10.92 -5.09
CA PHE C 547 -9.20 -10.88 -5.22
C PHE C 547 -9.89 -11.74 -4.18
N ASP C 548 -9.19 -12.27 -3.19
CA ASP C 548 -9.74 -13.11 -2.13
C ASP C 548 -10.51 -14.32 -2.67
N LEU C 549 -9.83 -15.13 -3.47
CA LEU C 549 -10.38 -16.33 -4.12
C LEU C 549 -9.86 -17.62 -3.49
N ALA C 550 -10.71 -18.66 -3.44
CA ALA C 550 -10.37 -19.92 -2.79
C ALA C 550 -10.68 -21.17 -3.60
N ASP C 551 -11.57 -21.15 -4.60
CA ASP C 551 -11.75 -22.32 -5.50
C ASP C 551 -10.52 -22.59 -6.34
N PRO C 552 -9.91 -23.78 -6.31
CA PRO C 552 -8.61 -23.94 -6.99
C PRO C 552 -8.69 -23.82 -8.52
N THR C 553 -9.85 -24.01 -9.14
CA THR C 553 -9.97 -23.78 -10.59
C THR C 553 -10.24 -22.29 -10.88
N ALA C 554 -10.47 -21.42 -9.88
CA ALA C 554 -10.65 -20.00 -10.17
C ALA C 554 -9.34 -19.35 -10.65
N GLY C 555 -9.39 -18.11 -11.16
CA GLY C 555 -8.20 -17.47 -11.71
C GLY C 555 -7.59 -18.20 -12.87
N LEU C 556 -8.43 -18.78 -13.75
CA LEU C 556 -7.94 -19.58 -14.88
C LEU C 556 -7.03 -20.73 -14.43
N GLY C 557 -7.20 -21.23 -13.21
CA GLY C 557 -6.45 -22.27 -12.55
C GLY C 557 -5.22 -21.90 -11.72
N ALA C 558 -4.85 -20.63 -11.68
CA ALA C 558 -3.70 -20.21 -10.86
C ALA C 558 -3.96 -20.21 -9.37
N VAL C 559 -5.22 -20.18 -8.89
CA VAL C 559 -5.48 -20.08 -7.43
C VAL C 559 -4.95 -21.33 -6.71
N GLY C 560 -5.17 -22.58 -7.22
CA GLY C 560 -4.65 -23.77 -6.55
C GLY C 560 -3.12 -23.83 -6.53
N ALA C 561 -2.46 -23.53 -7.65
CA ALA C 561 -1.01 -23.59 -7.79
C ALA C 561 -0.31 -22.69 -6.77
N PHE C 562 -0.81 -21.48 -6.49
CA PHE C 562 -0.15 -20.51 -5.60
C PHE C 562 -0.85 -20.39 -4.24
N LYS C 563 -1.47 -21.48 -3.75
CA LYS C 563 -2.19 -21.51 -2.44
C LYS C 563 -1.28 -21.18 -1.26
N LYS C 564 0.05 -21.42 -1.29
CA LYS C 564 0.92 -21.09 -0.16
C LYS C 564 1.49 -19.65 -0.20
N LEU C 565 1.32 -18.88 -1.28
CA LEU C 565 1.93 -17.53 -1.40
C LEU C 565 1.51 -16.60 -0.27
N ALA C 566 0.27 -16.57 0.18
CA ALA C 566 -0.19 -15.74 1.28
C ALA C 566 0.41 -16.05 2.66
N ASN C 567 1.12 -17.20 2.81
CA ASN C 567 1.84 -17.47 4.06
C ASN C 567 3.20 -16.76 4.14
N TYR C 568 3.63 -16.10 3.06
CA TYR C 568 4.99 -15.50 2.92
C TYR C 568 4.93 -13.99 2.57
N THR C 569 3.81 -13.44 2.03
CA THR C 569 3.71 -12.03 1.58
C THR C 569 2.26 -11.52 1.63
N GLN C 570 2.05 -10.19 1.69
CA GLN C 570 0.76 -9.50 1.48
C GLN C 570 0.92 -8.46 0.34
N MET C 571 -0.14 -7.75 -0.11
CA MET C 571 -0.06 -6.74 -1.19
C MET C 571 0.75 -5.50 -0.72
N GLY C 572 1.19 -4.67 -1.69
CA GLY C 572 1.86 -3.38 -1.43
C GLY C 572 2.05 -2.60 -2.73
N GLY C 573 2.85 -1.52 -2.73
CA GLY C 573 3.16 -0.74 -3.94
C GLY C 573 4.24 0.33 -3.68
N GLY C 574 5.42 0.23 -4.30
CA GLY C 574 6.49 1.26 -4.11
C GLY C 574 7.80 0.88 -4.75
N VAL C 575 8.88 1.62 -4.48
CA VAL C 575 10.27 1.39 -4.96
C VAL C 575 11.26 1.37 -3.78
N VAL C 576 12.24 0.44 -3.73
CA VAL C 576 13.35 0.44 -2.75
C VAL C 576 14.67 0.66 -3.51
N VAL C 577 15.57 1.56 -3.05
CA VAL C 577 16.84 1.91 -3.72
C VAL C 577 18.01 1.56 -2.76
N PHE C 578 19.00 0.76 -3.23
CA PHE C 578 20.16 0.22 -2.50
C PHE C 578 21.54 0.80 -2.89
N SER C 579 22.52 0.91 -2.02
CA SER C 579 23.93 1.24 -2.30
C SER C 579 24.91 0.61 -1.30
N LEU C 580 26.25 0.62 -1.55
CA LEU C 580 27.20 0.16 -0.54
C LEU C 580 27.13 0.98 0.76
N ASP C 581 26.95 0.30 1.90
CA ASP C 581 26.78 0.87 3.23
C ASP C 581 25.61 1.86 3.34
N GLY C 582 24.64 1.81 2.40
CA GLY C 582 23.51 2.74 2.44
C GLY C 582 23.83 4.22 2.26
N LYS C 583 24.96 4.60 1.65
CA LYS C 583 25.25 6.04 1.34
C LYS C 583 24.21 6.66 0.42
N GLY C 584 23.73 7.90 0.65
CA GLY C 584 22.68 8.52 -0.12
C GLY C 584 22.55 10.06 -0.04
N PRO C 585 21.44 10.62 -0.54
CA PRO C 585 21.27 12.06 -0.63
C PRO C 585 21.08 12.76 0.72
N TYR C 586 20.80 12.06 1.81
CA TYR C 586 20.55 12.65 3.16
C TYR C 586 21.66 12.31 4.15
N ASP C 587 22.90 12.01 3.69
CA ASP C 587 24.05 11.77 4.58
C ASP C 587 24.36 12.99 5.45
N ASP C 588 24.17 14.21 4.97
CA ASP C 588 23.95 15.46 5.73
C ASP C 588 22.46 15.56 6.00
N PRO C 589 21.94 15.29 7.19
CA PRO C 589 20.48 15.19 7.36
C PRO C 589 19.75 16.54 7.29
N ASN C 590 20.52 17.65 7.23
CA ASN C 590 19.85 18.96 7.09
C ASN C 590 19.35 19.22 5.67
N VAL C 591 19.84 18.47 4.68
CA VAL C 591 19.36 18.63 3.28
C VAL C 591 17.86 18.33 3.21
N GLY C 592 17.07 19.20 2.57
CA GLY C 592 15.64 18.99 2.37
C GLY C 592 14.71 19.36 3.52
N GLU C 593 15.19 19.81 4.68
CA GLU C 593 14.40 20.26 5.83
C GLU C 593 13.74 21.63 5.58
N TRP C 594 12.64 21.99 6.27
CA TRP C 594 12.00 23.32 6.24
C TRP C 594 12.88 24.31 7.01
N LYS C 595 13.15 25.46 6.43
CA LYS C 595 13.78 26.54 7.20
C LYS C 595 13.01 27.85 7.01
N SER C 596 13.02 28.61 8.11
CA SER C 596 12.38 29.88 8.34
C SER C 596 13.08 31.04 7.62
N ALA C 597 12.39 32.06 7.35
N TYR D 1 -2.20 -37.17 -35.39
CA TYR D 1 -1.67 -35.80 -35.58
C TYR D 1 -0.38 -35.53 -34.81
N ASP D 2 0.75 -35.62 -35.53
CA ASP D 2 2.03 -35.28 -34.87
C ASP D 2 2.69 -34.00 -35.40
N GLY D 3 2.05 -33.27 -36.32
CA GLY D 3 2.52 -32.00 -36.86
C GLY D 3 3.48 -32.12 -38.03
N THR D 4 3.81 -33.35 -38.49
CA THR D 4 4.85 -33.47 -39.51
C THR D 4 4.36 -33.79 -40.92
N LYS D 5 3.06 -33.88 -41.16
CA LYS D 5 2.48 -34.13 -42.49
C LYS D 5 1.95 -32.84 -43.12
N CYS D 6 2.65 -32.30 -44.11
CA CYS D 6 2.33 -30.95 -44.58
C CYS D 6 1.89 -30.88 -46.05
N LYS D 7 0.61 -30.57 -46.28
CA LYS D 7 0.19 -30.54 -47.70
C LYS D 7 0.67 -29.32 -48.49
N ALA D 8 1.06 -28.26 -47.80
CA ALA D 8 1.63 -27.08 -48.44
C ALA D 8 2.55 -26.37 -47.45
N ALA D 9 3.38 -25.44 -47.93
CA ALA D 9 4.21 -24.60 -47.06
C ALA D 9 3.40 -23.97 -45.93
N GLY D 10 3.75 -24.24 -44.64
CA GLY D 10 3.09 -23.55 -43.53
C GLY D 10 1.69 -24.07 -43.22
N ASN D 11 1.32 -25.22 -43.79
CA ASN D 11 -0.03 -25.78 -43.61
C ASN D 11 0.08 -27.27 -43.30
N CYS D 12 0.14 -27.67 -42.02
CA CYS D 12 0.38 -29.05 -41.58
C CYS D 12 -0.75 -29.61 -40.69
N TRP D 13 -1.85 -28.91 -40.44
CA TRP D 13 -2.93 -29.40 -39.57
C TRP D 13 -3.68 -30.62 -40.10
N GLU D 14 -4.02 -31.56 -39.23
CA GLU D 14 -4.86 -32.75 -39.44
C GLU D 14 -5.88 -32.93 -38.31
N PRO D 15 -7.07 -33.48 -38.58
CA PRO D 15 -7.98 -33.85 -37.48
C PRO D 15 -7.43 -35.04 -36.69
N LYS D 16 -7.70 -35.06 -35.38
CA LYS D 16 -7.41 -36.16 -34.47
C LYS D 16 -8.34 -37.35 -34.75
N PRO D 17 -7.97 -38.56 -34.32
CA PRO D 17 -8.78 -39.75 -34.61
C PRO D 17 -10.21 -39.61 -34.11
N GLY D 18 -11.20 -39.87 -34.98
CA GLY D 18 -12.61 -39.72 -34.81
C GLY D 18 -13.22 -38.34 -34.98
N PHE D 19 -12.47 -37.31 -35.34
CA PHE D 19 -12.92 -35.92 -35.51
C PHE D 19 -13.00 -35.51 -36.99
N PRO D 20 -13.89 -34.58 -37.38
CA PRO D 20 -14.03 -34.25 -38.81
C PRO D 20 -13.08 -33.18 -39.37
N GLU D 21 -12.84 -33.19 -40.68
CA GLU D 21 -12.07 -32.18 -41.40
C GLU D 21 -12.68 -30.77 -41.36
N LYS D 22 -13.99 -30.62 -41.45
CA LYS D 22 -14.78 -29.41 -41.32
C LYS D 22 -15.81 -29.51 -40.17
N ILE D 23 -15.95 -28.52 -39.29
CA ILE D 23 -16.94 -28.61 -38.20
C ILE D 23 -18.33 -28.12 -38.55
N ALA D 24 -18.52 -27.37 -39.64
CA ALA D 24 -19.89 -26.96 -39.96
C ALA D 24 -20.83 -28.15 -40.20
N GLY D 25 -22.01 -28.09 -39.58
CA GLY D 25 -22.99 -29.18 -39.67
C GLY D 25 -22.72 -30.30 -38.66
N SER D 26 -21.62 -30.26 -37.90
CA SER D 26 -21.31 -31.30 -36.93
C SER D 26 -21.77 -30.92 -35.53
N LYS D 27 -21.58 -31.80 -34.55
CA LYS D 27 -22.01 -31.41 -33.19
C LYS D 27 -21.05 -30.41 -32.54
N TYR D 28 -19.96 -30.08 -33.24
CA TYR D 28 -18.97 -29.09 -32.78
C TYR D 28 -19.18 -27.73 -33.49
N ASP D 29 -20.21 -27.60 -34.34
CA ASP D 29 -20.42 -26.35 -35.08
C ASP D 29 -20.62 -25.14 -34.16
N PRO D 30 -19.86 -24.04 -34.20
CA PRO D 30 -20.03 -22.91 -33.27
C PRO D 30 -21.25 -22.01 -33.56
N LYS D 31 -21.76 -22.03 -34.78
CA LYS D 31 -22.97 -21.25 -35.15
C LYS D 31 -22.84 -19.77 -34.75
N HIS D 32 -21.71 -19.14 -35.08
CA HIS D 32 -21.53 -17.73 -34.71
C HIS D 32 -22.48 -16.77 -35.41
N ASP D 33 -22.96 -15.73 -34.76
CA ASP D 33 -23.81 -14.65 -35.29
C ASP D 33 -22.98 -13.66 -36.09
N PRO D 34 -23.15 -13.48 -37.40
CA PRO D 34 -22.32 -12.52 -38.14
C PRO D 34 -22.41 -11.12 -37.57
N LYS D 35 -23.58 -10.76 -36.98
CA LYS D 35 -23.67 -9.37 -36.48
C LYS D 35 -22.77 -9.16 -35.27
N GLU D 36 -22.53 -10.21 -34.45
CA GLU D 36 -21.56 -10.12 -33.34
C GLU D 36 -20.12 -10.16 -33.86
N LEU D 37 -19.80 -11.00 -34.86
CA LEU D 37 -18.43 -11.04 -35.40
C LEU D 37 -17.95 -9.68 -35.89
N ASN D 38 -18.84 -8.86 -36.47
CA ASN D 38 -18.44 -7.60 -37.07
C ASN D 38 -18.34 -6.45 -36.07
N LYS D 39 -18.68 -6.56 -34.79
CA LYS D 39 -18.66 -5.39 -33.89
C LYS D 39 -17.27 -4.81 -33.63
N GLN D 40 -16.18 -5.57 -33.50
CA GLN D 40 -14.91 -4.93 -33.16
C GLN D 40 -14.33 -4.17 -34.35
N ALA D 41 -14.53 -4.54 -35.62
CA ALA D 41 -13.99 -3.75 -36.73
C ALA D 41 -14.79 -2.45 -36.91
N ASP D 42 -16.10 -2.45 -36.68
CA ASP D 42 -16.88 -1.20 -36.74
C ASP D 42 -16.46 -0.22 -35.64
N SER D 43 -16.14 -0.70 -34.42
CA SER D 43 -15.62 0.10 -33.30
C SER D 43 -14.28 0.73 -33.68
N ILE D 44 -13.36 0.02 -34.35
CA ILE D 44 -12.04 0.57 -34.75
C ILE D 44 -12.26 1.68 -35.78
N LYS D 45 -13.17 1.49 -36.76
CA LYS D 45 -13.43 2.55 -37.73
C LYS D 45 -13.90 3.83 -37.04
N GLN D 46 -14.75 3.70 -36.03
CA GLN D 46 -15.20 4.91 -35.33
C GLN D 46 -14.13 5.59 -34.47
N MET D 47 -13.25 4.87 -33.78
CA MET D 47 -12.13 5.45 -33.06
C MET D 47 -11.22 6.19 -34.05
N GLU D 48 -10.93 5.57 -35.22
CA GLU D 48 -10.03 6.20 -36.18
C GLU D 48 -10.62 7.52 -36.68
N GLU D 49 -11.93 7.63 -36.87
CA GLU D 49 -12.53 8.87 -37.33
C GLU D 49 -12.48 9.92 -36.22
N ARG D 50 -12.76 9.58 -34.98
CA ARG D 50 -12.65 10.56 -33.89
C ARG D 50 -11.20 11.02 -33.74
N ASN D 51 -10.20 10.13 -33.81
CA ASN D 51 -8.81 10.58 -33.74
C ASN D 51 -8.41 11.52 -34.86
N LYS D 52 -8.89 11.31 -36.09
CA LYS D 52 -8.53 12.25 -37.18
C LYS D 52 -9.02 13.67 -36.92
N LYS D 53 -10.23 13.77 -36.32
CA LYS D 53 -10.80 15.11 -36.04
C LYS D 53 -9.99 15.83 -34.96
N ARG D 54 -9.51 15.07 -33.95
CA ARG D 54 -8.62 15.64 -32.92
C ARG D 54 -7.31 16.09 -33.57
N VAL D 55 -6.63 15.22 -34.32
CA VAL D 55 -5.35 15.63 -34.89
C VAL D 55 -5.46 16.76 -35.90
N GLU D 56 -6.50 16.83 -36.73
CA GLU D 56 -6.51 17.97 -37.66
C GLU D 56 -6.78 19.28 -36.96
N ASN D 57 -7.59 19.33 -35.92
CA ASN D 57 -7.79 20.57 -35.15
C ASN D 57 -6.50 21.02 -34.46
N PHE D 58 -5.70 20.13 -33.87
CA PHE D 58 -4.39 20.48 -33.28
C PHE D 58 -3.48 21.16 -34.30
N LYS D 59 -3.37 20.58 -35.51
CA LYS D 59 -2.51 21.17 -36.54
C LYS D 59 -3.10 22.42 -37.17
N LYS D 60 -4.37 22.77 -37.03
CA LYS D 60 -4.76 24.06 -37.58
C LYS D 60 -4.53 25.17 -36.54
N THR D 61 -5.00 24.88 -35.33
CA THR D 61 -5.10 25.85 -34.26
C THR D 61 -3.87 25.86 -33.37
N GLY D 62 -3.09 24.79 -33.22
CA GLY D 62 -1.92 24.87 -32.37
C GLY D 62 -2.15 24.48 -30.92
N LYS D 63 -3.39 24.22 -30.54
CA LYS D 63 -3.93 23.87 -29.26
C LYS D 63 -4.71 22.55 -29.23
N PHE D 64 -4.26 21.54 -28.50
CA PHE D 64 -4.97 20.24 -28.50
C PHE D 64 -6.31 20.17 -27.78
N GLU D 65 -7.34 19.56 -28.37
CA GLU D 65 -8.64 19.28 -27.74
C GLU D 65 -9.05 17.82 -27.88
N TYR D 66 -9.22 17.05 -26.79
CA TYR D 66 -9.65 15.67 -26.83
C TYR D 66 -11.17 15.47 -27.05
N ASP D 67 -12.01 16.32 -26.45
CA ASP D 67 -13.46 16.21 -26.47
C ASP D 67 -14.07 16.63 -27.81
N VAL D 68 -14.46 15.62 -28.61
CA VAL D 68 -14.93 15.94 -29.97
C VAL D 68 -16.12 16.90 -29.95
N ALA D 69 -16.91 16.95 -28.88
CA ALA D 69 -18.07 17.85 -28.97
C ALA D 69 -17.69 19.31 -29.00
N LYS D 70 -16.42 19.63 -28.77
CA LYS D 70 -16.06 21.06 -28.59
C LYS D 70 -15.18 21.58 -29.71
N ILE D 71 -15.11 20.75 -30.74
CA ILE D 71 -14.31 21.05 -31.92
C ILE D 71 -15.25 21.54 -33.02
N SER D 72 -14.77 22.57 -33.68
CA SER D 72 -15.45 23.11 -34.87
C SER D 72 -14.98 22.36 -36.11
N ALA D 73 -16.49 21.02 -36.26
N1 PQQ E . -8.80 10.85 15.54
C2 PQQ E . -7.65 11.65 14.99
C2X PQQ E . -6.53 10.92 14.33
O2A PQQ E . -6.46 9.66 14.41
O2B PQQ E . -5.64 11.65 13.69
C3 PQQ E . -7.85 13.07 15.24
C3A PQQ E . -9.12 13.10 15.92
C1A PQQ E . -9.73 11.75 16.08
C4 PQQ E . -9.78 14.28 16.50
O4 PQQ E . -9.18 15.47 16.55
C5 PQQ E . -10.98 14.19 17.04
O5 PQQ E . -11.66 15.14 17.82
C6A PQQ E . -11.63 12.85 17.23
N6 PQQ E . -12.73 12.79 18.07
C7 PQQ E . -13.40 11.57 18.40
C7X PQQ E . -14.59 11.75 19.31
O7A PQQ E . -14.92 12.91 19.54
O7B PQQ E . -15.18 10.74 19.70
C8 PQQ E . -12.85 10.35 17.88
C9 PQQ E . -11.62 10.24 17.08
C9X PQQ E . -11.10 8.84 16.78
O9A PQQ E . -11.85 7.87 17.26
O9B PQQ E . -10.10 8.66 16.04
C9A PQQ E . -10.98 11.57 16.78
C1 GOL F . 19.86 -8.69 7.09
O1 GOL F . 20.24 -9.69 7.59
C2 GOL F . 20.30 -8.61 5.62
O2 GOL F . 19.45 -9.16 4.79
C3 GOL F . 21.69 -8.86 5.59
O3 GOL F . 22.27 -8.75 3.95
C1 GOL G . 21.73 -11.32 15.73
O1 GOL G . 22.21 -10.38 15.37
C2 GOL G . 20.25 -11.44 15.46
O2 GOL G . 19.55 -10.59 16.09
C3 GOL G . 20.01 -12.05 14.23
O3 GOL G . 18.24 -11.99 13.98
CA CA H . -13.77 14.80 18.51
N1 PQQ I . -0.62 -10.95 -17.89
C2 PQQ I . 0.10 -11.64 -16.84
C2X PQQ I . 0.94 -10.83 -15.78
O2A PQQ I . 0.99 -9.68 -15.79
O2B PQQ I . 1.35 -11.71 -14.82
C3 PQQ I . 0.14 -12.98 -17.20
C3A PQQ I . -0.61 -13.12 -18.45
C1A PQQ I . -1.11 -11.86 -18.83
C4 PQQ I . -0.83 -14.25 -19.28
O4 PQQ I . -0.30 -15.41 -18.99
C5 PQQ I . -1.78 -14.15 -20.42
O5 PQQ I . -1.95 -15.17 -21.35
C6A PQQ I . -2.36 -12.70 -20.74
N6 PQQ I . -2.88 -12.74 -21.95
C7 PQQ I . -3.33 -11.52 -22.56
C7X PQQ I . -3.98 -11.59 -23.96
O7A PQQ I . -4.11 -12.74 -24.34
O7B PQQ I . -4.26 -10.60 -24.58
C8 PQQ I . -3.07 -10.22 -21.89
C9 PQQ I . -2.40 -10.31 -20.57
C9X PQQ I . -2.11 -8.88 -20.09
O9A PQQ I . -2.52 -7.86 -20.82
O9B PQQ I . -1.52 -8.60 -18.89
C9A PQQ I . -1.91 -11.50 -19.97
C1 GOL J . 21.57 8.04 5.68
O1 GOL J . 21.27 8.04 6.82
C2 GOL J . 20.46 8.12 4.66
O2 GOL J . 19.45 8.86 4.97
C3 GOL J . 20.97 7.92 3.35
O3 GOL J . 21.52 9.49 2.77
CA CA K . -3.61 -14.79 -22.93
#